data_1S79
#
_entry.id   1S79
#
_entity_poly.entity_id   1
_entity_poly.type   'polypeptide(L)'
_entity_poly.pdbx_seq_one_letter_code
;GRWILKNDVKNRSVYIKGFPTDATLDDIKEWLEDKGQVLNIQMRRTLHKAFKGSIFVVFDSIESAKKFVETPGQKYKETD
LLILFKDDYFAKKNEERKQNKVE
;
_entity_poly.pdbx_strand_id   A
#
# COMPACT_ATOMS: atom_id res chain seq x y z
N GLY A 1 -4.27 -18.21 -1.89
CA GLY A 1 -4.53 -17.75 -3.29
C GLY A 1 -5.21 -18.87 -4.08
N ARG A 2 -6.10 -19.59 -3.45
CA ARG A 2 -6.80 -20.70 -4.17
C ARG A 2 -8.29 -20.36 -4.34
N TRP A 3 -8.76 -20.31 -5.56
CA TRP A 3 -10.20 -19.99 -5.79
C TRP A 3 -10.56 -18.67 -5.09
N ILE A 4 -10.60 -17.59 -5.82
CA ILE A 4 -10.94 -16.29 -5.20
C ILE A 4 -12.46 -16.19 -4.98
N LEU A 5 -12.88 -16.09 -3.74
CA LEU A 5 -14.34 -15.99 -3.47
C LEU A 5 -14.66 -14.66 -2.79
N LYS A 6 -15.87 -14.48 -2.34
CA LYS A 6 -16.24 -13.20 -1.67
C LYS A 6 -15.69 -12.01 -2.46
N ASN A 7 -15.34 -10.95 -1.78
CA ASN A 7 -14.78 -9.76 -2.49
C ASN A 7 -13.31 -9.98 -2.81
N ASP A 8 -12.91 -9.67 -4.01
CA ASP A 8 -11.47 -9.86 -4.40
C ASP A 8 -10.57 -9.04 -3.47
N VAL A 9 -9.81 -9.71 -2.63
CA VAL A 9 -8.92 -8.98 -1.70
C VAL A 9 -7.72 -8.40 -2.46
N LYS A 10 -7.40 -8.97 -3.59
CA LYS A 10 -6.24 -8.45 -4.38
C LYS A 10 -6.53 -7.04 -4.88
N ASN A 11 -7.66 -6.85 -5.50
CA ASN A 11 -8.01 -5.50 -6.02
C ASN A 11 -8.38 -4.57 -4.86
N ARG A 12 -8.34 -5.07 -3.65
CA ARG A 12 -8.68 -4.21 -2.47
C ARG A 12 -7.48 -4.09 -1.54
N SER A 13 -6.32 -4.46 -2.01
CA SER A 13 -5.11 -4.35 -1.14
C SER A 13 -4.16 -3.28 -1.67
N VAL A 14 -3.63 -2.46 -0.81
CA VAL A 14 -2.71 -1.38 -1.28
C VAL A 14 -1.51 -1.28 -0.33
N TYR A 15 -0.37 -0.90 -0.84
CA TYR A 15 0.84 -0.77 0.02
C TYR A 15 1.45 0.62 -0.12
N ILE A 16 1.88 1.21 0.97
CA ILE A 16 2.49 2.57 0.88
C ILE A 16 3.90 2.55 1.48
N LYS A 17 4.84 3.17 0.82
CA LYS A 17 6.23 3.20 1.36
C LYS A 17 6.75 4.64 1.44
N GLY A 18 7.40 4.98 2.53
CA GLY A 18 7.92 6.36 2.66
C GLY A 18 7.39 6.99 3.94
N PHE A 19 6.55 6.29 4.67
CA PHE A 19 6.00 6.86 5.93
C PHE A 19 7.13 7.33 6.85
N PRO A 20 6.76 8.08 7.84
CA PRO A 20 7.76 8.62 8.80
C PRO A 20 8.46 7.47 9.54
N THR A 21 9.52 7.77 10.24
CA THR A 21 10.25 6.71 10.99
C THR A 21 9.39 6.17 12.14
N ASP A 22 8.24 6.75 12.36
CA ASP A 22 7.36 6.27 13.46
C ASP A 22 5.92 6.20 12.96
N ALA A 23 5.74 5.80 11.73
CA ALA A 23 4.37 5.70 11.17
C ALA A 23 3.51 4.74 12.01
N THR A 24 3.15 5.15 13.20
CA THR A 24 2.32 4.26 14.05
C THR A 24 0.88 4.21 13.53
N LEU A 25 0.05 3.39 14.12
CA LEU A 25 -1.35 3.29 13.64
C LEU A 25 -2.01 4.68 13.66
N ASP A 26 -1.73 5.46 14.67
CA ASP A 26 -2.34 6.82 14.74
C ASP A 26 -1.75 7.72 13.66
N ASP A 27 -0.46 7.66 13.46
CA ASP A 27 0.18 8.51 12.42
C ASP A 27 -0.25 8.03 11.03
N ILE A 28 -0.18 6.76 10.78
CA ILE A 28 -0.58 6.23 9.45
C ILE A 28 -2.07 6.49 9.21
N LYS A 29 -2.89 6.30 10.20
CA LYS A 29 -4.35 6.54 10.03
C LYS A 29 -4.63 8.04 9.86
N GLU A 30 -3.75 8.87 10.36
CA GLU A 30 -3.97 10.35 10.23
C GLU A 30 -3.85 10.76 8.76
N TRP A 31 -2.89 10.25 8.07
CA TRP A 31 -2.72 10.61 6.63
C TRP A 31 -3.84 10.01 5.79
N LEU A 32 -4.27 8.82 6.12
CA LEU A 32 -5.37 8.18 5.34
C LEU A 32 -6.69 8.91 5.60
N GLU A 33 -6.99 9.22 6.84
CA GLU A 33 -8.26 9.93 7.14
C GLU A 33 -8.34 11.24 6.36
N ASP A 34 -7.21 11.83 6.06
CA ASP A 34 -7.22 13.10 5.28
C ASP A 34 -7.10 12.82 3.78
N LYS A 35 -7.29 11.58 3.39
CA LYS A 35 -7.19 11.24 1.94
C LYS A 35 -7.39 9.73 1.75
N GLY A 36 -8.56 9.32 1.34
CA GLY A 36 -8.82 7.88 1.12
C GLY A 36 -9.06 7.19 2.47
N GLN A 37 -10.16 6.50 2.60
CA GLN A 37 -10.45 5.81 3.90
C GLN A 37 -10.14 4.31 3.77
N VAL A 38 -9.41 3.78 4.71
CA VAL A 38 -9.07 2.32 4.65
C VAL A 38 -9.79 1.57 5.78
N LEU A 39 -10.37 0.43 5.46
CA LEU A 39 -11.08 -0.35 6.50
C LEU A 39 -10.11 -1.27 7.23
N ASN A 40 -8.99 -1.57 6.63
CA ASN A 40 -7.99 -2.45 7.29
C ASN A 40 -6.57 -2.03 6.89
N ILE A 41 -5.70 -1.87 7.85
CA ILE A 41 -4.31 -1.45 7.52
C ILE A 41 -3.30 -2.33 8.27
N GLN A 42 -2.34 -2.87 7.57
CA GLN A 42 -1.32 -3.73 8.25
C GLN A 42 0.01 -2.97 8.34
N MET A 43 0.54 -2.84 9.52
CA MET A 43 1.84 -2.11 9.68
C MET A 43 3.02 -3.03 9.41
N ARG A 44 3.84 -2.70 8.45
CA ARG A 44 5.03 -3.55 8.14
C ARG A 44 6.22 -3.10 8.98
N ARG A 45 6.70 -3.96 9.86
CA ARG A 45 7.86 -3.60 10.73
C ARG A 45 9.05 -4.52 10.44
N THR A 46 10.19 -4.19 10.99
CA THR A 46 11.40 -5.02 10.76
C THR A 46 12.22 -5.12 12.06
N LEU A 47 13.12 -6.07 12.14
CA LEU A 47 13.94 -6.23 13.37
C LEU A 47 14.42 -4.88 13.91
N HIS A 48 14.60 -4.77 15.19
CA HIS A 48 15.04 -3.49 15.81
C HIS A 48 16.31 -2.96 15.12
N LYS A 49 17.14 -3.85 14.66
CA LYS A 49 18.37 -3.40 13.94
C LYS A 49 18.04 -3.40 12.46
N ALA A 50 16.77 -3.41 12.17
CA ALA A 50 16.29 -3.45 10.78
C ALA A 50 15.51 -2.17 10.46
N PHE A 51 15.55 -1.71 9.23
CA PHE A 51 14.81 -0.47 8.87
C PHE A 51 13.65 -0.79 7.93
N LYS A 52 12.45 -0.51 8.34
CA LYS A 52 11.28 -0.78 7.44
C LYS A 52 10.48 0.50 7.19
N GLY A 53 9.38 0.68 7.87
CA GLY A 53 8.57 1.91 7.65
C GLY A 53 7.53 1.65 6.57
N SER A 54 7.12 0.42 6.40
CA SER A 54 6.11 0.12 5.34
C SER A 54 4.78 -0.27 5.99
N ILE A 55 3.68 0.04 5.36
CA ILE A 55 2.35 -0.30 5.93
C ILE A 55 1.36 -0.63 4.82
N PHE A 56 0.65 -1.72 4.94
CA PHE A 56 -0.34 -2.09 3.90
C PHE A 56 -1.72 -1.50 4.25
N VAL A 57 -2.40 -0.94 3.29
CA VAL A 57 -3.73 -0.34 3.59
C VAL A 57 -4.80 -0.94 2.67
N VAL A 58 -5.92 -1.33 3.23
CA VAL A 58 -7.01 -1.91 2.38
C VAL A 58 -8.23 -1.00 2.40
N PHE A 59 -8.59 -0.45 1.28
CA PHE A 59 -9.78 0.46 1.24
C PHE A 59 -11.07 -0.35 1.43
N ASP A 60 -12.12 0.30 1.84
CA ASP A 60 -13.42 -0.42 2.04
C ASP A 60 -14.06 -0.75 0.69
N SER A 61 -13.86 0.09 -0.29
CA SER A 61 -14.45 -0.17 -1.63
C SER A 61 -13.35 -0.52 -2.64
N ILE A 62 -13.54 -1.56 -3.41
CA ILE A 62 -12.50 -1.94 -4.40
C ILE A 62 -12.34 -0.83 -5.45
N GLU A 63 -13.42 -0.27 -5.91
CA GLU A 63 -13.33 0.82 -6.92
C GLU A 63 -12.56 2.02 -6.35
N SER A 64 -12.71 2.29 -5.09
CA SER A 64 -11.99 3.44 -4.47
C SER A 64 -10.49 3.11 -4.34
N ALA A 65 -10.16 1.86 -4.20
CA ALA A 65 -8.72 1.48 -4.06
C ALA A 65 -8.00 1.65 -5.40
N LYS A 66 -8.67 1.34 -6.48
CA LYS A 66 -8.02 1.47 -7.82
C LYS A 66 -7.88 2.95 -8.19
N LYS A 67 -8.85 3.75 -7.84
CA LYS A 67 -8.77 5.21 -8.18
C LYS A 67 -7.58 5.85 -7.46
N PHE A 68 -7.23 5.36 -6.31
CA PHE A 68 -6.08 5.94 -5.56
C PHE A 68 -4.77 5.59 -6.26
N VAL A 69 -4.66 4.39 -6.77
CA VAL A 69 -3.40 3.99 -7.47
C VAL A 69 -3.38 4.56 -8.88
N GLU A 70 -4.53 4.72 -9.49
CA GLU A 70 -4.58 5.28 -10.87
C GLU A 70 -4.34 6.79 -10.82
N THR A 71 -4.16 7.33 -9.65
CA THR A 71 -3.91 8.80 -9.53
C THR A 71 -2.44 9.11 -9.83
N PRO A 72 -2.23 10.24 -10.44
CA PRO A 72 -0.86 10.66 -10.80
C PRO A 72 0.07 10.52 -9.58
N GLY A 73 1.35 10.50 -9.81
CA GLY A 73 2.31 10.36 -8.68
C GLY A 73 1.84 11.21 -7.50
N GLN A 74 1.69 10.61 -6.35
CA GLN A 74 1.24 11.39 -5.16
C GLN A 74 2.29 11.27 -4.04
N LYS A 75 2.94 12.35 -3.72
CA LYS A 75 3.97 12.30 -2.65
C LYS A 75 3.60 13.25 -1.50
N TYR A 76 3.80 12.81 -0.29
CA TYR A 76 3.46 13.68 0.87
C TYR A 76 4.69 14.49 1.30
N LYS A 77 4.52 15.78 1.47
CA LYS A 77 5.66 16.65 1.88
C LYS A 77 6.33 16.10 3.14
N GLU A 78 7.12 16.90 3.80
CA GLU A 78 7.81 16.41 5.03
C GLU A 78 8.28 14.97 4.81
N THR A 79 7.52 14.01 5.24
CA THR A 79 7.92 12.59 5.02
C THR A 79 7.54 12.19 3.60
N ASP A 80 8.47 11.70 2.83
CA ASP A 80 8.13 11.31 1.43
C ASP A 80 7.12 10.17 1.44
N LEU A 81 5.89 10.45 1.09
CA LEU A 81 4.86 9.35 1.07
C LEU A 81 4.70 8.81 -0.35
N LEU A 82 4.87 7.53 -0.53
CA LEU A 82 4.72 6.95 -1.89
C LEU A 82 3.64 5.85 -1.87
N ILE A 83 2.69 5.92 -2.75
CA ILE A 83 1.61 4.89 -2.77
C ILE A 83 1.92 3.82 -3.81
N LEU A 84 1.99 2.58 -3.42
CA LEU A 84 2.28 1.49 -4.39
C LEU A 84 1.15 0.46 -4.37
N PHE A 85 0.83 -0.10 -5.52
CA PHE A 85 -0.26 -1.12 -5.56
C PHE A 85 0.30 -2.53 -5.35
N LYS A 86 -0.54 -3.48 -5.08
CA LYS A 86 -0.06 -4.87 -4.85
C LYS A 86 0.42 -5.49 -6.18
N ASP A 87 -0.34 -5.33 -7.22
CA ASP A 87 0.08 -5.91 -8.54
C ASP A 87 1.44 -5.35 -8.95
N ASP A 88 1.67 -4.09 -8.71
CA ASP A 88 2.99 -3.48 -9.09
C ASP A 88 4.08 -3.96 -8.14
N TYR A 89 3.81 -3.98 -6.86
CA TYR A 89 4.85 -4.45 -5.90
C TYR A 89 5.27 -5.86 -6.27
N PHE A 90 4.32 -6.73 -6.49
CA PHE A 90 4.66 -8.12 -6.89
C PHE A 90 5.41 -8.10 -8.22
N ALA A 91 5.09 -7.14 -9.06
CA ALA A 91 5.79 -7.06 -10.38
C ALA A 91 7.20 -6.51 -10.18
N LYS A 92 7.33 -5.43 -9.46
CA LYS A 92 8.68 -4.85 -9.22
C LYS A 92 9.46 -5.71 -8.23
N LYS A 93 8.77 -6.43 -7.38
CA LYS A 93 9.48 -7.27 -6.36
C LYS A 93 10.02 -8.55 -7.01
N ASN A 94 9.19 -9.29 -7.68
CA ASN A 94 9.66 -10.55 -8.32
C ASN A 94 10.64 -10.25 -9.45
N GLU A 95 10.29 -9.33 -10.30
CA GLU A 95 11.19 -8.99 -11.44
C GLU A 95 11.29 -10.16 -12.42
N GLU A 96 10.35 -10.29 -13.31
CA GLU A 96 10.38 -11.42 -14.28
C GLU A 96 9.45 -11.14 -15.45
N ARG A 97 9.97 -11.03 -16.64
CA ARG A 97 9.10 -10.75 -17.82
C ARG A 97 8.66 -12.06 -18.48
N LYS A 98 7.48 -12.10 -19.03
CA LYS A 98 7.00 -13.35 -19.68
C LYS A 98 6.61 -13.08 -21.13
N GLN A 99 5.74 -12.12 -21.35
CA GLN A 99 5.33 -11.80 -22.74
C GLN A 99 6.30 -10.80 -23.37
N ASN A 100 6.50 -10.89 -24.66
CA ASN A 100 7.43 -9.93 -25.33
C ASN A 100 7.02 -8.48 -25.04
N LYS A 101 7.78 -7.54 -25.50
CA LYS A 101 7.43 -6.11 -25.25
C LYS A 101 8.46 -5.19 -25.90
N VAL A 102 8.65 -4.02 -25.35
CA VAL A 102 9.65 -3.08 -25.93
C VAL A 102 11.07 -3.58 -25.67
N GLU A 103 11.28 -4.26 -24.57
CA GLU A 103 12.65 -4.78 -24.26
C GLU A 103 12.86 -6.14 -24.93
N GLY A 1 -16.78 -14.29 8.79
CA GLY A 1 -15.57 -14.82 8.10
C GLY A 1 -15.76 -16.33 7.84
N ARG A 2 -14.87 -17.13 8.34
CA ARG A 2 -15.00 -18.61 8.14
C ARG A 2 -15.02 -18.92 6.63
N TRP A 3 -13.97 -19.49 6.12
CA TRP A 3 -13.93 -19.82 4.67
C TRP A 3 -14.49 -18.66 3.84
N ILE A 4 -13.79 -17.55 3.80
CA ILE A 4 -14.30 -16.39 3.01
C ILE A 4 -13.84 -16.51 1.55
N LEU A 5 -14.77 -16.52 0.64
CA LEU A 5 -14.39 -16.62 -0.80
C LEU A 5 -15.27 -15.70 -1.65
N LYS A 6 -15.17 -14.42 -1.45
CA LYS A 6 -16.01 -13.47 -2.24
C LYS A 6 -15.22 -12.17 -2.51
N ASN A 7 -15.13 -11.33 -1.52
CA ASN A 7 -14.39 -10.05 -1.71
C ASN A 7 -12.90 -10.33 -1.97
N ASP A 8 -12.37 -9.80 -3.04
CA ASP A 8 -10.92 -10.04 -3.35
C ASP A 8 -10.05 -9.07 -2.54
N VAL A 9 -9.19 -9.58 -1.70
CA VAL A 9 -8.32 -8.70 -0.89
C VAL A 9 -7.23 -8.08 -1.78
N LYS A 10 -6.94 -8.70 -2.90
CA LYS A 10 -5.90 -8.15 -3.81
C LYS A 10 -6.35 -6.79 -4.36
N ASN A 11 -7.60 -6.65 -4.66
CA ASN A 11 -8.11 -5.36 -5.20
C ASN A 11 -8.42 -4.41 -4.04
N ARG A 12 -8.67 -4.94 -2.88
CA ARG A 12 -8.98 -4.06 -1.72
C ARG A 12 -7.71 -3.85 -0.88
N SER A 13 -6.64 -4.52 -1.21
CA SER A 13 -5.38 -4.35 -0.43
C SER A 13 -4.39 -3.49 -1.22
N VAL A 14 -3.76 -2.56 -0.56
CA VAL A 14 -2.78 -1.68 -1.27
C VAL A 14 -1.47 -1.59 -0.49
N TYR A 15 -0.38 -1.31 -1.14
CA TYR A 15 0.92 -1.21 -0.44
C TYR A 15 1.47 0.23 -0.55
N ILE A 16 1.87 0.81 0.54
CA ILE A 16 2.42 2.20 0.49
C ILE A 16 3.78 2.26 1.18
N LYS A 17 4.73 2.93 0.58
CA LYS A 17 6.07 3.03 1.20
C LYS A 17 6.49 4.50 1.33
N GLY A 18 7.32 4.81 2.28
CA GLY A 18 7.76 6.23 2.43
C GLY A 18 7.09 6.84 3.68
N PHE A 19 6.54 6.01 4.52
CA PHE A 19 5.86 6.53 5.75
C PHE A 19 6.91 7.06 6.73
N PRO A 20 6.45 7.88 7.64
CA PRO A 20 7.36 8.47 8.66
C PRO A 20 8.07 7.36 9.44
N THR A 21 9.11 7.71 10.16
CA THR A 21 9.84 6.68 10.94
C THR A 21 8.97 6.16 12.09
N ASP A 22 7.82 6.75 12.28
CA ASP A 22 6.92 6.30 13.38
C ASP A 22 5.49 6.28 12.87
N ALA A 23 5.29 5.90 11.63
CA ALA A 23 3.90 5.86 11.07
C ALA A 23 3.05 4.86 11.86
N THR A 24 2.74 5.18 13.09
CA THR A 24 1.91 4.26 13.91
C THR A 24 0.45 4.31 13.45
N LEU A 25 -0.40 3.53 14.04
CA LEU A 25 -1.83 3.54 13.62
C LEU A 25 -2.40 4.96 13.72
N ASP A 26 -2.06 5.67 14.75
CA ASP A 26 -2.58 7.06 14.88
C ASP A 26 -1.96 7.96 13.82
N ASP A 27 -0.68 7.82 13.58
CA ASP A 27 -0.01 8.67 12.56
C ASP A 27 -0.54 8.31 11.16
N ILE A 28 -0.69 7.04 10.89
CA ILE A 28 -1.20 6.63 9.55
C ILE A 28 -2.66 7.06 9.38
N LYS A 29 -3.47 6.85 10.39
CA LYS A 29 -4.90 7.25 10.29
C LYS A 29 -5.01 8.76 10.00
N GLU A 30 -4.02 9.50 10.38
CA GLU A 30 -4.06 10.98 10.12
C GLU A 30 -3.91 11.25 8.63
N TRP A 31 -2.95 10.64 8.01
CA TRP A 31 -2.75 10.85 6.54
C TRP A 31 -3.88 10.18 5.75
N LEU A 32 -4.28 9.01 6.15
CA LEU A 32 -5.38 8.31 5.42
C LEU A 32 -6.72 9.02 5.64
N GLU A 33 -7.02 9.35 6.87
CA GLU A 33 -8.31 10.04 7.16
C GLU A 33 -8.42 11.31 6.31
N ASP A 34 -7.30 11.89 5.95
CA ASP A 34 -7.34 13.13 5.13
C ASP A 34 -7.39 12.78 3.64
N LYS A 35 -7.68 11.53 3.32
CA LYS A 35 -7.74 11.14 1.89
C LYS A 35 -8.09 9.64 1.78
N GLY A 36 -9.31 9.34 1.48
CA GLY A 36 -9.72 7.91 1.35
C GLY A 36 -9.96 7.31 2.73
N GLN A 37 -10.72 6.26 2.80
CA GLN A 37 -10.99 5.61 4.13
C GLN A 37 -10.41 4.19 4.14
N VAL A 38 -9.75 3.83 5.21
CA VAL A 38 -9.16 2.46 5.27
C VAL A 38 -9.89 1.61 6.31
N LEU A 39 -10.19 0.38 5.99
CA LEU A 39 -10.92 -0.50 6.95
C LEU A 39 -9.92 -1.42 7.65
N ASN A 40 -8.81 -1.71 7.02
CA ASN A 40 -7.79 -2.60 7.64
C ASN A 40 -6.39 -2.18 7.21
N ILE A 41 -5.49 -2.02 8.13
CA ILE A 41 -4.10 -1.60 7.76
C ILE A 41 -3.05 -2.46 8.46
N GLN A 42 -2.09 -2.95 7.73
CA GLN A 42 -1.03 -3.79 8.35
C GLN A 42 0.30 -3.04 8.34
N MET A 43 0.80 -2.69 9.49
CA MET A 43 2.08 -1.94 9.55
C MET A 43 3.27 -2.89 9.36
N ARG A 44 4.19 -2.54 8.51
CA ARG A 44 5.38 -3.42 8.28
C ARG A 44 6.58 -2.90 9.07
N ARG A 45 7.05 -3.65 10.02
CA ARG A 45 8.22 -3.20 10.83
C ARG A 45 9.44 -4.10 10.57
N THR A 46 10.58 -3.71 11.06
CA THR A 46 11.80 -4.51 10.83
C THR A 46 12.62 -4.65 12.12
N LEU A 47 13.51 -5.59 12.17
CA LEU A 47 14.33 -5.78 13.41
C LEU A 47 14.82 -4.43 13.95
N HIS A 48 15.01 -4.35 15.25
CA HIS A 48 15.47 -3.07 15.86
C HIS A 48 16.72 -2.56 15.16
N LYS A 49 17.54 -3.44 14.68
CA LYS A 49 18.77 -3.02 13.95
C LYS A 49 18.44 -3.06 12.47
N ALA A 50 17.17 -3.06 12.17
CA ALA A 50 16.70 -3.12 10.77
C ALA A 50 15.95 -1.83 10.41
N PHE A 51 15.79 -1.56 9.14
CA PHE A 51 15.06 -0.31 8.75
C PHE A 51 13.68 -0.63 8.19
N LYS A 52 12.64 -0.24 8.89
CA LYS A 52 11.26 -0.51 8.40
C LYS A 52 10.70 0.71 7.66
N GLY A 53 9.45 1.02 7.87
CA GLY A 53 8.87 2.20 7.18
C GLY A 53 7.88 1.73 6.12
N SER A 54 7.39 0.52 6.24
CA SER A 54 6.43 0.01 5.23
C SER A 54 5.09 -0.30 5.89
N ILE A 55 4.00 -0.09 5.21
CA ILE A 55 2.67 -0.38 5.82
C ILE A 55 1.68 -0.83 4.74
N PHE A 56 0.62 -1.49 5.15
CA PHE A 56 -0.39 -1.96 4.16
C PHE A 56 -1.77 -1.45 4.56
N VAL A 57 -2.54 -0.95 3.62
CA VAL A 57 -3.89 -0.44 3.96
C VAL A 57 -4.94 -1.04 3.04
N VAL A 58 -6.09 -1.38 3.56
CA VAL A 58 -7.16 -1.98 2.71
C VAL A 58 -8.34 -1.01 2.62
N PHE A 59 -8.63 -0.52 1.44
CA PHE A 59 -9.77 0.43 1.29
C PHE A 59 -11.10 -0.30 1.50
N ASP A 60 -12.08 0.37 2.05
CA ASP A 60 -13.39 -0.29 2.28
C ASP A 60 -14.05 -0.64 0.95
N SER A 61 -13.87 0.19 -0.05
CA SER A 61 -14.48 -0.11 -1.37
C SER A 61 -13.40 -0.45 -2.40
N ILE A 62 -13.60 -1.48 -3.17
CA ILE A 62 -12.58 -1.87 -4.19
C ILE A 62 -12.44 -0.77 -5.24
N GLU A 63 -13.53 -0.22 -5.69
CA GLU A 63 -13.46 0.85 -6.72
C GLU A 63 -12.63 2.03 -6.20
N SER A 64 -12.74 2.34 -4.94
CA SER A 64 -11.96 3.48 -4.37
C SER A 64 -10.48 3.10 -4.26
N ALA A 65 -10.20 1.84 -4.10
CA ALA A 65 -8.78 1.40 -3.97
C ALA A 65 -8.08 1.51 -5.33
N LYS A 66 -8.74 1.15 -6.39
CA LYS A 66 -8.10 1.23 -7.74
C LYS A 66 -7.99 2.69 -8.18
N LYS A 67 -9.02 3.46 -7.97
CA LYS A 67 -8.97 4.89 -8.38
C LYS A 67 -7.86 5.62 -7.61
N PHE A 68 -7.57 5.20 -6.42
CA PHE A 68 -6.52 5.86 -5.62
C PHE A 68 -5.14 5.53 -6.21
N VAL A 69 -4.95 4.33 -6.65
CA VAL A 69 -3.63 3.94 -7.23
C VAL A 69 -3.49 4.50 -8.65
N GLU A 70 -4.58 4.65 -9.35
CA GLU A 70 -4.51 5.19 -10.74
C GLU A 70 -4.25 6.70 -10.71
N THR A 71 -4.08 7.26 -9.54
CA THR A 71 -3.82 8.72 -9.46
C THR A 71 -2.34 9.01 -9.74
N PRO A 72 -2.09 10.11 -10.39
CA PRO A 72 -0.71 10.49 -10.73
C PRO A 72 0.23 10.27 -9.53
N GLY A 73 1.50 10.50 -9.72
CA GLY A 73 2.46 10.31 -8.59
C GLY A 73 2.01 11.15 -7.39
N GLN A 74 1.88 10.54 -6.24
CA GLN A 74 1.46 11.30 -5.03
C GLN A 74 2.51 11.18 -3.94
N LYS A 75 3.18 12.26 -3.63
CA LYS A 75 4.22 12.20 -2.57
C LYS A 75 3.85 13.11 -1.40
N TYR A 76 4.07 12.67 -0.20
CA TYR A 76 3.73 13.52 1.00
C TYR A 76 4.96 14.28 1.46
N LYS A 77 4.82 15.56 1.68
CA LYS A 77 5.98 16.39 2.13
C LYS A 77 6.63 15.79 3.37
N GLU A 78 7.39 16.57 4.10
CA GLU A 78 8.07 16.02 5.32
C GLU A 78 8.60 14.62 5.03
N THR A 79 7.87 13.60 5.39
CA THR A 79 8.33 12.23 5.09
C THR A 79 7.90 11.87 3.67
N ASP A 80 8.82 11.43 2.84
CA ASP A 80 8.45 11.08 1.44
C ASP A 80 7.42 9.95 1.44
N LEU A 81 6.20 10.24 1.11
CA LEU A 81 5.16 9.16 1.08
C LEU A 81 4.96 8.65 -0.34
N LEU A 82 5.10 7.37 -0.56
CA LEU A 82 4.93 6.83 -1.93
C LEU A 82 3.82 5.75 -1.91
N ILE A 83 2.88 5.84 -2.82
CA ILE A 83 1.79 4.82 -2.85
C ILE A 83 2.01 3.84 -4.00
N LEU A 84 2.13 2.58 -3.71
CA LEU A 84 2.33 1.57 -4.79
C LEU A 84 1.21 0.52 -4.75
N PHE A 85 0.87 -0.05 -5.87
CA PHE A 85 -0.21 -1.07 -5.90
C PHE A 85 0.39 -2.48 -5.85
N LYS A 86 -0.44 -3.49 -5.88
CA LYS A 86 0.07 -4.89 -5.83
C LYS A 86 0.65 -5.28 -7.19
N ASP A 87 0.02 -4.90 -8.26
CA ASP A 87 0.54 -5.27 -9.61
C ASP A 87 1.96 -4.74 -9.79
N ASP A 88 2.22 -3.54 -9.36
CA ASP A 88 3.59 -2.98 -9.52
C ASP A 88 4.55 -3.63 -8.51
N TYR A 89 4.14 -3.72 -7.27
CA TYR A 89 5.04 -4.36 -6.26
C TYR A 89 5.38 -5.78 -6.72
N PHE A 90 4.37 -6.54 -7.08
CA PHE A 90 4.63 -7.92 -7.54
C PHE A 90 5.52 -7.88 -8.78
N ALA A 91 5.39 -6.85 -9.58
CA ALA A 91 6.24 -6.74 -10.80
C ALA A 91 7.71 -6.59 -10.42
N LYS A 92 8.01 -5.71 -9.51
CA LYS A 92 9.42 -5.51 -9.09
C LYS A 92 9.88 -6.69 -8.22
N LYS A 93 9.14 -7.02 -7.19
CA LYS A 93 9.54 -8.15 -6.32
C LYS A 93 9.59 -9.45 -7.11
N ASN A 94 8.78 -9.57 -8.12
CA ASN A 94 8.79 -10.82 -8.94
C ASN A 94 10.21 -11.14 -9.40
N GLU A 95 11.03 -10.14 -9.55
CA GLU A 95 12.44 -10.38 -10.00
C GLU A 95 12.45 -11.18 -11.31
N GLU A 96 12.80 -10.53 -12.39
CA GLU A 96 12.84 -11.24 -13.70
C GLU A 96 14.18 -11.97 -13.87
N ARG A 97 15.27 -11.31 -13.61
CA ARG A 97 16.60 -11.96 -13.76
C ARG A 97 17.47 -11.67 -12.54
N LYS A 98 18.46 -12.48 -12.30
CA LYS A 98 19.35 -12.24 -11.12
C LYS A 98 19.79 -10.77 -11.08
N GLN A 99 19.77 -10.11 -12.19
CA GLN A 99 20.18 -8.68 -12.22
C GLN A 99 19.14 -7.80 -11.51
N ASN A 100 19.57 -6.85 -10.74
CA ASN A 100 18.60 -5.97 -10.02
C ASN A 100 18.92 -4.49 -10.28
N LYS A 101 19.76 -3.91 -9.47
CA LYS A 101 20.11 -2.47 -9.67
C LYS A 101 18.84 -1.64 -9.84
N VAL A 102 18.94 -0.54 -10.54
CA VAL A 102 17.74 0.32 -10.75
C VAL A 102 16.81 -0.31 -11.79
N GLU A 103 15.53 -0.08 -11.67
CA GLU A 103 14.57 -0.68 -12.64
C GLU A 103 13.28 0.14 -12.68
N GLY A 1 -19.07 -16.45 -18.03
CA GLY A 1 -18.66 -16.81 -16.64
C GLY A 1 -17.35 -16.09 -16.30
N ARG A 2 -17.27 -15.53 -15.13
CA ARG A 2 -16.02 -14.81 -14.74
C ARG A 2 -15.65 -15.16 -13.29
N TRP A 3 -14.76 -14.40 -12.70
CA TRP A 3 -14.36 -14.68 -11.30
C TRP A 3 -15.49 -14.27 -10.33
N ILE A 4 -16.67 -14.78 -10.54
CA ILE A 4 -17.80 -14.42 -9.63
C ILE A 4 -17.90 -15.44 -8.49
N LEU A 5 -17.69 -15.00 -7.28
CA LEU A 5 -17.78 -15.94 -6.12
C LEU A 5 -17.67 -15.17 -4.81
N LYS A 6 -16.51 -14.63 -4.52
CA LYS A 6 -16.33 -13.86 -3.26
C LYS A 6 -15.24 -12.81 -3.43
N ASN A 7 -15.34 -11.71 -2.72
CA ASN A 7 -14.31 -10.65 -2.84
C ASN A 7 -12.99 -11.11 -2.20
N ASP A 8 -11.88 -10.85 -2.86
CA ASP A 8 -10.57 -11.27 -2.29
C ASP A 8 -9.87 -10.07 -1.64
N VAL A 9 -9.10 -10.31 -0.61
CA VAL A 9 -8.39 -9.19 0.05
C VAL A 9 -7.33 -8.59 -0.88
N LYS A 10 -6.88 -9.35 -1.84
CA LYS A 10 -5.85 -8.82 -2.79
C LYS A 10 -6.43 -7.66 -3.60
N ASN A 11 -7.55 -7.89 -4.23
CA ASN A 11 -8.18 -6.82 -5.05
C ASN A 11 -8.57 -5.64 -4.16
N ARG A 12 -8.50 -5.80 -2.86
CA ARG A 12 -8.87 -4.70 -1.94
C ARG A 12 -7.71 -4.40 -0.98
N SER A 13 -6.50 -4.48 -1.44
CA SER A 13 -5.33 -4.21 -0.55
C SER A 13 -4.31 -3.33 -1.28
N VAL A 14 -3.80 -2.32 -0.62
CA VAL A 14 -2.79 -1.43 -1.27
C VAL A 14 -1.53 -1.37 -0.40
N TYR A 15 -0.40 -1.08 -1.00
CA TYR A 15 0.86 -1.01 -0.20
C TYR A 15 1.46 0.40 -0.29
N ILE A 16 1.94 0.92 0.81
CA ILE A 16 2.55 2.28 0.80
C ILE A 16 3.93 2.24 1.45
N LYS A 17 4.87 2.98 0.92
CA LYS A 17 6.24 2.97 1.52
C LYS A 17 6.63 4.37 1.98
N GLY A 18 6.89 4.54 3.25
CA GLY A 18 7.28 5.88 3.76
C GLY A 18 6.49 6.19 5.03
N PHE A 19 5.27 6.63 4.88
CA PHE A 19 4.43 6.95 6.08
C PHE A 19 5.20 7.86 7.04
N PRO A 20 4.50 8.37 8.01
CA PRO A 20 5.13 9.28 9.01
C PRO A 20 6.26 8.55 9.74
N THR A 21 7.27 9.27 10.14
CA THR A 21 8.42 8.64 10.86
C THR A 21 7.92 7.51 11.76
N ASP A 22 7.09 7.83 12.72
CA ASP A 22 6.58 6.77 13.63
C ASP A 22 5.73 5.76 12.86
N ALA A 23 5.15 6.18 11.76
CA ALA A 23 4.31 5.26 10.96
C ALA A 23 3.45 4.38 11.87
N THR A 24 2.74 4.97 12.79
CA THR A 24 1.89 4.17 13.72
C THR A 24 0.48 4.05 13.14
N LEU A 25 -0.31 3.16 13.66
CA LEU A 25 -1.70 3.00 13.15
C LEU A 25 -2.45 4.33 13.23
N ASP A 26 -2.27 5.06 14.28
CA ASP A 26 -2.96 6.37 14.42
C ASP A 26 -2.38 7.39 13.43
N ASP A 27 -1.09 7.39 13.25
CA ASP A 27 -0.47 8.35 12.30
C ASP A 27 -0.87 8.00 10.86
N ILE A 28 -0.76 6.75 10.50
CA ILE A 28 -1.12 6.34 9.12
C ILE A 28 -2.58 6.66 8.84
N LYS A 29 -3.44 6.50 9.82
CA LYS A 29 -4.89 6.81 9.60
C LYS A 29 -5.09 8.32 9.45
N GLU A 30 -4.20 9.11 9.98
CA GLU A 30 -4.35 10.59 9.86
C GLU A 30 -4.15 11.04 8.41
N TRP A 31 -3.22 10.45 7.73
CA TRP A 31 -2.96 10.85 6.31
C TRP A 31 -4.07 10.29 5.42
N LEU A 32 -4.45 9.06 5.62
CA LEU A 32 -5.53 8.46 4.78
C LEU A 32 -6.88 9.10 5.11
N GLU A 33 -7.20 9.22 6.37
CA GLU A 33 -8.50 9.82 6.77
C GLU A 33 -8.62 11.24 6.21
N ASP A 34 -7.52 11.89 5.94
CA ASP A 34 -7.58 13.27 5.40
C ASP A 34 -7.98 13.25 3.92
N LYS A 35 -8.20 12.09 3.37
CA LYS A 35 -8.59 12.01 1.93
C LYS A 35 -8.89 10.57 1.53
N GLY A 36 -9.24 9.74 2.46
CA GLY A 36 -9.53 8.32 2.12
C GLY A 36 -9.76 7.52 3.41
N GLN A 37 -10.52 6.46 3.33
CA GLN A 37 -10.78 5.64 4.55
C GLN A 37 -10.19 4.23 4.39
N VAL A 38 -9.51 3.75 5.38
CA VAL A 38 -8.91 2.39 5.28
C VAL A 38 -9.63 1.42 6.23
N LEU A 39 -9.92 0.24 5.77
CA LEU A 39 -10.63 -0.74 6.65
C LEU A 39 -9.61 -1.51 7.50
N ASN A 40 -8.39 -1.59 7.06
CA ASN A 40 -7.36 -2.33 7.85
C ASN A 40 -5.96 -2.05 7.28
N ILE A 41 -4.99 -1.86 8.14
CA ILE A 41 -3.61 -1.59 7.65
C ILE A 41 -2.59 -2.46 8.40
N GLN A 42 -1.70 -3.10 7.68
CA GLN A 42 -0.69 -3.96 8.35
C GLN A 42 0.69 -3.28 8.30
N MET A 43 1.35 -3.18 9.42
CA MET A 43 2.70 -2.54 9.44
C MET A 43 3.78 -3.57 9.10
N ARG A 44 4.71 -3.21 8.25
CA ARG A 44 5.80 -4.16 7.88
C ARG A 44 7.07 -3.84 8.68
N ARG A 45 7.49 -4.75 9.52
CA ARG A 45 8.72 -4.51 10.34
C ARG A 45 9.91 -5.26 9.76
N THR A 46 11.08 -5.00 10.27
CA THR A 46 12.30 -5.68 9.76
C THR A 46 13.20 -6.14 10.92
N LEU A 47 14.10 -7.04 10.65
CA LEU A 47 15.00 -7.53 11.74
C LEU A 47 15.52 -6.36 12.59
N HIS A 48 15.78 -6.62 13.85
CA HIS A 48 16.26 -5.53 14.75
C HIS A 48 17.47 -4.81 14.15
N LYS A 49 18.27 -5.50 13.40
CA LYS A 49 19.45 -4.86 12.76
C LYS A 49 19.10 -4.61 11.30
N ALA A 50 17.83 -4.56 11.04
CA ALA A 50 17.33 -4.35 9.66
C ALA A 50 16.56 -3.03 9.56
N PHE A 51 16.36 -2.52 8.37
CA PHE A 51 15.61 -1.24 8.23
C PHE A 51 14.21 -1.49 7.65
N LYS A 52 13.19 -1.38 8.47
CA LYS A 52 11.81 -1.61 7.96
C LYS A 52 11.25 -0.33 7.36
N GLY A 53 10.13 0.14 7.86
CA GLY A 53 9.54 1.40 7.30
C GLY A 53 8.53 1.06 6.22
N SER A 54 7.97 -0.11 6.27
CA SER A 54 6.96 -0.49 5.23
C SER A 54 5.60 -0.76 5.88
N ILE A 55 4.53 -0.46 5.19
CA ILE A 55 3.18 -0.70 5.78
C ILE A 55 2.18 -1.06 4.68
N PHE A 56 1.07 -1.64 5.05
CA PHE A 56 0.06 -2.02 4.03
C PHE A 56 -1.31 -1.45 4.42
N VAL A 57 -2.00 -0.83 3.50
CA VAL A 57 -3.34 -0.27 3.84
C VAL A 57 -4.42 -0.87 2.93
N VAL A 58 -5.53 -1.26 3.49
CA VAL A 58 -6.61 -1.86 2.67
C VAL A 58 -7.82 -0.91 2.63
N PHE A 59 -8.14 -0.42 1.46
CA PHE A 59 -9.30 0.51 1.34
C PHE A 59 -10.61 -0.24 1.59
N ASP A 60 -11.56 0.41 2.20
CA ASP A 60 -12.87 -0.27 2.48
C ASP A 60 -13.53 -0.68 1.17
N SER A 61 -13.42 0.12 0.16
CA SER A 61 -14.05 -0.22 -1.16
C SER A 61 -12.97 -0.56 -2.19
N ILE A 62 -13.14 -1.63 -2.92
CA ILE A 62 -12.13 -2.00 -3.94
C ILE A 62 -12.06 -0.93 -5.04
N GLU A 63 -13.20 -0.44 -5.46
CA GLU A 63 -13.20 0.61 -6.52
C GLU A 63 -12.50 1.87 -6.02
N SER A 64 -12.65 2.17 -4.76
CA SER A 64 -12.00 3.39 -4.20
C SER A 64 -10.47 3.29 -4.35
N ALA A 65 -9.95 2.10 -4.36
CA ALA A 65 -8.47 1.93 -4.50
C ALA A 65 -8.05 2.27 -5.94
N LYS A 66 -8.82 1.86 -6.91
CA LYS A 66 -8.45 2.16 -8.32
C LYS A 66 -8.28 3.66 -8.52
N LYS A 67 -9.21 4.44 -8.05
CA LYS A 67 -9.10 5.92 -8.20
C LYS A 67 -7.83 6.43 -7.51
N PHE A 68 -7.47 5.83 -6.41
CA PHE A 68 -6.25 6.27 -5.69
C PHE A 68 -5.00 5.98 -6.52
N VAL A 69 -4.97 4.86 -7.18
CA VAL A 69 -3.78 4.51 -8.02
C VAL A 69 -3.84 5.27 -9.35
N GLU A 70 -5.03 5.55 -9.84
CA GLU A 70 -5.15 6.26 -11.13
C GLU A 70 -4.82 7.75 -10.94
N THR A 71 -4.55 8.16 -9.73
CA THR A 71 -4.23 9.58 -9.47
C THR A 71 -2.74 9.84 -9.76
N PRO A 72 -2.47 11.00 -10.28
CA PRO A 72 -1.08 11.37 -10.62
C PRO A 72 -0.15 11.08 -9.44
N GLY A 73 1.12 10.95 -9.69
CA GLY A 73 2.08 10.66 -8.58
C GLY A 73 1.69 11.46 -7.34
N GLN A 74 1.58 10.81 -6.22
CA GLN A 74 1.21 11.54 -4.98
C GLN A 74 2.31 11.40 -3.93
N LYS A 75 2.98 12.46 -3.60
CA LYS A 75 4.07 12.38 -2.59
C LYS A 75 3.73 13.26 -1.39
N TYR A 76 3.99 12.78 -0.20
CA TYR A 76 3.67 13.59 1.01
C TYR A 76 4.94 14.27 1.53
N LYS A 77 4.85 15.55 1.81
CA LYS A 77 6.04 16.31 2.32
C LYS A 77 6.66 15.60 3.53
N GLU A 78 7.43 16.31 4.31
CA GLU A 78 8.07 15.67 5.50
C GLU A 78 8.63 14.30 5.09
N THR A 79 7.88 13.26 5.29
CA THR A 79 8.36 11.92 4.89
C THR A 79 7.89 11.61 3.47
N ASP A 80 8.78 11.24 2.60
CA ASP A 80 8.36 10.94 1.20
C ASP A 80 7.29 9.85 1.19
N LEU A 81 6.07 10.21 0.93
CA LEU A 81 4.99 9.18 0.89
C LEU A 81 4.69 8.76 -0.54
N LEU A 82 4.91 7.51 -0.86
CA LEU A 82 4.63 7.03 -2.24
C LEU A 82 3.62 5.88 -2.21
N ILE A 83 2.57 5.97 -2.98
CA ILE A 83 1.55 4.89 -2.98
C ILE A 83 1.83 3.89 -4.11
N LEU A 84 1.93 2.62 -3.80
CA LEU A 84 2.20 1.61 -4.86
C LEU A 84 1.08 0.56 -4.89
N PHE A 85 0.76 0.06 -6.03
CA PHE A 85 -0.33 -0.97 -6.14
C PHE A 85 0.21 -2.34 -5.70
N LYS A 86 -0.63 -3.17 -5.14
CA LYS A 86 -0.16 -4.51 -4.70
C LYS A 86 0.36 -5.31 -5.90
N ASP A 87 -0.35 -5.26 -7.01
CA ASP A 87 0.10 -6.01 -8.21
C ASP A 87 1.44 -5.47 -8.69
N ASP A 88 1.69 -4.20 -8.51
CA ASP A 88 2.99 -3.62 -8.96
C ASP A 88 4.12 -4.06 -8.02
N TYR A 89 3.88 -4.00 -6.73
CA TYR A 89 4.94 -4.42 -5.77
C TYR A 89 5.35 -5.87 -6.08
N PHE A 90 4.39 -6.73 -6.22
CA PHE A 90 4.70 -8.15 -6.53
C PHE A 90 5.48 -8.22 -7.84
N ALA A 91 5.21 -7.30 -8.74
CA ALA A 91 5.94 -7.31 -10.04
C ALA A 91 7.42 -7.03 -9.80
N LYS A 92 7.73 -6.02 -9.05
CA LYS A 92 9.16 -5.70 -8.78
C LYS A 92 9.76 -6.74 -7.82
N LYS A 93 9.10 -6.98 -6.72
CA LYS A 93 9.62 -7.98 -5.73
C LYS A 93 9.85 -9.33 -6.42
N ASN A 94 8.94 -9.73 -7.26
CA ASN A 94 9.11 -11.04 -7.96
C ASN A 94 10.49 -11.12 -8.62
N GLU A 95 11.04 -10.00 -9.00
CA GLU A 95 12.38 -10.01 -9.64
C GLU A 95 13.31 -9.01 -8.95
N GLU A 96 14.52 -8.88 -9.42
CA GLU A 96 15.47 -7.92 -8.78
C GLU A 96 15.41 -6.57 -9.49
N ARG A 97 16.38 -5.73 -9.27
CA ARG A 97 16.36 -4.38 -9.93
C ARG A 97 17.69 -4.14 -10.64
N LYS A 98 17.69 -3.31 -11.66
CA LYS A 98 18.96 -3.02 -12.39
C LYS A 98 19.51 -1.66 -11.99
N GLN A 99 18.75 -0.62 -12.17
CA GLN A 99 19.24 0.74 -11.78
C GLN A 99 19.42 0.83 -10.27
N ASN A 100 20.61 1.13 -9.83
CA ASN A 100 20.85 1.24 -8.36
C ASN A 100 22.33 1.54 -8.09
N LYS A 101 22.77 2.73 -8.40
CA LYS A 101 24.20 3.08 -8.16
C LYS A 101 24.44 4.56 -8.45
N VAL A 102 24.36 4.95 -9.70
CA VAL A 102 24.59 6.38 -10.05
C VAL A 102 23.29 7.00 -10.57
N GLU A 103 22.72 7.92 -9.84
CA GLU A 103 21.46 8.56 -10.29
C GLU A 103 21.37 10.00 -9.75
N GLY A 1 -17.07 -7.58 10.99
CA GLY A 1 -17.27 -8.84 10.23
C GLY A 1 -18.30 -8.61 9.12
N ARG A 2 -18.18 -9.32 8.03
CA ARG A 2 -19.15 -9.13 6.90
C ARG A 2 -19.27 -10.43 6.10
N TRP A 3 -20.27 -10.52 5.26
CA TRP A 3 -20.43 -11.75 4.44
C TRP A 3 -19.32 -11.85 3.39
N ILE A 4 -18.43 -12.79 3.54
CA ILE A 4 -17.33 -12.92 2.54
C ILE A 4 -17.68 -13.99 1.51
N LEU A 5 -17.74 -13.63 0.26
CA LEU A 5 -18.08 -14.62 -0.80
C LEU A 5 -17.27 -14.35 -2.07
N LYS A 6 -17.52 -13.25 -2.72
CA LYS A 6 -16.76 -12.94 -3.97
C LYS A 6 -15.93 -11.66 -3.77
N ASN A 7 -15.88 -11.16 -2.56
CA ASN A 7 -15.09 -9.92 -2.30
C ASN A 7 -13.62 -10.27 -2.03
N ASP A 8 -12.74 -9.80 -2.87
CA ASP A 8 -11.29 -10.11 -2.66
C ASP A 8 -10.60 -8.95 -1.95
N VAL A 9 -9.80 -9.23 -0.97
CA VAL A 9 -9.09 -8.13 -0.25
C VAL A 9 -7.98 -7.54 -1.12
N LYS A 10 -7.42 -8.34 -2.00
CA LYS A 10 -6.34 -7.81 -2.88
C LYS A 10 -6.91 -6.73 -3.78
N ASN A 11 -8.08 -6.94 -4.30
CA ASN A 11 -8.70 -5.91 -5.18
C ASN A 11 -9.04 -4.67 -4.34
N ARG A 12 -8.86 -4.74 -3.05
CA ARG A 12 -9.17 -3.57 -2.19
C ARG A 12 -8.04 -3.34 -1.19
N SER A 13 -6.82 -3.50 -1.61
CA SER A 13 -5.67 -3.29 -0.68
C SER A 13 -4.57 -2.48 -1.38
N VAL A 14 -4.02 -1.51 -0.70
CA VAL A 14 -2.94 -0.69 -1.31
C VAL A 14 -1.71 -0.63 -0.40
N TYR A 15 -0.54 -0.73 -0.97
CA TYR A 15 0.70 -0.69 -0.13
C TYR A 15 1.39 0.67 -0.29
N ILE A 16 1.78 1.28 0.79
CA ILE A 16 2.46 2.61 0.70
C ILE A 16 3.86 2.53 1.30
N LYS A 17 4.84 3.09 0.64
CA LYS A 17 6.22 3.05 1.18
C LYS A 17 6.81 4.46 1.26
N GLY A 18 7.42 4.80 2.36
CA GLY A 18 8.00 6.17 2.50
C GLY A 18 7.51 6.81 3.79
N PHE A 19 6.72 6.10 4.55
CA PHE A 19 6.20 6.68 5.83
C PHE A 19 7.36 7.15 6.71
N PRO A 20 7.06 8.05 7.61
CA PRO A 20 8.09 8.59 8.53
C PRO A 20 8.75 7.46 9.33
N THR A 21 9.73 7.78 10.13
CA THR A 21 10.41 6.73 10.94
C THR A 21 9.55 6.37 12.15
N ASP A 22 8.37 6.90 12.24
CA ASP A 22 7.49 6.59 13.39
C ASP A 22 6.04 6.48 12.91
N ALA A 23 5.85 6.06 11.69
CA ALA A 23 4.47 5.92 11.14
C ALA A 23 3.68 4.90 11.96
N THR A 24 3.37 5.21 13.18
CA THR A 24 2.60 4.27 14.03
C THR A 24 1.14 4.23 13.58
N LEU A 25 0.33 3.42 14.21
CA LEU A 25 -1.10 3.34 13.80
C LEU A 25 -1.74 4.74 13.87
N ASP A 26 -1.40 5.52 14.85
CA ASP A 26 -1.98 6.89 14.96
C ASP A 26 -1.45 7.79 13.85
N ASP A 27 -0.17 7.71 13.57
CA ASP A 27 0.40 8.55 12.49
C ASP A 27 -0.15 8.13 11.12
N ILE A 28 -0.13 6.86 10.84
CA ILE A 28 -0.65 6.38 9.53
C ILE A 28 -2.13 6.73 9.39
N LYS A 29 -2.87 6.69 10.46
CA LYS A 29 -4.32 7.01 10.40
C LYS A 29 -4.50 8.50 10.09
N GLU A 30 -3.53 9.31 10.41
CA GLU A 30 -3.66 10.77 10.13
C GLU A 30 -3.60 11.04 8.63
N TRP A 31 -2.68 10.43 7.95
CA TRP A 31 -2.56 10.63 6.48
C TRP A 31 -3.72 9.93 5.76
N LEU A 32 -4.10 8.76 6.22
CA LEU A 32 -5.22 8.03 5.56
C LEU A 32 -6.55 8.75 5.81
N GLU A 33 -6.81 9.12 7.04
CA GLU A 33 -8.09 9.81 7.35
C GLU A 33 -8.22 11.09 6.52
N ASP A 34 -7.12 11.66 6.11
CA ASP A 34 -7.17 12.91 5.30
C ASP A 34 -7.31 12.58 3.82
N LYS A 35 -7.65 11.35 3.51
CA LYS A 35 -7.80 10.96 2.08
C LYS A 35 -8.05 9.46 1.97
N GLY A 36 -9.28 9.08 1.70
CA GLY A 36 -9.59 7.62 1.58
C GLY A 36 -9.77 7.01 2.97
N GLN A 37 -10.65 6.06 3.09
CA GLN A 37 -10.88 5.41 4.42
C GLN A 37 -10.45 3.94 4.35
N VAL A 38 -9.62 3.52 5.26
CA VAL A 38 -9.16 2.10 5.24
C VAL A 38 -9.75 1.33 6.43
N LEU A 39 -10.46 0.27 6.16
CA LEU A 39 -11.06 -0.54 7.27
C LEU A 39 -10.02 -1.50 7.82
N ASN A 40 -9.03 -1.84 7.03
CA ASN A 40 -7.99 -2.79 7.51
C ASN A 40 -6.60 -2.28 7.11
N ILE A 41 -5.67 -2.27 8.03
CA ILE A 41 -4.30 -1.78 7.70
C ILE A 41 -3.25 -2.76 8.22
N GLN A 42 -2.32 -3.15 7.39
CA GLN A 42 -1.26 -4.09 7.83
C GLN A 42 0.07 -3.35 7.97
N MET A 43 0.61 -3.30 9.15
CA MET A 43 1.91 -2.59 9.35
C MET A 43 3.08 -3.47 8.92
N ARG A 44 3.84 -3.05 7.95
CA ARG A 44 5.00 -3.86 7.49
C ARG A 44 6.27 -3.45 8.26
N ARG A 45 6.81 -4.35 9.02
CA ARG A 45 8.04 -4.02 9.81
C ARG A 45 9.26 -4.73 9.23
N THR A 46 10.43 -4.38 9.69
CA THR A 46 11.67 -5.02 9.16
C THR A 46 12.59 -5.41 10.32
N LEU A 47 13.54 -6.28 10.06
CA LEU A 47 14.48 -6.72 11.14
C LEU A 47 14.94 -5.52 11.97
N HIS A 48 15.24 -5.74 13.21
CA HIS A 48 15.69 -4.63 14.10
C HIS A 48 16.85 -3.86 13.46
N LYS A 49 17.67 -4.55 12.71
CA LYS A 49 18.79 -3.86 12.02
C LYS A 49 18.34 -3.55 10.60
N ALA A 50 17.05 -3.59 10.42
CA ALA A 50 16.45 -3.33 9.09
C ALA A 50 15.58 -2.07 9.14
N PHE A 51 15.26 -1.49 8.02
CA PHE A 51 14.41 -0.27 8.02
C PHE A 51 13.02 -0.58 7.49
N LYS A 52 12.00 -0.32 8.28
CA LYS A 52 10.62 -0.59 7.83
C LYS A 52 9.93 0.70 7.37
N GLY A 53 8.69 0.87 7.71
CA GLY A 53 7.95 2.11 7.30
C GLY A 53 6.94 1.75 6.22
N SER A 54 6.57 0.51 6.11
CA SER A 54 5.58 0.11 5.07
C SER A 54 4.25 -0.30 5.73
N ILE A 55 3.15 -0.01 5.10
CA ILE A 55 1.84 -0.39 5.70
C ILE A 55 0.83 -0.72 4.59
N PHE A 56 0.12 -1.80 4.74
CA PHE A 56 -0.89 -2.17 3.69
C PHE A 56 -2.25 -1.57 4.06
N VAL A 57 -2.88 -0.89 3.13
CA VAL A 57 -4.20 -0.27 3.43
C VAL A 57 -5.32 -1.01 2.69
N VAL A 58 -6.45 -1.16 3.32
CA VAL A 58 -7.58 -1.88 2.66
C VAL A 58 -8.80 -0.95 2.58
N PHE A 59 -9.22 -0.61 1.39
CA PHE A 59 -10.41 0.29 1.27
C PHE A 59 -11.71 -0.52 1.35
N ASP A 60 -12.78 0.13 1.70
CA ASP A 60 -14.09 -0.58 1.81
C ASP A 60 -14.60 -1.00 0.42
N SER A 61 -14.32 -0.21 -0.58
CA SER A 61 -14.79 -0.57 -1.95
C SER A 61 -13.60 -0.95 -2.84
N ILE A 62 -13.72 -2.01 -3.58
CA ILE A 62 -12.58 -2.42 -4.46
C ILE A 62 -12.38 -1.39 -5.58
N GLU A 63 -13.45 -0.92 -6.16
CA GLU A 63 -13.31 0.09 -7.25
C GLU A 63 -12.63 1.35 -6.73
N SER A 64 -12.94 1.75 -5.52
CA SER A 64 -12.31 2.98 -4.96
C SER A 64 -10.81 2.75 -4.76
N ALA A 65 -10.40 1.53 -4.55
CA ALA A 65 -8.95 1.26 -4.36
C ALA A 65 -8.19 1.43 -5.67
N LYS A 66 -8.77 0.99 -6.75
CA LYS A 66 -8.08 1.13 -8.07
C LYS A 66 -8.04 2.60 -8.50
N LYS A 67 -9.05 3.36 -8.15
CA LYS A 67 -9.05 4.80 -8.55
C LYS A 67 -7.92 5.55 -7.83
N PHE A 68 -7.55 5.11 -6.67
CA PHE A 68 -6.46 5.80 -5.92
C PHE A 68 -5.11 5.54 -6.60
N VAL A 69 -4.84 4.31 -6.93
CA VAL A 69 -3.54 3.99 -7.60
C VAL A 69 -3.49 4.63 -8.98
N GLU A 70 -4.61 4.81 -9.62
CA GLU A 70 -4.62 5.43 -10.97
C GLU A 70 -4.39 6.95 -10.84
N THR A 71 -4.21 7.43 -9.65
CA THR A 71 -3.98 8.89 -9.46
C THR A 71 -2.51 9.23 -9.72
N PRO A 72 -2.30 10.37 -10.29
CA PRO A 72 -0.92 10.82 -10.61
C PRO A 72 0.00 10.60 -9.41
N GLY A 73 1.28 10.55 -9.64
CA GLY A 73 2.23 10.32 -8.51
C GLY A 73 1.80 11.15 -7.30
N GLN A 74 1.73 10.53 -6.15
CA GLN A 74 1.31 11.27 -4.93
C GLN A 74 2.43 11.19 -3.87
N LYS A 75 3.06 12.30 -3.57
CA LYS A 75 4.16 12.28 -2.57
C LYS A 75 3.81 13.20 -1.40
N TYR A 76 4.10 12.78 -0.20
CA TYR A 76 3.80 13.64 0.98
C TYR A 76 5.06 14.41 1.40
N LYS A 77 4.93 15.70 1.59
CA LYS A 77 6.11 16.53 1.98
C LYS A 77 6.80 15.93 3.22
N GLU A 78 7.65 16.69 3.86
CA GLU A 78 8.37 16.16 5.06
C GLU A 78 8.82 14.73 4.78
N THR A 79 8.06 13.76 5.22
CA THR A 79 8.44 12.34 4.95
C THR A 79 7.99 11.98 3.53
N ASP A 80 8.90 11.56 2.70
CA ASP A 80 8.50 11.20 1.31
C ASP A 80 7.48 10.05 1.33
N LEU A 81 6.24 10.35 1.05
CA LEU A 81 5.20 9.27 1.06
C LEU A 81 4.97 8.78 -0.38
N LEU A 82 5.13 7.50 -0.61
CA LEU A 82 4.89 6.96 -1.98
C LEU A 82 3.83 5.86 -1.92
N ILE A 83 2.85 5.93 -2.79
CA ILE A 83 1.77 4.91 -2.80
C ILE A 83 2.01 3.88 -3.92
N LEU A 84 2.10 2.62 -3.57
CA LEU A 84 2.34 1.59 -4.61
C LEU A 84 1.20 0.56 -4.57
N PHE A 85 0.81 0.03 -5.70
CA PHE A 85 -0.28 -0.97 -5.73
C PHE A 85 0.29 -2.38 -5.55
N LYS A 86 -0.55 -3.34 -5.25
CA LYS A 86 -0.05 -4.73 -5.07
C LYS A 86 0.63 -5.22 -6.35
N ASP A 87 0.01 -5.02 -7.47
CA ASP A 87 0.62 -5.48 -8.75
C ASP A 87 2.00 -4.84 -8.94
N ASP A 88 2.15 -3.62 -8.51
CA ASP A 88 3.48 -2.94 -8.68
C ASP A 88 4.48 -3.52 -7.67
N TYR A 89 4.10 -3.63 -6.43
CA TYR A 89 5.06 -4.20 -5.43
C TYR A 89 5.44 -5.61 -5.86
N PHE A 90 4.47 -6.41 -6.18
CA PHE A 90 4.77 -7.79 -6.64
C PHE A 90 5.58 -7.72 -7.94
N ALA A 91 5.34 -6.71 -8.72
CA ALA A 91 6.11 -6.57 -9.99
C ALA A 91 7.55 -6.12 -9.70
N LYS A 92 7.70 -5.11 -8.89
CA LYS A 92 9.08 -4.63 -8.56
C LYS A 92 9.76 -5.63 -7.63
N LYS A 93 9.09 -6.05 -6.59
CA LYS A 93 9.71 -7.03 -5.64
C LYS A 93 10.18 -8.27 -6.40
N ASN A 94 9.36 -8.76 -7.28
CA ASN A 94 9.74 -9.98 -8.06
C ASN A 94 11.12 -9.78 -8.69
N GLU A 95 11.47 -8.56 -9.00
CA GLU A 95 12.80 -8.28 -9.61
C GLU A 95 13.11 -9.34 -10.69
N GLU A 96 13.84 -10.36 -10.35
CA GLU A 96 14.17 -11.41 -11.35
C GLU A 96 14.45 -12.75 -10.64
N ARG A 97 14.27 -13.84 -11.34
CA ARG A 97 14.51 -15.17 -10.72
C ARG A 97 15.39 -16.03 -11.64
N LYS A 98 14.85 -16.47 -12.74
CA LYS A 98 15.65 -17.31 -13.67
C LYS A 98 15.93 -16.55 -14.98
N GLN A 99 15.09 -15.59 -15.30
CA GLN A 99 15.31 -14.82 -16.55
C GLN A 99 16.45 -13.81 -16.36
N ASN A 100 17.23 -13.59 -17.39
CA ASN A 100 18.36 -12.63 -17.27
C ASN A 100 17.87 -11.20 -17.57
N LYS A 101 17.68 -10.41 -16.55
CA LYS A 101 17.20 -9.01 -16.79
C LYS A 101 18.31 -8.18 -17.45
N VAL A 102 18.18 -6.88 -17.40
CA VAL A 102 19.23 -6.02 -18.04
C VAL A 102 20.31 -5.66 -17.01
N GLU A 103 21.56 -5.75 -17.39
CA GLU A 103 22.65 -5.41 -16.44
C GLU A 103 22.93 -3.91 -16.46
N GLY A 1 -6.68 -27.10 -3.65
CA GLY A 1 -6.59 -25.77 -2.99
C GLY A 1 -7.96 -25.38 -2.44
N ARG A 2 -8.15 -24.13 -2.09
CA ARG A 2 -9.47 -23.70 -1.54
C ARG A 2 -9.83 -22.31 -2.08
N TRP A 3 -9.84 -22.17 -3.39
CA TRP A 3 -10.20 -20.84 -3.98
C TRP A 3 -11.70 -20.56 -3.80
N ILE A 4 -12.04 -19.52 -3.10
CA ILE A 4 -13.48 -19.19 -2.90
C ILE A 4 -13.90 -18.07 -3.85
N LEU A 5 -15.14 -18.08 -4.27
CA LEU A 5 -15.61 -17.02 -5.20
C LEU A 5 -16.31 -15.91 -4.41
N LYS A 6 -15.82 -14.70 -4.50
CA LYS A 6 -16.46 -13.57 -3.75
C LYS A 6 -15.77 -12.25 -4.09
N ASN A 7 -15.62 -11.39 -3.12
CA ASN A 7 -14.96 -10.07 -3.39
C ASN A 7 -13.49 -10.30 -3.76
N ASP A 8 -13.02 -9.64 -4.78
CA ASP A 8 -11.59 -9.81 -5.19
C ASP A 8 -10.68 -9.05 -4.22
N VAL A 9 -10.00 -9.76 -3.35
CA VAL A 9 -9.10 -9.08 -2.38
C VAL A 9 -7.88 -8.50 -3.12
N LYS A 10 -7.56 -9.03 -4.26
CA LYS A 10 -6.39 -8.53 -5.03
C LYS A 10 -6.64 -7.08 -5.47
N ASN A 11 -7.74 -6.84 -6.10
CA ASN A 11 -8.06 -5.46 -6.55
C ASN A 11 -8.26 -4.54 -5.34
N ARG A 12 -8.29 -5.09 -4.16
CA ARG A 12 -8.48 -4.25 -2.94
C ARG A 12 -7.20 -4.23 -2.11
N SER A 13 -6.07 -4.44 -2.73
CA SER A 13 -4.79 -4.44 -1.97
C SER A 13 -3.93 -3.23 -2.37
N VAL A 14 -3.37 -2.55 -1.41
CA VAL A 14 -2.51 -1.37 -1.74
C VAL A 14 -1.38 -1.25 -0.73
N TYR A 15 -0.17 -1.06 -1.19
CA TYR A 15 0.98 -0.94 -0.25
C TYR A 15 1.61 0.45 -0.37
N ILE A 16 1.98 1.04 0.73
CA ILE A 16 2.59 2.40 0.68
C ILE A 16 3.95 2.38 1.40
N LYS A 17 4.95 2.99 0.82
CA LYS A 17 6.29 3.01 1.47
C LYS A 17 6.79 4.45 1.61
N GLY A 18 7.81 4.65 2.40
CA GLY A 18 8.35 6.03 2.57
C GLY A 18 7.86 6.61 3.90
N PHE A 19 6.87 6.00 4.50
CA PHE A 19 6.34 6.52 5.80
C PHE A 19 7.50 7.01 6.68
N PRO A 20 7.21 8.01 7.46
CA PRO A 20 8.23 8.59 8.38
C PRO A 20 8.79 7.52 9.31
N THR A 21 9.66 7.89 10.21
CA THR A 21 10.25 6.90 11.15
C THR A 21 9.37 6.79 12.40
N ASP A 22 8.11 7.12 12.28
CA ASP A 22 7.21 7.04 13.45
C ASP A 22 5.76 6.94 12.98
N ALA A 23 5.55 6.49 11.77
CA ALA A 23 4.16 6.37 11.24
C ALA A 23 3.38 5.35 12.07
N THR A 24 3.08 5.66 13.29
CA THR A 24 2.33 4.71 14.15
C THR A 24 0.85 4.68 13.72
N LEU A 25 0.06 3.86 14.36
CA LEU A 25 -1.38 3.78 13.98
C LEU A 25 -2.02 5.17 14.05
N ASP A 26 -1.63 5.97 15.01
CA ASP A 26 -2.21 7.33 15.13
C ASP A 26 -1.72 8.22 13.98
N ASP A 27 -0.47 8.13 13.65
CA ASP A 27 0.07 8.96 12.53
C ASP A 27 -0.52 8.50 11.20
N ILE A 28 -0.51 7.22 10.95
CA ILE A 28 -1.07 6.70 9.67
C ILE A 28 -2.57 7.01 9.59
N LYS A 29 -3.26 6.95 10.70
CA LYS A 29 -4.72 7.24 10.68
C LYS A 29 -4.97 8.69 10.26
N GLU A 30 -4.03 9.56 10.52
CA GLU A 30 -4.22 10.99 10.13
C GLU A 30 -4.12 11.14 8.60
N TRP A 31 -3.19 10.47 8.00
CA TRP A 31 -3.03 10.56 6.51
C TRP A 31 -4.15 9.76 5.82
N LEU A 32 -4.43 8.58 6.31
CA LEU A 32 -5.50 7.76 5.67
C LEU A 32 -6.88 8.38 5.94
N GLU A 33 -7.15 8.75 7.16
CA GLU A 33 -8.47 9.35 7.50
C GLU A 33 -8.68 10.63 6.68
N ASP A 34 -7.62 11.27 6.26
CA ASP A 34 -7.76 12.51 5.46
C ASP A 34 -7.73 12.19 3.97
N LYS A 35 -7.73 10.93 3.62
CA LYS A 35 -7.69 10.57 2.18
C LYS A 35 -8.66 9.42 1.90
N GLY A 36 -9.39 8.98 2.90
CA GLY A 36 -10.36 7.86 2.68
C GLY A 36 -10.33 6.93 3.90
N GLN A 37 -11.09 5.88 3.87
CA GLN A 37 -11.11 4.94 5.02
C GLN A 37 -10.59 3.56 4.59
N VAL A 38 -9.67 3.00 5.33
CA VAL A 38 -9.12 1.67 4.96
C VAL A 38 -9.81 0.57 5.77
N LEU A 39 -10.36 -0.41 5.12
CA LEU A 39 -11.05 -1.51 5.86
C LEU A 39 -10.03 -2.26 6.75
N ASN A 40 -8.79 -2.27 6.34
CA ASN A 40 -7.76 -2.98 7.17
C ASN A 40 -6.37 -2.47 6.81
N ILE A 41 -5.54 -2.22 7.79
CA ILE A 41 -4.17 -1.72 7.50
C ILE A 41 -3.14 -2.50 8.31
N GLN A 42 -2.10 -2.99 7.67
CA GLN A 42 -1.06 -3.76 8.41
C GLN A 42 0.32 -3.13 8.17
N MET A 43 0.99 -2.76 9.22
CA MET A 43 2.34 -2.13 9.06
C MET A 43 3.41 -3.22 8.93
N ARG A 44 4.39 -3.00 8.09
CA ARG A 44 5.47 -4.02 7.93
C ARG A 44 6.70 -3.62 8.76
N ARG A 45 7.04 -4.41 9.73
CA ARG A 45 8.23 -4.09 10.58
C ARG A 45 9.41 -4.99 10.21
N THR A 46 10.57 -4.69 10.73
CA THR A 46 11.77 -5.52 10.40
C THR A 46 12.56 -5.84 11.68
N LEU A 47 13.42 -6.82 11.61
CA LEU A 47 14.23 -7.20 12.81
C LEU A 47 14.77 -5.94 13.51
N HIS A 48 14.95 -6.01 14.80
CA HIS A 48 15.47 -4.83 15.56
C HIS A 48 16.77 -4.31 14.95
N LYS A 49 17.55 -5.18 14.38
CA LYS A 49 18.81 -4.72 13.74
C LYS A 49 18.55 -4.61 12.25
N ALA A 50 17.30 -4.52 11.91
CA ALA A 50 16.89 -4.44 10.49
C ALA A 50 16.21 -3.10 10.22
N PHE A 51 16.10 -2.71 8.98
CA PHE A 51 15.44 -1.41 8.66
C PHE A 51 14.09 -1.64 7.96
N LYS A 52 13.00 -1.42 8.66
CA LYS A 52 11.66 -1.63 8.04
C LYS A 52 11.20 -0.35 7.36
N GLY A 53 9.98 0.06 7.58
CA GLY A 53 9.46 1.31 6.95
C GLY A 53 8.43 0.95 5.88
N SER A 54 7.80 -0.18 6.00
CA SER A 54 6.78 -0.57 4.99
C SER A 54 5.41 -0.74 5.66
N ILE A 55 4.35 -0.51 4.93
CA ILE A 55 2.99 -0.66 5.53
C ILE A 55 2.00 -1.13 4.47
N PHE A 56 0.91 -1.72 4.89
CA PHE A 56 -0.11 -2.20 3.90
C PHE A 56 -1.50 -1.72 4.31
N VAL A 57 -2.23 -1.15 3.39
CA VAL A 57 -3.59 -0.65 3.73
C VAL A 57 -4.64 -1.33 2.83
N VAL A 58 -5.85 -1.46 3.31
CA VAL A 58 -6.92 -2.09 2.49
C VAL A 58 -8.09 -1.13 2.31
N PHE A 59 -8.36 -0.72 1.10
CA PHE A 59 -9.49 0.22 0.87
C PHE A 59 -10.84 -0.49 1.09
N ASP A 60 -11.74 0.15 1.76
CA ASP A 60 -13.07 -0.49 2.01
C ASP A 60 -13.74 -0.89 0.69
N SER A 61 -13.64 -0.05 -0.31
CA SER A 61 -14.28 -0.37 -1.61
C SER A 61 -13.19 -0.64 -2.67
N ILE A 62 -13.46 -1.52 -3.60
CA ILE A 62 -12.44 -1.82 -4.65
C ILE A 62 -12.24 -0.59 -5.55
N GLU A 63 -13.30 0.07 -5.92
CA GLU A 63 -13.18 1.27 -6.80
C GLU A 63 -12.34 2.34 -6.11
N SER A 64 -12.50 2.49 -4.82
CA SER A 64 -11.72 3.53 -4.08
C SER A 64 -10.23 3.24 -4.21
N ALA A 65 -9.85 2.00 -4.31
CA ALA A 65 -8.40 1.67 -4.44
C ALA A 65 -7.89 2.05 -5.83
N LYS A 66 -8.69 1.85 -6.84
CA LYS A 66 -8.26 2.21 -8.22
C LYS A 66 -8.02 3.72 -8.33
N LYS A 67 -8.92 4.51 -7.81
CA LYS A 67 -8.73 6.00 -7.90
C LYS A 67 -7.45 6.41 -7.18
N PHE A 68 -7.05 5.69 -6.18
CA PHE A 68 -5.80 6.05 -5.44
C PHE A 68 -4.58 5.73 -6.31
N VAL A 69 -4.54 4.58 -6.90
CA VAL A 69 -3.37 4.22 -7.76
C VAL A 69 -3.51 4.88 -9.13
N GLU A 70 -4.72 5.08 -9.57
CA GLU A 70 -4.92 5.73 -10.90
C GLU A 70 -4.64 7.22 -10.81
N THR A 71 -4.46 7.73 -9.62
CA THR A 71 -4.16 9.17 -9.47
C THR A 71 -2.68 9.44 -9.74
N PRO A 72 -2.41 10.58 -10.32
CA PRO A 72 -1.01 10.95 -10.66
C PRO A 72 -0.09 10.66 -9.47
N GLY A 73 1.18 10.87 -9.64
CA GLY A 73 2.14 10.62 -8.53
C GLY A 73 1.70 11.37 -7.28
N GLN A 74 1.54 10.69 -6.18
CA GLN A 74 1.11 11.38 -4.93
C GLN A 74 2.23 11.30 -3.89
N LYS A 75 2.84 12.41 -3.56
CA LYS A 75 3.93 12.38 -2.55
C LYS A 75 3.57 13.22 -1.33
N TYR A 76 3.87 12.74 -0.16
CA TYR A 76 3.56 13.52 1.07
C TYR A 76 4.78 14.31 1.52
N LYS A 77 4.60 15.58 1.80
CA LYS A 77 5.74 16.43 2.24
C LYS A 77 6.48 15.80 3.43
N GLU A 78 7.23 16.57 4.16
CA GLU A 78 7.97 16.01 5.32
C GLU A 78 8.55 14.65 4.94
N THR A 79 7.87 13.59 5.25
CA THR A 79 8.36 12.24 4.86
C THR A 79 7.90 11.93 3.44
N ASP A 80 8.79 11.52 2.58
CA ASP A 80 8.38 11.21 1.18
C ASP A 80 7.37 10.05 1.18
N LEU A 81 6.13 10.33 0.90
CA LEU A 81 5.12 9.23 0.88
C LEU A 81 4.85 8.79 -0.56
N LEU A 82 5.03 7.52 -0.85
CA LEU A 82 4.78 7.02 -2.22
C LEU A 82 3.72 5.91 -2.20
N ILE A 83 2.73 6.00 -3.04
CA ILE A 83 1.67 4.95 -3.05
C ILE A 83 1.81 4.05 -4.28
N LEU A 84 1.99 2.77 -4.07
CA LEU A 84 2.14 1.84 -5.22
C LEU A 84 1.06 0.75 -5.15
N PHE A 85 0.67 0.21 -6.27
CA PHE A 85 -0.37 -0.86 -6.26
C PHE A 85 0.20 -2.16 -5.69
N LYS A 86 -0.60 -2.92 -5.01
CA LYS A 86 -0.11 -4.20 -4.43
C LYS A 86 0.34 -5.15 -5.54
N ASP A 87 -0.47 -5.31 -6.55
CA ASP A 87 -0.08 -6.22 -7.67
C ASP A 87 1.23 -5.77 -8.29
N ASP A 88 1.48 -4.48 -8.30
CA ASP A 88 2.75 -3.97 -8.88
C ASP A 88 3.91 -4.26 -7.94
N TYR A 89 3.74 -3.98 -6.68
CA TYR A 89 4.85 -4.26 -5.71
C TYR A 89 5.22 -5.74 -5.78
N PHE A 90 4.23 -6.60 -5.71
CA PHE A 90 4.51 -8.05 -5.78
C PHE A 90 5.00 -8.41 -7.19
N ALA A 91 4.53 -7.71 -8.19
CA ALA A 91 4.98 -8.00 -9.58
C ALA A 91 6.42 -7.52 -9.78
N LYS A 92 6.69 -6.30 -9.41
CA LYS A 92 8.07 -5.76 -9.57
C LYS A 92 9.01 -6.38 -8.54
N LYS A 93 8.62 -6.37 -7.29
CA LYS A 93 9.47 -6.95 -6.23
C LYS A 93 9.80 -8.40 -6.54
N ASN A 94 8.82 -9.16 -6.94
CA ASN A 94 9.07 -10.61 -7.26
C ASN A 94 10.20 -10.72 -8.28
N GLU A 95 10.11 -10.00 -9.36
CA GLU A 95 11.18 -10.06 -10.39
C GLU A 95 10.73 -9.34 -11.66
N GLU A 96 10.05 -8.23 -11.52
CA GLU A 96 9.59 -7.47 -12.71
C GLU A 96 8.63 -8.35 -13.55
N ARG A 97 7.37 -8.00 -13.57
CA ARG A 97 6.40 -8.81 -14.36
C ARG A 97 6.46 -10.28 -13.94
N LYS A 98 5.90 -10.60 -12.80
CA LYS A 98 5.93 -12.02 -12.33
C LYS A 98 5.39 -12.95 -13.42
N GLN A 99 4.11 -12.86 -13.71
CA GLN A 99 3.52 -13.74 -14.75
C GLN A 99 3.70 -13.11 -16.13
N ASN A 100 3.97 -13.90 -17.13
CA ASN A 100 4.15 -13.34 -18.50
C ASN A 100 3.00 -13.79 -19.42
N LYS A 101 2.11 -14.59 -18.90
CA LYS A 101 0.96 -15.06 -19.74
C LYS A 101 0.24 -13.86 -20.36
N VAL A 102 -0.80 -14.12 -21.12
CA VAL A 102 -1.55 -12.98 -21.76
C VAL A 102 -0.58 -12.05 -22.49
N GLU A 103 0.10 -12.56 -23.49
CA GLU A 103 1.05 -11.71 -24.25
C GLU A 103 1.05 -12.10 -25.73
N GLY A 1 -26.97 -6.30 4.57
CA GLY A 1 -25.56 -5.97 4.22
C GLY A 1 -25.43 -5.81 2.70
N ARG A 2 -24.24 -5.53 2.23
CA ARG A 2 -24.04 -5.35 0.76
C ARG A 2 -23.56 -6.67 0.13
N TRP A 3 -24.21 -7.75 0.45
CA TRP A 3 -23.79 -9.06 -0.13
C TRP A 3 -22.27 -9.19 -0.09
N ILE A 4 -21.69 -9.15 1.08
CA ILE A 4 -20.20 -9.27 1.18
C ILE A 4 -19.76 -10.67 0.77
N LEU A 5 -19.06 -10.80 -0.32
CA LEU A 5 -18.59 -12.14 -0.76
C LEU A 5 -17.75 -12.01 -2.04
N LYS A 6 -16.82 -12.89 -2.24
CA LYS A 6 -15.97 -12.82 -3.46
C LYS A 6 -15.35 -11.42 -3.60
N ASN A 7 -14.69 -10.96 -2.58
CA ASN A 7 -14.06 -9.61 -2.65
C ASN A 7 -12.72 -9.69 -3.37
N ASP A 8 -12.33 -8.65 -4.05
CA ASP A 8 -11.02 -8.66 -4.78
C ASP A 8 -9.91 -8.09 -3.90
N VAL A 9 -9.13 -8.94 -3.29
CA VAL A 9 -8.03 -8.44 -2.42
C VAL A 9 -7.02 -7.64 -3.23
N LYS A 10 -6.81 -8.01 -4.47
CA LYS A 10 -5.85 -7.27 -5.32
C LYS A 10 -6.35 -5.83 -5.54
N ASN A 11 -7.62 -5.70 -5.77
CA ASN A 11 -8.18 -4.33 -5.97
C ASN A 11 -8.58 -3.74 -4.61
N ARG A 12 -8.56 -4.54 -3.59
CA ARG A 12 -8.92 -4.02 -2.23
C ARG A 12 -7.67 -3.90 -1.36
N SER A 13 -6.59 -4.50 -1.79
CA SER A 13 -5.33 -4.42 -0.99
C SER A 13 -4.35 -3.43 -1.64
N VAL A 14 -3.76 -2.58 -0.86
CA VAL A 14 -2.80 -1.59 -1.44
C VAL A 14 -1.59 -1.45 -0.51
N TYR A 15 -0.47 -1.05 -1.05
CA TYR A 15 0.76 -0.88 -0.20
C TYR A 15 1.28 0.55 -0.29
N ILE A 16 1.70 1.11 0.82
CA ILE A 16 2.22 2.50 0.79
C ILE A 16 3.72 2.50 1.07
N LYS A 17 4.48 3.26 0.33
CA LYS A 17 5.95 3.29 0.56
C LYS A 17 6.41 4.72 0.85
N GLY A 18 7.09 4.93 1.94
CA GLY A 18 7.56 6.31 2.29
C GLY A 18 6.96 6.73 3.62
N PHE A 19 7.08 5.91 4.63
CA PHE A 19 6.52 6.27 5.96
C PHE A 19 7.65 6.73 6.90
N PRO A 20 7.38 7.78 7.63
CA PRO A 20 8.38 8.32 8.57
C PRO A 20 8.82 7.26 9.57
N THR A 21 9.53 7.64 10.60
CA THR A 21 10.00 6.63 11.60
C THR A 21 8.99 6.54 12.75
N ASP A 22 7.86 7.18 12.61
CA ASP A 22 6.83 7.12 13.69
C ASP A 22 5.45 6.90 13.08
N ALA A 23 5.39 6.42 11.86
CA ALA A 23 4.07 6.19 11.21
C ALA A 23 3.32 5.06 11.93
N THR A 24 3.04 5.24 13.19
CA THR A 24 2.32 4.18 13.95
C THR A 24 0.85 4.16 13.53
N LEU A 25 0.08 3.25 14.08
CA LEU A 25 -1.37 3.20 13.71
C LEU A 25 -2.04 4.54 13.96
N ASP A 26 -1.71 5.19 15.04
CA ASP A 26 -2.34 6.52 15.33
C ASP A 26 -1.81 7.57 14.36
N ASP A 27 -0.52 7.55 14.10
CA ASP A 27 0.05 8.54 13.14
C ASP A 27 -0.45 8.26 11.73
N ILE A 28 -0.46 7.02 11.34
CA ILE A 28 -0.94 6.67 9.96
C ILE A 28 -2.41 7.07 9.81
N LYS A 29 -3.20 6.87 10.83
CA LYS A 29 -4.64 7.25 10.73
C LYS A 29 -4.78 8.73 10.42
N GLU A 30 -3.86 9.53 10.89
CA GLU A 30 -3.94 11.00 10.62
C GLU A 30 -3.70 11.27 9.13
N TRP A 31 -2.69 10.68 8.57
CA TRP A 31 -2.40 10.90 7.12
C TRP A 31 -3.40 10.12 6.26
N LEU A 32 -3.71 8.91 6.65
CA LEU A 32 -4.67 8.10 5.85
C LEU A 32 -6.09 8.69 5.97
N GLU A 33 -6.51 8.99 7.17
CA GLU A 33 -7.88 9.55 7.36
C GLU A 33 -8.01 10.86 6.57
N ASP A 34 -6.92 11.53 6.31
CA ASP A 34 -6.99 12.81 5.56
C ASP A 34 -7.06 12.53 4.05
N LYS A 35 -7.30 11.30 3.67
CA LYS A 35 -7.38 10.98 2.22
C LYS A 35 -7.74 9.50 2.02
N GLY A 36 -8.99 9.21 1.77
CA GLY A 36 -9.41 7.79 1.58
C GLY A 36 -9.52 7.09 2.93
N GLN A 37 -10.44 6.18 3.07
CA GLN A 37 -10.59 5.45 4.36
C GLN A 37 -10.29 3.97 4.17
N VAL A 38 -9.42 3.42 4.97
CA VAL A 38 -9.09 1.97 4.84
C VAL A 38 -9.65 1.18 6.01
N LEU A 39 -10.44 0.17 5.74
CA LEU A 39 -11.02 -0.64 6.84
C LEU A 39 -10.00 -1.65 7.37
N ASN A 40 -8.94 -1.88 6.62
CA ASN A 40 -7.91 -2.85 7.08
C ASN A 40 -6.51 -2.33 6.72
N ILE A 41 -5.60 -2.34 7.67
CA ILE A 41 -4.24 -1.84 7.38
C ILE A 41 -3.19 -2.83 7.92
N GLN A 42 -2.22 -3.17 7.12
CA GLN A 42 -1.17 -4.12 7.60
C GLN A 42 0.19 -3.42 7.65
N MET A 43 0.76 -3.31 8.82
CA MET A 43 2.09 -2.63 8.94
C MET A 43 3.22 -3.59 8.54
N ARG A 44 4.07 -3.16 7.64
CA ARG A 44 5.20 -4.04 7.22
C ARG A 44 6.43 -3.78 8.09
N ARG A 45 6.86 -4.76 8.84
CA ARG A 45 8.04 -4.57 9.72
C ARG A 45 9.29 -5.18 9.07
N THR A 46 10.43 -4.91 9.64
CA THR A 46 11.70 -5.45 9.06
C THR A 46 12.57 -6.09 10.16
N LEU A 47 13.50 -6.91 9.77
CA LEU A 47 14.38 -7.56 10.78
C LEU A 47 14.82 -6.55 11.85
N HIS A 48 15.05 -7.01 13.04
CA HIS A 48 15.46 -6.10 14.16
C HIS A 48 16.67 -5.24 13.75
N LYS A 49 17.52 -5.77 12.93
CA LYS A 49 18.70 -4.99 12.47
C LYS A 49 18.40 -4.47 11.08
N ALA A 50 17.14 -4.43 10.76
CA ALA A 50 16.70 -3.98 9.42
C ALA A 50 15.87 -2.70 9.52
N PHE A 51 15.69 -1.99 8.44
CA PHE A 51 14.88 -0.73 8.50
C PHE A 51 13.55 -0.93 7.79
N LYS A 52 12.47 -1.04 8.52
CA LYS A 52 11.14 -1.24 7.88
C LYS A 52 10.55 0.11 7.45
N GLY A 53 9.30 0.34 7.73
CA GLY A 53 8.67 1.63 7.34
C GLY A 53 7.68 1.39 6.20
N SER A 54 7.20 0.18 6.07
CA SER A 54 6.22 -0.12 4.98
C SER A 54 4.84 -0.41 5.58
N ILE A 55 3.80 -0.03 4.91
CA ILE A 55 2.43 -0.28 5.44
C ILE A 55 1.48 -0.71 4.31
N PHE A 56 0.40 -1.34 4.65
CA PHE A 56 -0.57 -1.78 3.61
C PHE A 56 -1.99 -1.35 4.00
N VAL A 57 -2.69 -0.69 3.11
CA VAL A 57 -4.07 -0.25 3.45
C VAL A 57 -5.09 -0.87 2.48
N VAL A 58 -6.25 -1.20 2.97
CA VAL A 58 -7.28 -1.81 2.09
C VAL A 58 -8.56 -0.95 2.10
N PHE A 59 -8.92 -0.38 0.99
CA PHE A 59 -10.16 0.46 0.96
C PHE A 59 -11.39 -0.40 1.14
N ASP A 60 -12.43 0.14 1.74
CA ASP A 60 -13.66 -0.65 1.95
C ASP A 60 -14.16 -1.24 0.62
N SER A 61 -14.12 -0.46 -0.43
CA SER A 61 -14.59 -0.98 -1.75
C SER A 61 -13.39 -1.17 -2.70
N ILE A 62 -13.46 -2.12 -3.58
CA ILE A 62 -12.33 -2.34 -4.53
C ILE A 62 -12.23 -1.15 -5.49
N GLU A 63 -13.35 -0.64 -5.93
CA GLU A 63 -13.33 0.50 -6.87
C GLU A 63 -12.60 1.70 -6.23
N SER A 64 -12.74 1.88 -4.95
CA SER A 64 -12.05 3.02 -4.28
C SER A 64 -10.53 2.88 -4.42
N ALA A 65 -10.04 1.68 -4.54
CA ALA A 65 -8.58 1.47 -4.68
C ALA A 65 -8.12 1.92 -6.08
N LYS A 66 -8.87 1.59 -7.10
CA LYS A 66 -8.47 1.99 -8.47
C LYS A 66 -8.39 3.53 -8.57
N LYS A 67 -9.35 4.22 -8.02
CA LYS A 67 -9.32 5.71 -8.08
C LYS A 67 -8.06 6.25 -7.39
N PHE A 68 -7.58 5.55 -6.39
CA PHE A 68 -6.36 6.03 -5.68
C PHE A 68 -5.13 5.82 -6.56
N VAL A 69 -4.99 4.67 -7.15
CA VAL A 69 -3.81 4.41 -8.03
C VAL A 69 -3.93 5.21 -9.32
N GLU A 70 -5.13 5.41 -9.80
CA GLU A 70 -5.31 6.18 -11.06
C GLU A 70 -5.11 7.68 -10.80
N THR A 71 -4.85 8.03 -9.57
CA THR A 71 -4.63 9.48 -9.25
C THR A 71 -3.21 9.88 -9.60
N PRO A 72 -3.06 11.10 -10.07
CA PRO A 72 -1.73 11.62 -10.44
C PRO A 72 -0.72 11.32 -9.34
N GLY A 73 0.55 11.32 -9.67
CA GLY A 73 1.59 11.05 -8.64
C GLY A 73 1.23 11.74 -7.33
N GLN A 74 1.22 11.02 -6.25
CA GLN A 74 0.88 11.64 -4.94
C GLN A 74 2.05 11.49 -3.97
N LYS A 75 2.68 12.57 -3.61
CA LYS A 75 3.84 12.47 -2.67
C LYS A 75 3.56 13.28 -1.40
N TYR A 76 3.92 12.75 -0.26
CA TYR A 76 3.68 13.48 1.02
C TYR A 76 4.93 14.26 1.40
N LYS A 77 4.78 15.54 1.65
CA LYS A 77 5.95 16.39 2.03
C LYS A 77 6.73 15.75 3.19
N GLU A 78 7.62 16.48 3.79
CA GLU A 78 8.41 15.90 4.92
C GLU A 78 8.85 14.48 4.54
N THR A 79 8.12 13.49 4.97
CA THR A 79 8.50 12.10 4.60
C THR A 79 8.00 11.81 3.18
N ASP A 80 8.88 11.50 2.28
CA ASP A 80 8.44 11.23 0.89
C ASP A 80 7.47 10.04 0.86
N LEU A 81 6.20 10.31 0.64
CA LEU A 81 5.22 9.19 0.60
C LEU A 81 4.91 8.81 -0.85
N LEU A 82 5.10 7.57 -1.20
CA LEU A 82 4.81 7.13 -2.59
C LEU A 82 3.78 5.99 -2.58
N ILE A 83 2.70 6.16 -3.30
CA ILE A 83 1.67 5.08 -3.32
C ILE A 83 1.91 4.12 -4.49
N LEU A 84 2.11 2.87 -4.20
CA LEU A 84 2.34 1.89 -5.30
C LEU A 84 1.30 0.77 -5.25
N PHE A 85 0.87 0.27 -6.38
CA PHE A 85 -0.15 -0.81 -6.38
C PHE A 85 0.44 -2.10 -5.81
N LYS A 86 -0.34 -2.87 -5.11
CA LYS A 86 0.17 -4.13 -4.52
C LYS A 86 0.69 -5.05 -5.63
N ASP A 87 -0.02 -5.14 -6.72
CA ASP A 87 0.43 -6.02 -7.84
C ASP A 87 1.79 -5.54 -8.38
N ASP A 88 2.01 -4.26 -8.38
CA ASP A 88 3.32 -3.73 -8.89
C ASP A 88 4.42 -3.99 -7.88
N TYR A 89 4.20 -3.69 -6.62
CA TYR A 89 5.25 -3.95 -5.61
C TYR A 89 5.62 -5.43 -5.63
N PHE A 90 4.64 -6.28 -5.58
CA PHE A 90 4.91 -7.75 -5.62
C PHE A 90 5.69 -8.09 -6.89
N ALA A 91 5.43 -7.37 -7.95
CA ALA A 91 6.16 -7.65 -9.23
C ALA A 91 7.66 -7.53 -9.01
N LYS A 92 8.10 -6.46 -8.42
CA LYS A 92 9.56 -6.28 -8.17
C LYS A 92 10.03 -7.22 -7.06
N LYS A 93 9.23 -7.39 -6.03
CA LYS A 93 9.64 -8.29 -4.91
C LYS A 93 9.48 -9.76 -5.32
N ASN A 94 8.36 -10.12 -5.87
CA ASN A 94 8.15 -11.53 -6.28
C ASN A 94 9.02 -11.85 -7.51
N GLU A 95 9.23 -10.88 -8.35
CA GLU A 95 10.06 -11.12 -9.56
C GLU A 95 11.22 -10.12 -9.61
N GLU A 96 12.32 -10.48 -10.23
CA GLU A 96 13.48 -9.56 -10.30
C GLU A 96 13.72 -9.13 -11.75
N ARG A 97 14.77 -8.39 -12.00
CA ARG A 97 15.07 -7.94 -13.39
C ARG A 97 13.85 -7.24 -13.98
N LYS A 98 13.13 -6.50 -13.18
CA LYS A 98 11.92 -5.78 -13.70
C LYS A 98 12.35 -4.49 -14.39
N GLN A 99 13.06 -3.63 -13.71
CA GLN A 99 13.50 -2.35 -14.33
C GLN A 99 14.44 -2.64 -15.50
N ASN A 100 14.46 -1.79 -16.49
CA ASN A 100 15.37 -2.01 -17.65
C ASN A 100 16.78 -2.30 -17.17
N LYS A 101 17.40 -3.33 -17.68
CA LYS A 101 18.79 -3.65 -17.24
C LYS A 101 19.67 -3.99 -18.46
N VAL A 102 19.53 -5.17 -18.99
CA VAL A 102 20.34 -5.55 -20.18
C VAL A 102 19.50 -6.38 -21.16
N GLU A 103 18.98 -5.75 -22.18
CA GLU A 103 18.16 -6.51 -23.16
C GLU A 103 18.18 -5.79 -24.52
N GLY A 1 -10.25 -23.76 2.16
CA GLY A 1 -10.51 -25.22 2.19
C GLY A 1 -11.62 -25.55 1.19
N ARG A 2 -12.85 -25.53 1.62
CA ARG A 2 -13.98 -25.85 0.69
C ARG A 2 -15.03 -24.73 0.72
N TRP A 3 -15.92 -24.71 -0.22
CA TRP A 3 -16.97 -23.65 -0.24
C TRP A 3 -16.31 -22.26 -0.21
N ILE A 4 -16.15 -21.65 -1.35
CA ILE A 4 -15.52 -20.30 -1.39
C ILE A 4 -16.41 -19.28 -0.69
N LEU A 5 -15.86 -18.52 0.21
CA LEU A 5 -16.68 -17.50 0.93
C LEU A 5 -15.77 -16.40 1.51
N LYS A 6 -14.74 -16.77 2.21
CA LYS A 6 -13.82 -15.75 2.79
C LYS A 6 -13.53 -14.67 1.77
N ASN A 7 -13.56 -13.43 2.17
CA ASN A 7 -13.27 -12.31 1.21
C ASN A 7 -11.80 -12.34 0.79
N ASP A 8 -11.51 -11.90 -0.40
CA ASP A 8 -10.09 -11.90 -0.87
C ASP A 8 -9.42 -10.56 -0.52
N VAL A 9 -8.21 -10.61 -0.02
CA VAL A 9 -7.51 -9.35 0.33
C VAL A 9 -7.05 -8.62 -0.93
N LYS A 10 -6.90 -9.33 -2.02
CA LYS A 10 -6.45 -8.67 -3.28
C LYS A 10 -7.47 -7.65 -3.73
N ASN A 11 -8.72 -8.00 -3.66
CA ASN A 11 -9.79 -7.04 -4.08
C ASN A 11 -9.84 -5.88 -3.09
N ARG A 12 -9.04 -5.93 -2.05
CA ARG A 12 -9.06 -4.81 -1.05
C ARG A 12 -7.71 -4.74 -0.33
N SER A 13 -6.63 -4.81 -1.05
CA SER A 13 -5.30 -4.73 -0.39
C SER A 13 -4.44 -3.64 -1.06
N VAL A 14 -3.80 -2.82 -0.26
CA VAL A 14 -2.95 -1.74 -0.84
C VAL A 14 -1.56 -1.79 -0.21
N TYR A 15 -0.56 -1.28 -0.90
CA TYR A 15 0.81 -1.30 -0.33
C TYR A 15 1.48 0.08 -0.50
N ILE A 16 1.94 0.66 0.56
CA ILE A 16 2.60 2.00 0.45
C ILE A 16 3.96 1.97 1.17
N LYS A 17 4.97 2.54 0.55
CA LYS A 17 6.32 2.55 1.19
C LYS A 17 6.85 3.98 1.26
N GLY A 18 7.56 4.31 2.30
CA GLY A 18 8.12 5.68 2.43
C GLY A 18 7.46 6.40 3.62
N PHE A 19 6.80 5.66 4.47
CA PHE A 19 6.14 6.30 5.64
C PHE A 19 7.19 6.80 6.64
N PRO A 20 6.77 7.69 7.49
CA PRO A 20 7.69 8.26 8.51
C PRO A 20 8.29 7.14 9.37
N THR A 21 9.22 7.48 10.22
CA THR A 21 9.84 6.43 11.09
C THR A 21 8.91 6.09 12.27
N ASP A 22 7.73 6.66 12.27
CA ASP A 22 6.77 6.38 13.37
C ASP A 22 5.34 6.36 12.82
N ALA A 23 5.19 5.98 11.59
CA ALA A 23 3.83 5.94 10.98
C ALA A 23 2.95 4.94 11.71
N THR A 24 2.63 5.21 12.95
CA THR A 24 1.78 4.26 13.73
C THR A 24 0.33 4.35 13.23
N LEU A 25 -0.54 3.55 13.80
CA LEU A 25 -1.97 3.59 13.36
C LEU A 25 -2.53 5.01 13.50
N ASP A 26 -2.13 5.71 14.53
CA ASP A 26 -2.64 7.10 14.72
C ASP A 26 -2.07 8.03 13.64
N ASP A 27 -0.80 7.89 13.34
CA ASP A 27 -0.19 8.77 12.30
C ASP A 27 -0.76 8.44 10.92
N ILE A 28 -0.81 7.17 10.59
CA ILE A 28 -1.36 6.78 9.25
C ILE A 28 -2.83 7.20 9.14
N LYS A 29 -3.58 7.06 10.19
CA LYS A 29 -5.01 7.45 10.14
C LYS A 29 -5.15 8.93 9.77
N GLU A 30 -4.19 9.73 10.13
CA GLU A 30 -4.26 11.18 9.80
C GLU A 30 -4.05 11.39 8.29
N TRP A 31 -3.07 10.75 7.73
CA TRP A 31 -2.81 10.91 6.28
C TRP A 31 -3.84 10.13 5.46
N LEU A 32 -4.16 8.93 5.88
CA LEU A 32 -5.16 8.13 5.12
C LEU A 32 -6.56 8.73 5.27
N GLU A 33 -6.95 9.07 6.47
CA GLU A 33 -8.31 9.66 6.68
C GLU A 33 -8.42 10.99 5.93
N ASP A 34 -7.32 11.65 5.70
CA ASP A 34 -7.37 12.96 4.98
C ASP A 34 -7.43 12.72 3.47
N LYS A 35 -7.53 11.49 3.04
CA LYS A 35 -7.60 11.20 1.59
C LYS A 35 -8.53 10.02 1.32
N GLY A 36 -9.23 9.55 2.31
CA GLY A 36 -10.14 8.40 2.11
C GLY A 36 -10.32 7.64 3.44
N GLN A 37 -11.02 6.55 3.41
CA GLN A 37 -11.24 5.77 4.67
C GLN A 37 -10.58 4.40 4.55
N VAL A 38 -9.86 3.98 5.55
CA VAL A 38 -9.20 2.64 5.49
C VAL A 38 -9.96 1.63 6.35
N LEU A 39 -10.34 0.52 5.77
CA LEU A 39 -11.09 -0.50 6.55
C LEU A 39 -10.11 -1.39 7.33
N ASN A 40 -8.92 -1.55 6.84
CA ASN A 40 -7.92 -2.40 7.54
C ASN A 40 -6.49 -1.92 7.23
N ILE A 41 -5.63 -1.91 8.21
CA ILE A 41 -4.24 -1.45 7.96
C ILE A 41 -3.24 -2.44 8.57
N GLN A 42 -2.26 -2.87 7.81
CA GLN A 42 -1.26 -3.82 8.35
C GLN A 42 0.14 -3.21 8.30
N MET A 43 0.75 -3.01 9.43
CA MET A 43 2.11 -2.40 9.44
C MET A 43 3.18 -3.49 9.27
N ARG A 44 4.04 -3.34 8.30
CA ARG A 44 5.11 -4.35 8.08
C ARG A 44 6.38 -3.97 8.83
N ARG A 45 6.78 -4.78 9.77
CA ARG A 45 8.01 -4.48 10.57
C ARG A 45 9.19 -5.30 10.06
N THR A 46 10.37 -5.00 10.54
CA THR A 46 11.58 -5.74 10.10
C THR A 46 12.46 -6.10 11.29
N LEU A 47 13.36 -7.04 11.11
CA LEU A 47 14.25 -7.44 12.25
C LEU A 47 14.78 -6.21 12.98
N HIS A 48 15.04 -6.34 14.26
CA HIS A 48 15.54 -5.20 15.07
C HIS A 48 16.76 -4.55 14.41
N LYS A 49 17.56 -5.33 13.75
CA LYS A 49 18.76 -4.76 13.07
C LYS A 49 18.41 -4.60 11.59
N ALA A 50 17.14 -4.56 11.32
CA ALA A 50 16.66 -4.45 9.93
C ALA A 50 15.89 -3.12 9.75
N PHE A 51 15.70 -2.69 8.54
CA PHE A 51 14.97 -1.41 8.31
C PHE A 51 13.58 -1.69 7.69
N LYS A 52 12.54 -1.55 8.45
CA LYS A 52 11.18 -1.80 7.91
C LYS A 52 10.61 -0.51 7.30
N GLY A 53 9.38 -0.19 7.59
CA GLY A 53 8.78 1.04 7.03
C GLY A 53 7.74 0.67 5.97
N SER A 54 7.19 -0.51 6.05
CA SER A 54 6.18 -0.92 5.04
C SER A 54 4.80 -1.04 5.68
N ILE A 55 3.76 -0.72 4.97
CA ILE A 55 2.39 -0.82 5.56
C ILE A 55 1.37 -1.20 4.48
N PHE A 56 0.23 -1.68 4.88
CA PHE A 56 -0.82 -2.07 3.88
C PHE A 56 -2.17 -1.45 4.26
N VAL A 57 -2.77 -0.75 3.35
CA VAL A 57 -4.10 -0.11 3.66
C VAL A 57 -5.22 -0.86 2.94
N VAL A 58 -6.38 -0.92 3.54
CA VAL A 58 -7.52 -1.63 2.89
C VAL A 58 -8.70 -0.67 2.71
N PHE A 59 -9.06 -0.39 1.49
CA PHE A 59 -10.20 0.54 1.25
C PHE A 59 -11.54 -0.20 1.44
N ASP A 60 -12.50 0.46 2.02
CA ASP A 60 -13.82 -0.20 2.23
C ASP A 60 -14.31 -0.85 0.93
N SER A 61 -14.20 -0.16 -0.17
CA SER A 61 -14.65 -0.73 -1.46
C SER A 61 -13.45 -1.04 -2.36
N ILE A 62 -13.44 -2.18 -2.99
CA ILE A 62 -12.29 -2.53 -3.87
C ILE A 62 -12.09 -1.45 -4.95
N GLU A 63 -13.16 -0.96 -5.51
CA GLU A 63 -13.03 0.09 -6.56
C GLU A 63 -12.30 1.31 -6.00
N SER A 64 -12.57 1.67 -4.78
CA SER A 64 -11.88 2.85 -4.18
C SER A 64 -10.37 2.63 -4.17
N ALA A 65 -9.94 1.41 -4.07
CA ALA A 65 -8.48 1.12 -4.05
C ALA A 65 -7.87 1.33 -5.44
N LYS A 66 -8.59 0.98 -6.47
CA LYS A 66 -8.06 1.16 -7.85
C LYS A 66 -8.04 2.65 -8.23
N LYS A 67 -9.00 3.40 -7.77
CA LYS A 67 -9.03 4.85 -8.11
C LYS A 67 -7.92 5.59 -7.36
N PHE A 68 -7.55 5.11 -6.20
CA PHE A 68 -6.47 5.79 -5.43
C PHE A 68 -5.11 5.56 -6.09
N VAL A 69 -4.82 4.33 -6.45
CA VAL A 69 -3.52 4.04 -7.10
C VAL A 69 -3.44 4.72 -8.47
N GLU A 70 -4.57 4.90 -9.11
CA GLU A 70 -4.56 5.54 -10.46
C GLU A 70 -4.35 7.06 -10.31
N THR A 71 -4.09 7.52 -9.12
CA THR A 71 -3.87 8.98 -8.91
C THR A 71 -2.43 9.35 -9.30
N PRO A 72 -2.29 10.52 -9.84
CA PRO A 72 -0.95 11.00 -10.26
C PRO A 72 0.09 10.74 -9.16
N GLY A 73 1.32 11.05 -9.41
CA GLY A 73 2.37 10.82 -8.38
C GLY A 73 2.00 11.56 -7.09
N GLN A 74 1.83 10.85 -6.01
CA GLN A 74 1.48 11.51 -4.72
C GLN A 74 2.63 11.36 -3.72
N LYS A 75 3.28 12.42 -3.38
CA LYS A 75 4.40 12.33 -2.41
C LYS A 75 4.13 13.22 -1.18
N TYR A 76 4.43 12.73 -0.01
CA TYR A 76 4.19 13.55 1.21
C TYR A 76 5.48 14.24 1.65
N LYS A 77 5.42 15.52 1.88
CA LYS A 77 6.63 16.27 2.31
C LYS A 77 7.29 15.61 3.51
N GLU A 78 8.17 16.30 4.19
CA GLU A 78 8.86 15.69 5.36
C GLU A 78 9.30 14.27 5.00
N THR A 79 8.51 13.29 5.35
CA THR A 79 8.88 11.88 5.02
C THR A 79 8.39 11.59 3.59
N ASP A 80 9.27 11.22 2.70
CA ASP A 80 8.84 10.93 1.32
C ASP A 80 7.78 9.82 1.32
N LEU A 81 6.54 10.17 1.07
CA LEU A 81 5.48 9.13 1.05
C LEU A 81 5.19 8.71 -0.39
N LEU A 82 5.40 7.46 -0.71
CA LEU A 82 5.13 6.99 -2.10
C LEU A 82 4.05 5.91 -2.09
N ILE A 83 3.06 6.03 -2.93
CA ILE A 83 1.98 5.01 -2.96
C ILE A 83 2.20 4.04 -4.12
N LEU A 84 2.33 2.76 -3.81
CA LEU A 84 2.55 1.76 -4.90
C LEU A 84 1.44 0.71 -4.87
N PHE A 85 1.05 0.20 -6.01
CA PHE A 85 -0.02 -0.83 -6.04
C PHE A 85 0.58 -2.20 -5.74
N LYS A 86 -0.18 -3.08 -5.13
CA LYS A 86 0.35 -4.43 -4.82
C LYS A 86 0.77 -5.14 -6.12
N ASP A 87 -0.05 -5.04 -7.14
CA ASP A 87 0.30 -5.71 -8.43
C ASP A 87 1.50 -5.00 -9.08
N ASP A 88 1.55 -3.71 -9.01
CA ASP A 88 2.70 -2.97 -9.62
C ASP A 88 3.96 -3.14 -8.78
N TYR A 89 3.87 -2.96 -7.49
CA TYR A 89 5.07 -3.15 -6.63
C TYR A 89 5.57 -4.58 -6.81
N PHE A 90 4.70 -5.53 -6.70
CA PHE A 90 5.13 -6.95 -6.89
C PHE A 90 5.73 -7.10 -8.28
N ALA A 91 5.24 -6.34 -9.22
CA ALA A 91 5.78 -6.42 -10.61
C ALA A 91 7.20 -5.86 -10.67
N LYS A 92 7.43 -4.73 -10.07
CA LYS A 92 8.80 -4.13 -10.08
C LYS A 92 9.74 -4.96 -9.20
N LYS A 93 9.37 -5.21 -7.98
CA LYS A 93 10.26 -6.01 -7.08
C LYS A 93 10.41 -7.43 -7.63
N ASN A 94 9.43 -7.90 -8.35
CA ASN A 94 9.52 -9.27 -8.94
C ASN A 94 10.83 -9.43 -9.70
N GLU A 95 11.36 -8.36 -10.23
CA GLU A 95 12.64 -8.45 -10.98
C GLU A 95 13.81 -8.06 -10.06
N GLU A 96 13.66 -7.02 -9.30
CA GLU A 96 14.77 -6.59 -8.40
C GLU A 96 16.11 -6.69 -9.11
N ARG A 97 17.18 -6.81 -8.37
CA ARG A 97 18.52 -6.91 -9.02
C ARG A 97 18.78 -8.35 -9.48
N LYS A 98 19.03 -8.54 -10.75
CA LYS A 98 19.28 -9.92 -11.26
C LYS A 98 20.17 -9.87 -12.50
N GLN A 99 19.60 -9.62 -13.64
CA GLN A 99 20.42 -9.56 -14.89
C GLN A 99 20.95 -8.13 -15.10
N ASN A 100 22.24 -7.97 -15.15
CA ASN A 100 22.82 -6.62 -15.35
C ASN A 100 22.90 -6.29 -16.85
N LYS A 101 23.50 -5.18 -17.19
CA LYS A 101 23.61 -4.82 -18.63
C LYS A 101 22.22 -4.53 -19.22
N VAL A 102 21.34 -5.49 -19.18
CA VAL A 102 19.98 -5.27 -19.73
C VAL A 102 20.07 -4.82 -21.18
N GLU A 103 20.31 -5.73 -22.09
CA GLU A 103 20.40 -5.36 -23.53
C GLU A 103 19.03 -4.97 -24.07
N GLY A 1 -10.21 -24.47 -3.93
CA GLY A 1 -10.53 -25.36 -2.77
C GLY A 1 -9.47 -25.16 -1.69
N ARG A 2 -9.82 -25.43 -0.46
CA ARG A 2 -8.83 -25.26 0.64
C ARG A 2 -8.41 -23.79 0.77
N TRP A 3 -9.37 -22.90 0.78
CA TRP A 3 -9.02 -21.44 0.90
C TRP A 3 -10.30 -20.62 1.08
N ILE A 4 -11.01 -20.83 2.16
CA ILE A 4 -12.26 -20.05 2.39
C ILE A 4 -11.92 -18.63 2.85
N LEU A 5 -12.59 -17.65 2.29
CA LEU A 5 -12.31 -16.24 2.69
C LEU A 5 -13.53 -15.37 2.43
N LYS A 6 -13.35 -14.08 2.34
CA LYS A 6 -14.52 -13.18 2.09
C LYS A 6 -14.26 -12.34 0.83
N ASN A 7 -14.36 -11.03 0.95
CA ASN A 7 -14.11 -10.17 -0.23
C ASN A 7 -12.66 -10.30 -0.70
N ASP A 8 -12.41 -10.11 -1.97
CA ASP A 8 -11.01 -10.23 -2.47
C ASP A 8 -10.08 -9.34 -1.66
N VAL A 9 -9.40 -9.89 -0.70
CA VAL A 9 -8.48 -9.07 0.14
C VAL A 9 -7.33 -8.53 -0.72
N LYS A 10 -6.96 -9.22 -1.76
CA LYS A 10 -5.86 -8.72 -2.63
C LYS A 10 -6.27 -7.43 -3.31
N ASN A 11 -7.42 -7.42 -3.91
CA ASN A 11 -7.89 -6.17 -4.60
C ASN A 11 -8.17 -5.08 -3.56
N ARG A 12 -8.08 -5.40 -2.30
CA ARG A 12 -8.34 -4.38 -1.26
C ARG A 12 -7.09 -4.18 -0.39
N SER A 13 -5.93 -4.41 -0.94
CA SER A 13 -4.68 -4.24 -0.16
C SER A 13 -3.68 -3.39 -0.94
N VAL A 14 -3.04 -2.46 -0.29
CA VAL A 14 -2.04 -1.60 -1.00
C VAL A 14 -0.78 -1.44 -0.15
N TYR A 15 0.36 -1.30 -0.79
CA TYR A 15 1.62 -1.15 -0.02
C TYR A 15 2.14 0.29 -0.13
N ILE A 16 2.55 0.87 0.96
CA ILE A 16 3.06 2.27 0.92
C ILE A 16 4.42 2.35 1.61
N LYS A 17 5.35 3.04 1.01
CA LYS A 17 6.70 3.16 1.63
C LYS A 17 7.09 4.64 1.77
N GLY A 18 8.11 4.92 2.54
CA GLY A 18 8.54 6.34 2.70
C GLY A 18 7.87 6.93 3.94
N PHE A 19 7.06 6.16 4.62
CA PHE A 19 6.38 6.68 5.84
C PHE A 19 7.36 7.48 6.69
N PRO A 20 6.83 8.21 7.63
CA PRO A 20 7.66 9.04 8.54
C PRO A 20 8.74 8.19 9.21
N THR A 21 8.34 7.14 9.88
CA THR A 21 9.34 6.27 10.56
C THR A 21 8.65 5.05 11.17
N ASP A 22 7.56 5.26 11.87
CA ASP A 22 6.83 4.12 12.48
C ASP A 22 5.40 4.09 11.97
N ALA A 23 4.88 5.23 11.59
CA ALA A 23 3.48 5.28 11.07
C ALA A 23 2.58 4.36 11.90
N THR A 24 2.17 4.79 13.06
CA THR A 24 1.29 3.92 13.90
C THR A 24 -0.17 4.09 13.46
N LEU A 25 -1.06 3.37 14.10
CA LEU A 25 -2.50 3.47 13.73
C LEU A 25 -2.97 4.93 13.80
N ASP A 26 -2.56 5.66 14.81
CA ASP A 26 -2.98 7.08 14.94
C ASP A 26 -2.31 7.93 13.85
N ASP A 27 -1.06 7.72 13.61
CA ASP A 27 -0.35 8.52 12.56
C ASP A 27 -0.89 8.15 11.18
N ILE A 28 -0.98 6.88 10.88
CA ILE A 28 -1.48 6.46 9.55
C ILE A 28 -2.93 6.92 9.36
N LYS A 29 -3.69 6.93 10.41
CA LYS A 29 -5.12 7.38 10.30
C LYS A 29 -5.18 8.88 10.00
N GLU A 30 -4.16 9.61 10.34
CA GLU A 30 -4.16 11.08 10.07
C GLU A 30 -4.01 11.33 8.57
N TRP A 31 -3.12 10.64 7.94
CA TRP A 31 -2.92 10.84 6.47
C TRP A 31 -4.07 10.21 5.69
N LEU A 32 -4.49 9.03 6.07
CA LEU A 32 -5.61 8.37 5.34
C LEU A 32 -6.92 9.10 5.62
N GLU A 33 -7.21 9.39 6.86
CA GLU A 33 -8.47 10.11 7.19
C GLU A 33 -8.55 11.42 6.41
N ASP A 34 -7.43 11.99 6.07
CA ASP A 34 -7.44 13.26 5.30
C ASP A 34 -7.37 12.98 3.80
N LYS A 35 -7.45 11.73 3.42
CA LYS A 35 -7.38 11.39 1.96
C LYS A 35 -7.27 9.87 1.78
N GLY A 36 -8.37 9.23 1.47
CA GLY A 36 -8.32 7.74 1.27
C GLY A 36 -8.63 7.05 2.60
N GLN A 37 -9.84 6.62 2.78
CA GLN A 37 -10.20 5.93 4.04
C GLN A 37 -9.82 4.45 3.97
N VAL A 38 -9.09 3.96 4.94
CA VAL A 38 -8.67 2.53 4.91
C VAL A 38 -9.39 1.75 6.02
N LEU A 39 -9.89 0.58 5.73
CA LEU A 39 -10.59 -0.22 6.76
C LEU A 39 -9.61 -1.19 7.44
N ASN A 40 -8.55 -1.54 6.76
CA ASN A 40 -7.56 -2.48 7.35
C ASN A 40 -6.13 -1.95 7.15
N ILE A 41 -5.27 -2.13 8.12
CA ILE A 41 -3.88 -1.63 7.96
C ILE A 41 -2.88 -2.71 8.38
N GLN A 42 -1.98 -3.07 7.50
CA GLN A 42 -0.96 -4.11 7.84
C GLN A 42 0.42 -3.47 7.93
N MET A 43 1.00 -3.44 9.09
CA MET A 43 2.35 -2.84 9.24
C MET A 43 3.44 -3.87 8.95
N ARG A 44 4.40 -3.52 8.15
CA ARG A 44 5.50 -4.47 7.82
C ARG A 44 6.72 -4.18 8.70
N ARG A 45 7.11 -5.12 9.52
CA ARG A 45 8.29 -4.89 10.40
C ARG A 45 9.50 -5.70 9.93
N THR A 46 10.64 -5.44 10.50
CA THR A 46 11.87 -6.17 10.08
C THR A 46 12.66 -6.63 11.31
N LEU A 47 13.56 -7.57 11.13
CA LEU A 47 14.35 -8.06 12.28
C LEU A 47 14.83 -6.91 13.17
N HIS A 48 15.00 -7.16 14.43
CA HIS A 48 15.43 -6.09 15.37
C HIS A 48 16.69 -5.39 14.85
N LYS A 49 17.52 -6.11 14.16
CA LYS A 49 18.75 -5.49 13.59
C LYS A 49 18.46 -5.17 12.13
N ALA A 50 17.19 -5.12 11.83
CA ALA A 50 16.75 -4.85 10.43
C ALA A 50 15.97 -3.53 10.37
N PHE A 51 15.81 -2.96 9.21
CA PHE A 51 15.07 -1.67 9.11
C PHE A 51 13.69 -1.89 8.47
N LYS A 52 12.65 -1.52 9.16
CA LYS A 52 11.27 -1.69 8.59
C LYS A 52 10.73 -0.35 8.08
N GLY A 53 9.48 -0.08 8.32
CA GLY A 53 8.90 1.22 7.85
C GLY A 53 7.93 0.95 6.70
N SER A 54 7.40 -0.24 6.60
CA SER A 54 6.45 -0.55 5.50
C SER A 54 5.05 -0.76 6.08
N ILE A 55 4.03 -0.41 5.34
CA ILE A 55 2.63 -0.58 5.85
C ILE A 55 1.68 -0.91 4.71
N PHE A 56 0.52 -1.43 5.03
CA PHE A 56 -0.48 -1.77 3.98
C PHE A 56 -1.83 -1.16 4.34
N VAL A 57 -2.51 -0.57 3.40
CA VAL A 57 -3.84 0.05 3.70
C VAL A 57 -4.93 -0.59 2.84
N VAL A 58 -5.96 -1.09 3.47
CA VAL A 58 -7.06 -1.72 2.69
C VAL A 58 -8.26 -0.76 2.58
N PHE A 59 -8.60 -0.38 1.39
CA PHE A 59 -9.75 0.56 1.21
C PHE A 59 -11.08 -0.17 1.45
N ASP A 60 -12.01 0.49 2.07
CA ASP A 60 -13.33 -0.17 2.34
C ASP A 60 -13.92 -0.72 1.05
N SER A 61 -13.82 0.00 -0.03
CA SER A 61 -14.38 -0.49 -1.32
C SER A 61 -13.23 -0.84 -2.29
N ILE A 62 -13.40 -1.87 -3.07
CA ILE A 62 -12.31 -2.25 -4.03
C ILE A 62 -12.15 -1.15 -5.08
N GLU A 63 -13.23 -0.61 -5.57
CA GLU A 63 -13.14 0.46 -6.60
C GLU A 63 -12.48 1.71 -6.00
N SER A 64 -12.65 1.92 -4.72
CA SER A 64 -12.04 3.13 -4.08
C SER A 64 -10.52 3.09 -4.23
N ALA A 65 -9.95 1.92 -4.18
CA ALA A 65 -8.45 1.81 -4.32
C ALA A 65 -8.04 2.10 -5.77
N LYS A 66 -8.81 1.65 -6.71
CA LYS A 66 -8.46 1.89 -8.14
C LYS A 66 -8.30 3.39 -8.41
N LYS A 67 -9.23 4.18 -7.97
CA LYS A 67 -9.14 5.65 -8.20
C LYS A 67 -8.02 6.25 -7.35
N PHE A 68 -7.80 5.71 -6.18
CA PHE A 68 -6.73 6.24 -5.29
C PHE A 68 -5.34 5.88 -5.84
N VAL A 69 -5.16 4.66 -6.25
CA VAL A 69 -3.82 4.25 -6.79
C VAL A 69 -3.65 4.73 -8.23
N GLU A 70 -4.71 4.80 -8.98
CA GLU A 70 -4.58 5.26 -10.40
C GLU A 70 -4.40 6.79 -10.45
N THR A 71 -4.22 7.41 -9.31
CA THR A 71 -4.03 8.89 -9.29
C THR A 71 -2.58 9.22 -9.64
N PRO A 72 -2.40 10.31 -10.33
CA PRO A 72 -1.04 10.74 -10.74
C PRO A 72 -0.07 10.61 -9.56
N GLY A 73 1.20 10.60 -9.85
CA GLY A 73 2.21 10.47 -8.76
C GLY A 73 1.79 11.32 -7.56
N GLN A 74 1.66 10.71 -6.40
CA GLN A 74 1.25 11.48 -5.20
C GLN A 74 2.34 11.36 -4.12
N LYS A 75 3.00 12.44 -3.81
CA LYS A 75 4.06 12.38 -2.77
C LYS A 75 3.70 13.24 -1.58
N TYR A 76 3.95 12.77 -0.39
CA TYR A 76 3.61 13.57 0.83
C TYR A 76 4.81 14.43 1.23
N LYS A 77 4.59 15.70 1.43
CA LYS A 77 5.70 16.62 1.82
C LYS A 77 6.44 16.08 3.05
N GLU A 78 7.20 16.92 3.72
CA GLU A 78 7.94 16.44 4.91
C GLU A 78 8.48 15.03 4.65
N THR A 79 7.79 14.03 5.10
CA THR A 79 8.26 12.63 4.84
C THR A 79 7.86 12.25 3.41
N ASP A 80 8.78 11.81 2.61
CA ASP A 80 8.43 11.45 1.21
C ASP A 80 7.48 10.26 1.20
N LEU A 81 6.25 10.47 0.82
CA LEU A 81 5.29 9.33 0.77
C LEU A 81 5.10 8.85 -0.66
N LEU A 82 5.28 7.58 -0.90
CA LEU A 82 5.11 7.04 -2.28
C LEU A 82 4.03 5.96 -2.29
N ILE A 83 3.10 6.04 -3.21
CA ILE A 83 2.02 5.02 -3.26
C ILE A 83 2.25 4.04 -4.41
N LEU A 84 2.33 2.77 -4.11
CA LEU A 84 2.56 1.76 -5.18
C LEU A 84 1.42 0.75 -5.20
N PHE A 85 1.09 0.23 -6.36
CA PHE A 85 -0.03 -0.76 -6.43
C PHE A 85 0.49 -2.17 -6.10
N LYS A 86 -0.41 -3.11 -5.93
CA LYS A 86 0.02 -4.50 -5.60
C LYS A 86 0.56 -5.20 -6.84
N ASP A 87 -0.12 -5.07 -7.96
CA ASP A 87 0.35 -5.73 -9.20
C ASP A 87 1.75 -5.26 -9.57
N ASP A 88 2.00 -3.98 -9.50
CA ASP A 88 3.36 -3.47 -9.85
C ASP A 88 4.36 -3.81 -8.74
N TYR A 89 4.01 -3.55 -7.50
CA TYR A 89 4.95 -3.88 -6.40
C TYR A 89 5.23 -5.38 -6.39
N PHE A 90 4.20 -6.17 -6.46
CA PHE A 90 4.41 -7.65 -6.47
C PHE A 90 5.14 -8.05 -7.76
N ALA A 91 4.91 -7.34 -8.82
CA ALA A 91 5.60 -7.69 -10.09
C ALA A 91 7.12 -7.65 -9.89
N LYS A 92 7.62 -6.58 -9.33
CA LYS A 92 9.08 -6.46 -9.09
C LYS A 92 9.52 -7.37 -7.93
N LYS A 93 8.77 -7.39 -6.86
CA LYS A 93 9.15 -8.23 -5.69
C LYS A 93 8.77 -9.70 -5.91
N ASN A 94 7.59 -9.95 -6.38
CA ASN A 94 7.18 -11.36 -6.61
C ASN A 94 7.94 -11.97 -7.78
N GLU A 95 8.08 -11.23 -8.85
CA GLU A 95 8.82 -11.75 -10.02
C GLU A 95 8.22 -13.08 -10.49
N GLU A 96 8.51 -13.50 -11.69
CA GLU A 96 7.94 -14.77 -12.20
C GLU A 96 6.46 -14.88 -11.84
N ARG A 97 5.61 -14.29 -12.63
CA ARG A 97 4.14 -14.36 -12.33
C ARG A 97 3.72 -15.81 -12.11
N LYS A 98 2.69 -16.02 -11.34
CA LYS A 98 2.23 -17.42 -11.07
C LYS A 98 0.72 -17.44 -10.80
N GLN A 99 0.00 -16.52 -11.36
CA GLN A 99 -1.48 -16.49 -11.13
C GLN A 99 -2.18 -17.44 -12.10
N ASN A 100 -3.01 -18.31 -11.60
CA ASN A 100 -3.73 -19.27 -12.49
C ASN A 100 -2.75 -19.91 -13.48
N LYS A 101 -3.20 -20.22 -14.66
CA LYS A 101 -2.29 -20.85 -15.66
C LYS A 101 -2.40 -20.12 -17.00
N VAL A 102 -1.94 -20.73 -18.06
CA VAL A 102 -2.03 -20.08 -19.40
C VAL A 102 -3.41 -20.31 -20.02
N GLU A 103 -4.33 -20.83 -19.25
CA GLU A 103 -5.69 -21.09 -19.80
C GLU A 103 -5.60 -21.85 -21.12
N GLY A 1 -13.43 -12.69 -14.34
CA GLY A 1 -13.03 -11.57 -15.24
C GLY A 1 -14.15 -10.54 -15.31
N ARG A 2 -14.17 -9.61 -14.39
CA ARG A 2 -15.24 -8.57 -14.40
C ARG A 2 -16.62 -9.22 -14.19
N TRP A 3 -16.76 -9.95 -13.13
CA TRP A 3 -18.08 -10.62 -12.86
C TRP A 3 -18.61 -10.20 -11.49
N ILE A 4 -19.85 -10.52 -11.20
CA ILE A 4 -20.43 -10.13 -9.88
C ILE A 4 -20.26 -11.27 -8.87
N LEU A 5 -19.62 -11.01 -7.77
CA LEU A 5 -19.43 -12.09 -6.76
C LEU A 5 -18.91 -11.49 -5.44
N LYS A 6 -18.45 -12.31 -4.55
CA LYS A 6 -17.94 -11.79 -3.25
C LYS A 6 -16.94 -10.65 -3.49
N ASN A 7 -16.45 -10.05 -2.45
CA ASN A 7 -15.47 -8.93 -2.62
C ASN A 7 -14.04 -9.46 -2.47
N ASP A 8 -13.24 -9.34 -3.51
CA ASP A 8 -11.84 -9.84 -3.43
C ASP A 8 -10.99 -8.89 -2.58
N VAL A 9 -10.50 -9.35 -1.46
CA VAL A 9 -9.67 -8.47 -0.59
C VAL A 9 -8.41 -8.03 -1.33
N LYS A 10 -7.92 -8.84 -2.24
CA LYS A 10 -6.69 -8.47 -2.98
C LYS A 10 -6.95 -7.23 -3.85
N ASN A 11 -8.13 -7.14 -4.41
CA ASN A 11 -8.45 -5.96 -5.26
C ASN A 11 -8.58 -4.70 -4.40
N ARG A 12 -8.41 -4.83 -3.12
CA ARG A 12 -8.51 -3.63 -2.23
C ARG A 12 -7.27 -3.51 -1.36
N SER A 13 -6.19 -4.14 -1.74
CA SER A 13 -4.94 -4.06 -0.93
C SER A 13 -3.92 -3.14 -1.63
N VAL A 14 -3.28 -2.29 -0.89
CA VAL A 14 -2.27 -1.38 -1.52
C VAL A 14 -1.03 -1.29 -0.63
N TYR A 15 0.12 -1.03 -1.23
CA TYR A 15 1.36 -0.93 -0.43
C TYR A 15 1.98 0.47 -0.59
N ILE A 16 2.37 1.08 0.50
CA ILE A 16 2.97 2.44 0.42
C ILE A 16 4.32 2.47 1.13
N LYS A 17 5.31 3.08 0.54
CA LYS A 17 6.65 3.13 1.18
C LYS A 17 7.06 4.59 1.42
N GLY A 18 8.06 4.82 2.22
CA GLY A 18 8.49 6.22 2.49
C GLY A 18 7.72 6.77 3.68
N PHE A 19 7.45 5.97 4.66
CA PHE A 19 6.69 6.45 5.84
C PHE A 19 7.65 6.97 6.91
N PRO A 20 7.11 7.69 7.86
CA PRO A 20 7.93 8.26 8.95
C PRO A 20 8.54 7.14 9.81
N THR A 21 9.51 7.46 10.62
CA THR A 21 10.14 6.42 11.48
C THR A 21 9.17 6.01 12.60
N ASP A 22 8.03 6.63 12.67
CA ASP A 22 7.05 6.28 13.73
C ASP A 22 5.64 6.30 13.16
N ALA A 23 5.49 5.90 11.92
CA ALA A 23 4.13 5.89 11.30
C ALA A 23 3.22 4.91 12.03
N THR A 24 2.91 5.19 13.26
CA THR A 24 2.02 4.26 14.03
C THR A 24 0.58 4.40 13.54
N LEU A 25 -0.32 3.63 14.09
CA LEU A 25 -1.74 3.71 13.65
C LEU A 25 -2.26 5.15 13.80
N ASP A 26 -1.86 5.83 14.84
CA ASP A 26 -2.33 7.23 15.04
C ASP A 26 -1.76 8.13 13.95
N ASP A 27 -0.51 7.97 13.62
CA ASP A 27 0.10 8.83 12.54
C ASP A 27 -0.51 8.49 11.19
N ILE A 28 -0.61 7.23 10.86
CA ILE A 28 -1.19 6.84 9.55
C ILE A 28 -2.68 7.16 9.52
N LYS A 29 -3.36 7.01 10.63
CA LYS A 29 -4.82 7.31 10.66
C LYS A 29 -5.07 8.76 10.25
N GLU A 30 -4.15 9.64 10.57
CA GLU A 30 -4.33 11.08 10.19
C GLU A 30 -4.16 11.25 8.68
N TRP A 31 -3.23 10.55 8.11
CA TRP A 31 -3.01 10.66 6.63
C TRP A 31 -4.11 9.93 5.87
N LEU A 32 -4.48 8.75 6.32
CA LEU A 32 -5.55 7.98 5.62
C LEU A 32 -6.91 8.65 5.84
N GLU A 33 -7.23 9.00 7.06
CA GLU A 33 -8.53 9.66 7.34
C GLU A 33 -8.65 10.97 6.57
N ASP A 34 -7.56 11.58 6.23
CA ASP A 34 -7.61 12.86 5.48
C ASP A 34 -7.70 12.60 3.97
N LYS A 35 -7.68 11.36 3.57
CA LYS A 35 -7.77 11.03 2.12
C LYS A 35 -7.66 9.52 1.92
N GLY A 36 -8.77 8.87 1.67
CA GLY A 36 -8.73 7.40 1.46
C GLY A 36 -9.03 6.67 2.77
N GLN A 37 -10.22 6.16 2.91
CA GLN A 37 -10.57 5.44 4.18
C GLN A 37 -10.20 3.96 4.05
N VAL A 38 -9.42 3.45 4.97
CA VAL A 38 -9.02 2.02 4.91
C VAL A 38 -9.69 1.23 6.03
N LEU A 39 -10.41 0.19 5.69
CA LEU A 39 -11.08 -0.63 6.73
C LEU A 39 -10.05 -1.51 7.44
N ASN A 40 -8.92 -1.71 6.84
CA ASN A 40 -7.86 -2.55 7.47
C ASN A 40 -6.48 -2.04 7.06
N ILE A 41 -5.60 -1.85 8.01
CA ILE A 41 -4.24 -1.35 7.68
C ILE A 41 -3.17 -2.17 8.39
N GLN A 42 -2.24 -2.74 7.65
CA GLN A 42 -1.17 -3.54 8.28
C GLN A 42 0.18 -2.83 8.11
N MET A 43 0.77 -2.37 9.17
CA MET A 43 2.09 -1.67 9.04
C MET A 43 3.24 -2.68 9.09
N ARG A 44 4.23 -2.47 8.27
CA ARG A 44 5.40 -3.41 8.26
C ARG A 44 6.55 -2.82 9.08
N ARG A 45 6.91 -3.48 10.15
CA ARG A 45 8.02 -2.98 11.00
C ARG A 45 9.23 -3.91 10.91
N THR A 46 10.35 -3.50 11.44
CA THR A 46 11.57 -4.35 11.37
C THR A 46 12.27 -4.40 12.73
N LEU A 47 13.13 -5.37 12.93
CA LEU A 47 13.84 -5.49 14.24
C LEU A 47 14.33 -4.11 14.72
N HIS A 48 14.41 -3.94 16.01
CA HIS A 48 14.86 -2.64 16.57
C HIS A 48 16.18 -2.20 15.93
N LYS A 49 17.01 -3.14 15.58
CA LYS A 49 18.30 -2.78 14.93
C LYS A 49 18.09 -2.92 13.42
N ALA A 50 16.84 -2.92 13.03
CA ALA A 50 16.49 -3.06 11.60
C ALA A 50 15.80 -1.79 11.09
N PHE A 51 15.74 -1.60 9.80
CA PHE A 51 15.08 -0.38 9.26
C PHE A 51 13.73 -0.72 8.62
N LYS A 52 12.66 -0.25 9.19
CA LYS A 52 11.31 -0.53 8.61
C LYS A 52 10.88 0.62 7.70
N GLY A 53 9.65 1.03 7.79
CA GLY A 53 9.17 2.15 6.93
C GLY A 53 8.21 1.60 5.86
N SER A 54 7.59 0.47 6.12
CA SER A 54 6.65 -0.10 5.12
C SER A 54 5.27 -0.29 5.76
N ILE A 55 4.23 -0.10 5.00
CA ILE A 55 2.86 -0.27 5.58
C ILE A 55 1.90 -0.80 4.50
N PHE A 56 0.79 -1.35 4.92
CA PHE A 56 -0.20 -1.88 3.93
C PHE A 56 -1.60 -1.37 4.29
N VAL A 57 -2.28 -0.77 3.35
CA VAL A 57 -3.65 -0.26 3.63
C VAL A 57 -4.68 -0.94 2.73
N VAL A 58 -5.76 -1.39 3.30
CA VAL A 58 -6.81 -2.07 2.47
C VAL A 58 -8.03 -1.15 2.34
N PHE A 59 -8.34 -0.73 1.14
CA PHE A 59 -9.51 0.17 0.95
C PHE A 59 -10.81 -0.60 1.23
N ASP A 60 -11.75 0.05 1.86
CA ASP A 60 -13.05 -0.64 2.17
C ASP A 60 -13.71 -1.13 0.87
N SER A 61 -13.61 -0.35 -0.18
CA SER A 61 -14.23 -0.79 -1.47
C SER A 61 -13.14 -1.11 -2.49
N ILE A 62 -13.29 -2.19 -3.21
CA ILE A 62 -12.26 -2.57 -4.22
C ILE A 62 -12.20 -1.52 -5.32
N GLU A 63 -13.32 -1.05 -5.77
CA GLU A 63 -13.32 -0.03 -6.86
C GLU A 63 -12.72 1.29 -6.36
N SER A 64 -12.86 1.57 -5.09
CA SER A 64 -12.29 2.84 -4.54
C SER A 64 -10.77 2.85 -4.71
N ALA A 65 -10.14 1.71 -4.67
CA ALA A 65 -8.66 1.66 -4.83
C ALA A 65 -8.27 1.95 -6.27
N LYS A 66 -9.08 1.53 -7.22
CA LYS A 66 -8.75 1.78 -8.65
C LYS A 66 -8.65 3.28 -8.92
N LYS A 67 -9.62 4.04 -8.48
CA LYS A 67 -9.58 5.51 -8.71
C LYS A 67 -8.53 6.17 -7.82
N PHE A 68 -8.44 5.74 -6.59
CA PHE A 68 -7.44 6.34 -5.66
C PHE A 68 -6.02 6.07 -6.16
N VAL A 69 -5.73 4.85 -6.53
CA VAL A 69 -4.37 4.52 -7.03
C VAL A 69 -4.14 5.16 -8.40
N GLU A 70 -5.19 5.32 -9.16
CA GLU A 70 -5.03 5.95 -10.52
C GLU A 70 -4.87 7.47 -10.38
N THR A 71 -4.01 7.91 -9.51
CA THR A 71 -3.82 9.37 -9.32
C THR A 71 -2.36 9.75 -9.61
N PRO A 72 -2.19 10.92 -10.17
CA PRO A 72 -0.83 11.40 -10.50
C PRO A 72 0.12 11.18 -9.33
N GLY A 73 1.40 11.17 -9.57
CA GLY A 73 2.37 10.96 -8.47
C GLY A 73 1.93 11.74 -7.23
N GLN A 74 1.76 11.06 -6.12
CA GLN A 74 1.34 11.77 -4.88
C GLN A 74 2.39 11.54 -3.79
N LYS A 75 3.08 12.58 -3.38
CA LYS A 75 4.12 12.42 -2.34
C LYS A 75 3.76 13.24 -1.10
N TYR A 76 4.09 12.74 0.07
CA TYR A 76 3.78 13.49 1.32
C TYR A 76 5.01 14.27 1.77
N LYS A 77 4.84 15.53 2.08
CA LYS A 77 5.98 16.38 2.52
C LYS A 77 6.71 15.73 3.70
N GLU A 78 7.49 16.49 4.43
CA GLU A 78 8.24 15.91 5.58
C GLU A 78 8.78 14.54 5.18
N THR A 79 8.09 13.48 5.53
CA THR A 79 8.56 12.13 5.13
C THR A 79 8.13 11.87 3.69
N ASP A 80 9.01 11.43 2.85
CA ASP A 80 8.62 11.17 1.44
C ASP A 80 7.62 10.02 1.38
N LEU A 81 6.39 10.31 1.06
CA LEU A 81 5.37 9.21 0.98
C LEU A 81 5.11 8.83 -0.48
N LEU A 82 5.27 7.57 -0.81
CA LEU A 82 5.03 7.14 -2.22
C LEU A 82 3.96 6.04 -2.25
N ILE A 83 2.98 6.18 -3.10
CA ILE A 83 1.91 5.14 -3.17
C ILE A 83 2.20 4.14 -4.29
N LEU A 84 2.27 2.88 -3.98
CA LEU A 84 2.55 1.86 -5.02
C LEU A 84 1.41 0.83 -5.06
N PHE A 85 1.08 0.34 -6.23
CA PHE A 85 -0.02 -0.66 -6.33
C PHE A 85 0.48 -2.04 -5.94
N LYS A 86 -0.41 -2.95 -5.65
CA LYS A 86 0.01 -4.32 -5.26
C LYS A 86 0.46 -5.11 -6.50
N ASP A 87 -0.24 -4.95 -7.59
CA ASP A 87 0.14 -5.68 -8.83
C ASP A 87 1.57 -5.32 -9.23
N ASP A 88 1.95 -4.08 -9.04
CA ASP A 88 3.34 -3.67 -9.40
C ASP A 88 4.33 -4.22 -8.37
N TYR A 89 4.04 -4.07 -7.10
CA TYR A 89 4.97 -4.59 -6.07
C TYR A 89 5.15 -6.09 -6.26
N PHE A 90 4.07 -6.80 -6.41
CA PHE A 90 4.17 -8.27 -6.62
C PHE A 90 4.95 -8.56 -7.92
N ALA A 91 4.83 -7.68 -8.88
CA ALA A 91 5.56 -7.90 -10.17
C ALA A 91 7.07 -8.02 -9.90
N LYS A 92 7.62 -7.09 -9.15
CA LYS A 92 9.07 -7.14 -8.85
C LYS A 92 9.37 -8.28 -7.86
N LYS A 93 8.52 -8.45 -6.87
CA LYS A 93 8.75 -9.53 -5.87
C LYS A 93 8.45 -10.89 -6.48
N ASN A 94 7.39 -10.99 -7.23
CA ASN A 94 7.05 -12.30 -7.86
C ASN A 94 8.26 -12.87 -8.61
N GLU A 95 9.05 -12.02 -9.18
CA GLU A 95 10.25 -12.50 -9.93
C GLU A 95 10.85 -11.35 -10.76
N GLU A 96 12.12 -11.40 -11.02
CA GLU A 96 12.76 -10.32 -11.82
C GLU A 96 11.94 -10.04 -13.09
N ARG A 97 11.66 -8.80 -13.37
CA ARG A 97 10.86 -8.47 -14.58
C ARG A 97 9.53 -9.22 -14.56
N LYS A 98 8.80 -9.19 -15.65
CA LYS A 98 7.49 -9.91 -15.69
C LYS A 98 7.62 -11.19 -16.53
N GLN A 99 7.22 -11.13 -17.77
CA GLN A 99 7.32 -12.35 -18.63
C GLN A 99 8.70 -12.41 -19.30
N ASN A 100 9.16 -13.59 -19.63
CA ASN A 100 10.49 -13.71 -20.28
C ASN A 100 10.36 -14.51 -21.58
N LYS A 101 11.33 -14.41 -22.46
CA LYS A 101 11.27 -15.15 -23.74
C LYS A 101 12.68 -15.33 -24.33
N VAL A 102 12.80 -16.15 -25.34
CA VAL A 102 14.15 -16.35 -25.96
C VAL A 102 14.01 -17.10 -27.29
N GLU A 103 14.02 -16.39 -28.38
CA GLU A 103 13.89 -17.07 -29.71
C GLU A 103 14.77 -18.32 -29.75
N GLY A 1 -11.38 -13.26 -12.35
CA GLY A 1 -12.19 -12.45 -11.39
C GLY A 1 -12.90 -13.37 -10.41
N ARG A 2 -12.19 -13.86 -9.41
CA ARG A 2 -12.83 -14.76 -8.42
C ARG A 2 -13.93 -14.03 -7.65
N TRP A 3 -14.88 -14.74 -7.12
CA TRP A 3 -15.98 -14.08 -6.36
C TRP A 3 -16.38 -14.92 -5.14
N ILE A 4 -15.41 -15.38 -4.40
CA ILE A 4 -15.72 -16.21 -3.20
C ILE A 4 -15.92 -15.32 -1.97
N LEU A 5 -16.84 -15.64 -1.12
CA LEU A 5 -17.08 -14.81 0.09
C LEU A 5 -17.03 -13.32 -0.29
N LYS A 6 -18.09 -12.80 -0.84
CA LYS A 6 -18.11 -11.36 -1.22
C LYS A 6 -17.04 -11.09 -2.28
N ASN A 7 -16.79 -9.84 -2.59
CA ASN A 7 -15.76 -9.52 -3.61
C ASN A 7 -14.36 -9.86 -3.08
N ASP A 8 -13.47 -10.27 -3.95
CA ASP A 8 -12.10 -10.62 -3.48
C ASP A 8 -11.50 -9.46 -2.67
N VAL A 9 -11.12 -9.73 -1.45
CA VAL A 9 -10.53 -8.64 -0.61
C VAL A 9 -9.16 -8.24 -1.14
N LYS A 10 -8.46 -9.16 -1.76
CA LYS A 10 -7.11 -8.83 -2.30
C LYS A 10 -7.23 -7.78 -3.41
N ASN A 11 -8.34 -7.78 -4.11
CA ASN A 11 -8.53 -6.79 -5.19
C ASN A 11 -8.67 -5.38 -4.60
N ARG A 12 -8.66 -5.28 -3.29
CA ARG A 12 -8.80 -3.93 -2.66
C ARG A 12 -7.69 -3.71 -1.63
N SER A 13 -6.49 -4.16 -1.93
CA SER A 13 -5.37 -3.98 -0.97
C SER A 13 -4.40 -2.92 -1.49
N VAL A 14 -3.95 -2.04 -0.64
CA VAL A 14 -3.00 -0.97 -1.08
C VAL A 14 -1.75 -1.00 -0.21
N TYR A 15 -0.60 -0.73 -0.79
CA TYR A 15 0.66 -0.73 0.00
C TYR A 15 1.41 0.58 -0.20
N ILE A 16 1.96 1.13 0.85
CA ILE A 16 2.71 2.40 0.72
C ILE A 16 4.07 2.30 1.41
N LYS A 17 5.11 2.78 0.78
CA LYS A 17 6.46 2.70 1.41
C LYS A 17 7.04 4.10 1.56
N GLY A 18 7.70 4.37 2.66
CA GLY A 18 8.29 5.72 2.87
C GLY A 18 7.53 6.44 3.99
N PHE A 19 6.89 5.70 4.85
CA PHE A 19 6.12 6.34 5.96
C PHE A 19 7.09 7.06 6.92
N PRO A 20 6.54 7.86 7.78
CA PRO A 20 7.35 8.61 8.76
C PRO A 20 8.21 7.65 9.60
N THR A 21 9.21 8.18 10.26
CA THR A 21 10.11 7.33 11.09
C THR A 21 9.36 6.12 11.67
N ASP A 22 8.22 6.33 12.27
CA ASP A 22 7.46 5.18 12.85
C ASP A 22 6.04 5.12 12.28
N ALA A 23 5.47 6.26 11.98
CA ALA A 23 4.09 6.26 11.42
C ALA A 23 3.19 5.32 12.23
N THR A 24 2.82 5.72 13.42
CA THR A 24 1.95 4.84 14.26
C THR A 24 0.51 4.88 13.75
N LEU A 25 -0.37 4.14 14.39
CA LEU A 25 -1.78 4.13 13.95
C LEU A 25 -2.36 5.56 13.96
N ASP A 26 -1.94 6.36 14.89
CA ASP A 26 -2.46 7.77 14.94
C ASP A 26 -1.92 8.57 13.77
N ASP A 27 -0.65 8.42 13.46
CA ASP A 27 -0.06 9.18 12.32
C ASP A 27 -0.66 8.70 11.00
N ILE A 28 -0.90 7.42 10.87
CA ILE A 28 -1.48 6.89 9.60
C ILE A 28 -2.96 7.27 9.51
N LYS A 29 -3.66 7.27 10.61
CA LYS A 29 -5.10 7.62 10.58
C LYS A 29 -5.29 9.03 10.00
N GLU A 30 -4.41 9.93 10.31
CA GLU A 30 -4.54 11.32 9.79
C GLU A 30 -4.26 11.35 8.29
N TRP A 31 -3.19 10.75 7.87
CA TRP A 31 -2.85 10.74 6.42
C TRP A 31 -3.90 9.94 5.64
N LEU A 32 -4.30 8.81 6.17
CA LEU A 32 -5.33 7.98 5.46
C LEU A 32 -6.69 8.68 5.51
N GLU A 33 -7.03 9.26 6.63
CA GLU A 33 -8.34 9.95 6.74
C GLU A 33 -8.48 11.01 5.64
N ASP A 34 -7.38 11.51 5.16
CA ASP A 34 -7.44 12.54 4.10
C ASP A 34 -7.78 11.89 2.75
N LYS A 35 -7.83 10.58 2.71
CA LYS A 35 -8.15 9.89 1.44
C LYS A 35 -9.65 9.54 1.38
N GLY A 36 -10.00 8.29 1.54
CA GLY A 36 -11.43 7.92 1.50
C GLY A 36 -11.82 7.17 2.78
N GLN A 37 -11.99 5.88 2.67
CA GLN A 37 -12.37 5.09 3.88
C GLN A 37 -11.27 4.07 4.22
N VAL A 38 -10.93 3.97 5.48
CA VAL A 38 -9.87 3.00 5.88
C VAL A 38 -10.50 1.84 6.67
N LEU A 39 -10.11 0.63 6.39
CA LEU A 39 -10.70 -0.53 7.13
C LEU A 39 -9.60 -1.37 7.78
N ASN A 40 -8.51 -1.61 7.09
CA ASN A 40 -7.42 -2.43 7.69
C ASN A 40 -6.06 -1.75 7.49
N ILE A 41 -5.21 -1.80 8.48
CA ILE A 41 -3.87 -1.17 8.35
C ILE A 41 -2.79 -2.14 8.84
N GLN A 42 -2.05 -2.72 7.95
CA GLN A 42 -0.97 -3.67 8.37
C GLN A 42 0.39 -2.95 8.42
N MET A 43 0.96 -2.84 9.59
CA MET A 43 2.28 -2.15 9.69
C MET A 43 3.42 -3.14 9.43
N ARG A 44 4.29 -2.82 8.50
CA ARG A 44 5.42 -3.74 8.20
C ARG A 44 6.69 -3.26 8.91
N ARG A 45 7.31 -4.10 9.69
CA ARG A 45 8.54 -3.69 10.42
C ARG A 45 9.73 -4.52 9.95
N THR A 46 10.92 -4.14 10.35
CA THR A 46 12.13 -4.89 9.92
C THR A 46 13.18 -4.91 11.05
N LEU A 47 14.12 -5.81 10.97
CA LEU A 47 15.17 -5.90 12.04
C LEU A 47 15.68 -4.50 12.40
N HIS A 48 16.10 -4.34 13.63
CA HIS A 48 16.61 -3.00 14.08
C HIS A 48 17.68 -2.49 13.12
N LYS A 49 18.43 -3.37 12.53
CA LYS A 49 19.47 -2.95 11.56
C LYS A 49 18.85 -3.09 10.17
N ALA A 50 17.56 -3.16 10.14
CA ALA A 50 16.83 -3.32 8.86
C ALA A 50 15.94 -2.09 8.61
N PHE A 51 15.50 -1.90 7.40
CA PHE A 51 14.65 -0.70 7.10
C PHE A 51 13.17 -1.10 6.96
N LYS A 52 12.34 -0.60 7.83
CA LYS A 52 10.88 -0.92 7.74
C LYS A 52 10.12 0.25 7.12
N GLY A 53 9.37 0.97 7.91
CA GLY A 53 8.60 2.12 7.36
C GLY A 53 7.63 1.64 6.28
N SER A 54 7.25 0.39 6.33
CA SER A 54 6.29 -0.13 5.32
C SER A 54 4.94 -0.42 5.96
N ILE A 55 3.87 -0.21 5.26
CA ILE A 55 2.52 -0.48 5.84
C ILE A 55 1.54 -0.94 4.77
N PHE A 56 0.46 -1.54 5.15
CA PHE A 56 -0.54 -2.02 4.15
C PHE A 56 -1.93 -1.55 4.55
N VAL A 57 -2.71 -1.08 3.61
CA VAL A 57 -4.09 -0.62 3.95
C VAL A 57 -5.11 -1.22 2.98
N VAL A 58 -6.15 -1.82 3.51
CA VAL A 58 -7.18 -2.43 2.62
C VAL A 58 -8.38 -1.48 2.49
N PHE A 59 -8.65 -1.00 1.31
CA PHE A 59 -9.80 -0.08 1.12
C PHE A 59 -11.11 -0.83 1.34
N ASP A 60 -12.11 -0.15 1.85
CA ASP A 60 -13.42 -0.83 2.09
C ASP A 60 -14.14 -1.06 0.77
N SER A 61 -13.99 -0.17 -0.18
CA SER A 61 -14.67 -0.34 -1.49
C SER A 61 -13.63 -0.65 -2.58
N ILE A 62 -13.89 -1.63 -3.40
CA ILE A 62 -12.92 -1.97 -4.48
C ILE A 62 -12.79 -0.81 -5.46
N GLU A 63 -13.89 -0.19 -5.81
CA GLU A 63 -13.83 0.96 -6.76
C GLU A 63 -13.05 2.13 -6.14
N SER A 64 -13.17 2.30 -4.85
CA SER A 64 -12.45 3.42 -4.18
C SER A 64 -10.94 3.12 -4.13
N ALA A 65 -10.58 1.87 -4.05
CA ALA A 65 -9.14 1.51 -4.00
C ALA A 65 -8.49 1.72 -5.37
N LYS A 66 -9.23 1.50 -6.43
CA LYS A 66 -8.67 1.68 -7.80
C LYS A 66 -8.50 3.17 -8.09
N LYS A 67 -9.46 3.98 -7.75
CA LYS A 67 -9.34 5.44 -8.01
C LYS A 67 -8.22 6.05 -7.18
N PHE A 68 -8.01 5.54 -6.00
CA PHE A 68 -6.92 6.10 -5.13
C PHE A 68 -5.56 5.69 -5.69
N VAL A 69 -5.40 4.45 -6.07
CA VAL A 69 -4.09 4.01 -6.62
C VAL A 69 -3.90 4.55 -8.04
N GLU A 70 -4.96 4.68 -8.79
CA GLU A 70 -4.83 5.21 -10.18
C GLU A 70 -4.61 6.72 -10.15
N THR A 71 -3.71 7.18 -9.33
CA THR A 71 -3.44 8.64 -9.26
C THR A 71 -1.96 8.92 -9.55
N PRO A 72 -1.72 10.02 -10.20
CA PRO A 72 -0.33 10.40 -10.55
C PRO A 72 0.59 10.21 -9.35
N GLY A 73 1.88 10.17 -9.57
CA GLY A 73 2.83 9.97 -8.44
C GLY A 73 2.36 10.77 -7.22
N GLN A 74 2.10 10.11 -6.12
CA GLN A 74 1.65 10.84 -4.91
C GLN A 74 2.74 10.82 -3.84
N LYS A 75 3.31 11.95 -3.54
CA LYS A 75 4.40 11.98 -2.51
C LYS A 75 3.98 12.85 -1.32
N TYR A 76 4.26 12.41 -0.13
CA TYR A 76 3.88 13.23 1.06
C TYR A 76 5.09 14.03 1.55
N LYS A 77 4.88 15.29 1.84
CA LYS A 77 6.00 16.16 2.32
C LYS A 77 6.71 15.53 3.51
N GLU A 78 7.46 16.31 4.26
CA GLU A 78 8.17 15.76 5.43
C GLU A 78 8.76 14.39 5.08
N THR A 79 8.15 13.33 5.53
CA THR A 79 8.68 11.98 5.17
C THR A 79 8.24 11.65 3.74
N ASP A 80 9.15 11.24 2.91
CA ASP A 80 8.76 10.91 1.51
C ASP A 80 7.75 9.76 1.50
N LEU A 81 6.53 10.03 1.13
CA LEU A 81 5.51 8.95 1.09
C LEU A 81 5.31 8.45 -0.35
N LEU A 82 5.47 7.18 -0.57
CA LEU A 82 5.28 6.63 -1.95
C LEU A 82 4.20 5.55 -1.94
N ILE A 83 3.27 5.62 -2.84
CA ILE A 83 2.19 4.59 -2.87
C ILE A 83 2.46 3.56 -3.97
N LEU A 84 2.47 2.31 -3.62
CA LEU A 84 2.74 1.24 -4.64
C LEU A 84 1.56 0.26 -4.68
N PHE A 85 1.23 -0.25 -5.84
CA PHE A 85 0.09 -1.21 -5.93
C PHE A 85 0.60 -2.65 -5.98
N LYS A 86 -0.27 -3.58 -6.21
CA LYS A 86 0.14 -5.02 -6.26
C LYS A 86 0.85 -5.33 -7.58
N ASP A 87 0.30 -4.91 -8.68
CA ASP A 87 0.94 -5.20 -10.00
C ASP A 87 2.37 -4.65 -10.03
N ASP A 88 2.57 -3.47 -9.52
CA ASP A 88 3.95 -2.89 -9.52
C ASP A 88 4.82 -3.59 -8.47
N TYR A 89 4.33 -3.75 -7.27
CA TYR A 89 5.14 -4.45 -6.24
C TYR A 89 5.46 -5.86 -6.73
N PHE A 90 4.46 -6.56 -7.18
CA PHE A 90 4.70 -7.94 -7.69
C PHE A 90 5.56 -7.87 -8.95
N ALA A 91 5.42 -6.82 -9.71
CA ALA A 91 6.23 -6.69 -10.95
C ALA A 91 7.67 -6.34 -10.58
N LYS A 92 7.87 -5.35 -9.76
CA LYS A 92 9.25 -4.96 -9.35
C LYS A 92 9.83 -6.01 -8.40
N LYS A 93 9.07 -6.41 -7.41
CA LYS A 93 9.59 -7.42 -6.44
C LYS A 93 10.03 -8.69 -7.17
N ASN A 94 9.21 -9.21 -8.03
CA ASN A 94 9.58 -10.45 -8.77
C ASN A 94 10.76 -10.16 -9.70
N GLU A 95 10.74 -9.04 -10.35
CA GLU A 95 11.86 -8.70 -11.29
C GLU A 95 11.88 -9.66 -12.47
N GLU A 96 10.79 -9.78 -13.18
CA GLU A 96 10.75 -10.71 -14.35
C GLU A 96 9.98 -10.06 -15.50
N ARG A 97 10.65 -9.82 -16.60
CA ARG A 97 9.95 -9.19 -17.76
C ARG A 97 9.50 -10.26 -18.76
N LYS A 98 10.43 -10.81 -19.50
CA LYS A 98 10.06 -11.86 -20.49
C LYS A 98 9.16 -11.27 -21.58
N GLN A 99 9.75 -10.61 -22.54
CA GLN A 99 8.94 -10.00 -23.64
C GLN A 99 8.53 -11.09 -24.65
N ASN A 100 7.28 -11.13 -25.01
CA ASN A 100 6.82 -12.15 -25.99
C ASN A 100 6.87 -11.59 -27.41
N LYS A 101 6.83 -10.28 -27.54
CA LYS A 101 6.86 -9.68 -28.90
C LYS A 101 8.21 -9.96 -29.58
N VAL A 102 8.41 -9.47 -30.77
CA VAL A 102 9.70 -9.72 -31.47
C VAL A 102 10.03 -11.21 -31.45
N GLU A 103 9.75 -11.91 -32.53
CA GLU A 103 10.05 -13.36 -32.57
C GLU A 103 11.46 -13.63 -32.05
N GLY A 1 -25.35 -9.06 -11.90
CA GLY A 1 -24.68 -9.18 -10.58
C GLY A 1 -24.97 -10.56 -9.99
N ARG A 2 -23.98 -11.20 -9.43
CA ARG A 2 -24.21 -12.55 -8.83
C ARG A 2 -23.45 -12.68 -7.51
N TRP A 3 -23.67 -13.75 -6.79
CA TRP A 3 -22.96 -13.94 -5.49
C TRP A 3 -23.27 -12.78 -4.54
N ILE A 4 -22.76 -12.83 -3.34
CA ILE A 4 -23.03 -11.74 -2.37
C ILE A 4 -21.89 -10.71 -2.40
N LEU A 5 -22.19 -9.47 -2.68
CA LEU A 5 -21.12 -8.44 -2.72
C LEU A 5 -19.92 -8.95 -3.52
N LYS A 6 -19.90 -8.73 -4.80
CA LYS A 6 -18.76 -9.20 -5.64
C LYS A 6 -17.57 -8.24 -5.51
N ASN A 7 -17.05 -8.08 -4.32
CA ASN A 7 -15.90 -7.17 -4.14
C ASN A 7 -14.58 -7.96 -4.15
N ASP A 8 -13.68 -7.62 -5.02
CA ASP A 8 -12.38 -8.36 -5.09
C ASP A 8 -11.46 -7.92 -3.94
N VAL A 9 -11.04 -8.84 -3.12
CA VAL A 9 -10.14 -8.48 -1.99
C VAL A 9 -8.79 -7.99 -2.52
N LYS A 10 -8.39 -8.46 -3.68
CA LYS A 10 -7.09 -8.02 -4.26
C LYS A 10 -7.13 -6.53 -4.57
N ASN A 11 -8.18 -6.07 -5.17
CA ASN A 11 -8.30 -4.63 -5.51
C ASN A 11 -8.59 -3.81 -4.24
N ARG A 12 -8.63 -4.46 -3.11
CA ARG A 12 -8.93 -3.72 -1.85
C ARG A 12 -7.67 -3.66 -0.97
N SER A 13 -6.58 -4.20 -1.44
CA SER A 13 -5.33 -4.17 -0.63
C SER A 13 -4.37 -3.11 -1.20
N VAL A 14 -3.84 -2.27 -0.35
CA VAL A 14 -2.90 -1.22 -0.83
C VAL A 14 -1.58 -1.30 -0.06
N TYR A 15 -0.50 -0.88 -0.67
CA TYR A 15 0.82 -0.93 0.02
C TYR A 15 1.61 0.35 -0.24
N ILE A 16 2.17 0.94 0.80
CA ILE A 16 2.95 2.19 0.60
C ILE A 16 4.29 2.10 1.35
N LYS A 17 5.32 2.70 0.82
CA LYS A 17 6.64 2.64 1.49
C LYS A 17 7.19 4.06 1.69
N GLY A 18 8.20 4.20 2.51
CA GLY A 18 8.78 5.56 2.74
C GLY A 18 8.03 6.25 3.88
N PHE A 19 7.55 5.50 4.83
CA PHE A 19 6.81 6.12 5.97
C PHE A 19 7.80 6.65 7.01
N PRO A 20 7.32 7.57 7.81
CA PRO A 20 8.18 8.18 8.86
C PRO A 20 8.59 7.12 9.88
N THR A 21 9.41 7.49 10.84
CA THR A 21 9.86 6.51 11.86
C THR A 21 8.92 6.56 13.09
N ASP A 22 7.70 6.97 12.89
CA ASP A 22 6.74 7.03 14.03
C ASP A 22 5.31 6.92 13.51
N ALA A 23 5.14 6.40 12.32
CA ALA A 23 3.77 6.25 11.76
C ALA A 23 2.96 5.28 12.61
N THR A 24 2.62 5.68 13.81
CA THR A 24 1.81 4.78 14.69
C THR A 24 0.36 4.75 14.22
N LEU A 25 -0.47 3.98 14.87
CA LEU A 25 -1.90 3.92 14.44
C LEU A 25 -2.51 5.32 14.41
N ASP A 26 -2.20 6.13 15.39
CA ASP A 26 -2.75 7.52 15.41
C ASP A 26 -2.13 8.36 14.30
N ASP A 27 -0.83 8.23 14.11
CA ASP A 27 -0.16 9.02 13.04
C ASP A 27 -0.60 8.52 11.66
N ILE A 28 -0.59 7.24 11.45
CA ILE A 28 -1.01 6.69 10.13
C ILE A 28 -2.47 7.08 9.85
N LYS A 29 -3.29 7.13 10.86
CA LYS A 29 -4.71 7.50 10.66
C LYS A 29 -4.80 8.93 10.10
N GLU A 30 -3.88 9.77 10.46
CA GLU A 30 -3.91 11.18 9.95
C GLU A 30 -3.70 11.19 8.44
N TRP A 31 -2.70 10.48 7.97
CA TRP A 31 -2.45 10.45 6.50
C TRP A 31 -3.58 9.69 5.80
N LEU A 32 -4.03 8.61 6.38
CA LEU A 32 -5.14 7.83 5.76
C LEU A 32 -6.45 8.62 5.84
N GLU A 33 -6.68 9.27 6.96
CA GLU A 33 -7.94 10.06 7.11
C GLU A 33 -8.04 11.08 5.98
N ASP A 34 -6.93 11.50 5.45
CA ASP A 34 -6.96 12.51 4.33
C ASP A 34 -7.37 11.83 3.02
N LYS A 35 -7.55 10.53 3.05
CA LYS A 35 -7.96 9.81 1.81
C LYS A 35 -9.48 9.57 1.82
N GLY A 36 -9.90 8.37 2.13
CA GLY A 36 -11.37 8.09 2.15
C GLY A 36 -11.71 7.27 3.39
N GLN A 37 -11.99 6.02 3.24
CA GLN A 37 -12.33 5.17 4.41
C GLN A 37 -11.27 4.08 4.61
N VAL A 38 -10.84 3.87 5.83
CA VAL A 38 -9.81 2.81 6.08
C VAL A 38 -10.44 1.66 6.87
N LEU A 39 -10.61 0.52 6.25
CA LEU A 39 -11.21 -0.64 6.97
C LEU A 39 -10.15 -1.33 7.83
N ASN A 40 -8.95 -1.47 7.31
CA ASN A 40 -7.88 -2.14 8.10
C ASN A 40 -6.51 -1.81 7.48
N ILE A 41 -5.51 -1.63 8.30
CA ILE A 41 -4.16 -1.31 7.75
C ILE A 41 -3.09 -2.18 8.44
N GLN A 42 -2.26 -2.83 7.67
CA GLN A 42 -1.21 -3.70 8.28
C GLN A 42 0.14 -2.97 8.27
N MET A 43 0.69 -2.70 9.42
CA MET A 43 2.00 -1.99 9.47
C MET A 43 3.16 -2.99 9.36
N ARG A 44 3.99 -2.84 8.38
CA ARG A 44 5.14 -3.78 8.21
C ARG A 44 6.34 -3.30 9.04
N ARG A 45 6.73 -4.08 10.02
CA ARG A 45 7.89 -3.67 10.87
C ARG A 45 9.10 -4.55 10.57
N THR A 46 10.24 -4.19 11.11
CA THR A 46 11.47 -4.99 10.84
C THR A 46 12.24 -5.22 12.15
N LEU A 47 13.12 -6.18 12.16
CA LEU A 47 13.90 -6.47 13.40
C LEU A 47 14.38 -5.16 14.06
N HIS A 48 14.53 -5.17 15.36
CA HIS A 48 14.96 -3.94 16.08
C HIS A 48 16.25 -3.39 15.47
N LYS A 49 17.08 -4.24 14.95
CA LYS A 49 18.32 -3.75 14.30
C LYS A 49 18.04 -3.68 12.80
N ALA A 50 16.79 -3.67 12.47
CA ALA A 50 16.37 -3.62 11.05
C ALA A 50 15.62 -2.32 10.77
N PHE A 51 15.48 -1.95 9.52
CA PHE A 51 14.75 -0.67 9.20
C PHE A 51 13.39 -0.98 8.58
N LYS A 52 12.33 -0.57 9.23
CA LYS A 52 10.97 -0.83 8.68
C LYS A 52 10.45 0.43 7.97
N GLY A 53 9.20 0.75 8.15
CA GLY A 53 8.63 1.95 7.49
C GLY A 53 7.66 1.52 6.38
N SER A 54 7.19 0.31 6.43
CA SER A 54 6.24 -0.17 5.38
C SER A 54 4.86 -0.41 5.99
N ILE A 55 3.82 -0.17 5.25
CA ILE A 55 2.45 -0.38 5.81
C ILE A 55 1.49 -0.84 4.70
N PHE A 56 0.38 -1.41 5.06
CA PHE A 56 -0.60 -1.86 4.03
C PHE A 56 -1.99 -1.32 4.36
N VAL A 57 -2.69 -0.82 3.37
CA VAL A 57 -4.05 -0.27 3.63
C VAL A 57 -5.11 -1.12 2.93
N VAL A 58 -6.22 -1.34 3.57
CA VAL A 58 -7.29 -2.17 2.94
C VAL A 58 -8.56 -1.32 2.72
N PHE A 59 -8.95 -1.14 1.49
CA PHE A 59 -10.16 -0.33 1.21
C PHE A 59 -11.42 -1.22 1.27
N ASP A 60 -12.57 -0.61 1.40
CA ASP A 60 -13.83 -1.42 1.46
C ASP A 60 -14.48 -1.50 0.08
N SER A 61 -14.21 -0.56 -0.77
CA SER A 61 -14.80 -0.59 -2.13
C SER A 61 -13.72 -0.88 -3.18
N ILE A 62 -14.02 -1.72 -4.14
CA ILE A 62 -13.00 -2.03 -5.18
C ILE A 62 -12.72 -0.79 -6.04
N GLU A 63 -13.75 -0.07 -6.40
CA GLU A 63 -13.55 1.15 -7.23
C GLU A 63 -12.83 2.23 -6.42
N SER A 64 -13.03 2.24 -5.12
CA SER A 64 -12.36 3.27 -4.28
C SER A 64 -10.84 3.01 -4.22
N ALA A 65 -10.44 1.77 -4.13
CA ALA A 65 -8.98 1.46 -4.08
C ALA A 65 -8.35 1.68 -5.46
N LYS A 66 -9.00 1.22 -6.49
CA LYS A 66 -8.43 1.39 -7.86
C LYS A 66 -8.22 2.88 -8.16
N LYS A 67 -9.18 3.70 -7.90
CA LYS A 67 -9.03 5.16 -8.17
C LYS A 67 -7.95 5.75 -7.25
N PHE A 68 -7.78 5.19 -6.09
CA PHE A 68 -6.75 5.71 -5.15
C PHE A 68 -5.35 5.35 -5.66
N VAL A 69 -5.14 4.12 -6.04
CA VAL A 69 -3.80 3.71 -6.54
C VAL A 69 -3.63 4.16 -8.00
N GLU A 70 -4.70 4.24 -8.73
CA GLU A 70 -4.60 4.67 -10.16
C GLU A 70 -4.36 6.18 -10.25
N THR A 71 -4.17 6.82 -9.13
CA THR A 71 -3.92 8.29 -9.14
C THR A 71 -2.46 8.57 -9.50
N PRO A 72 -2.24 9.63 -10.21
CA PRO A 72 -0.87 10.00 -10.63
C PRO A 72 0.10 9.85 -9.46
N GLY A 73 1.37 9.80 -9.73
CA GLY A 73 2.37 9.64 -8.63
C GLY A 73 1.98 10.53 -7.45
N GLN A 74 1.86 9.96 -6.28
CA GLN A 74 1.48 10.78 -5.09
C GLN A 74 2.57 10.66 -4.02
N LYS A 75 3.27 11.74 -3.76
CA LYS A 75 4.35 11.68 -2.73
C LYS A 75 3.98 12.55 -1.52
N TYR A 76 4.37 12.15 -0.34
CA TYR A 76 4.04 12.96 0.86
C TYR A 76 5.23 13.84 1.25
N LYS A 77 4.99 15.11 1.40
CA LYS A 77 6.09 16.07 1.77
C LYS A 77 6.83 15.57 3.01
N GLU A 78 7.58 16.44 3.66
CA GLU A 78 8.33 16.00 4.87
C GLU A 78 8.91 14.61 4.65
N THR A 79 8.25 13.60 5.13
CA THR A 79 8.75 12.21 4.89
C THR A 79 8.40 11.79 3.47
N ASP A 80 9.35 11.33 2.71
CA ASP A 80 9.04 10.92 1.31
C ASP A 80 8.08 9.73 1.30
N LEU A 81 6.86 9.92 0.87
CA LEU A 81 5.91 8.77 0.84
C LEU A 81 5.69 8.31 -0.60
N LEU A 82 5.79 7.02 -0.84
CA LEU A 82 5.58 6.49 -2.22
C LEU A 82 4.45 5.46 -2.21
N ILE A 83 3.47 5.62 -3.07
CA ILE A 83 2.34 4.65 -3.10
C ILE A 83 2.43 3.75 -4.33
N LEU A 84 2.51 2.46 -4.12
CA LEU A 84 2.60 1.53 -5.29
C LEU A 84 1.44 0.52 -5.23
N PHE A 85 1.09 -0.05 -6.35
CA PHE A 85 -0.03 -1.04 -6.35
C PHE A 85 0.53 -2.46 -6.19
N LYS A 86 -0.29 -3.39 -5.79
CA LYS A 86 0.22 -4.79 -5.63
C LYS A 86 0.73 -5.32 -6.96
N ASP A 87 0.00 -5.10 -8.03
CA ASP A 87 0.45 -5.59 -9.36
C ASP A 87 1.76 -4.91 -9.76
N ASP A 88 1.85 -3.62 -9.57
CA ASP A 88 3.10 -2.89 -9.95
C ASP A 88 4.22 -3.20 -8.95
N TYR A 89 3.95 -3.12 -7.68
CA TYR A 89 5.02 -3.43 -6.68
C TYR A 89 5.49 -4.87 -6.90
N PHE A 90 4.56 -5.78 -6.99
CA PHE A 90 4.96 -7.20 -7.23
C PHE A 90 5.66 -7.30 -8.58
N ALA A 91 5.29 -6.46 -9.51
CA ALA A 91 5.94 -6.49 -10.86
C ALA A 91 7.34 -5.88 -10.77
N LYS A 92 7.46 -4.72 -10.18
CA LYS A 92 8.78 -4.06 -10.07
C LYS A 92 9.66 -4.78 -9.05
N LYS A 93 9.16 -4.99 -7.86
CA LYS A 93 9.97 -5.68 -6.81
C LYS A 93 10.45 -7.04 -7.33
N ASN A 94 9.60 -7.74 -8.03
CA ASN A 94 10.00 -9.09 -8.55
C ASN A 94 11.07 -8.92 -9.63
N GLU A 95 10.84 -8.05 -10.57
CA GLU A 95 11.84 -7.83 -11.66
C GLU A 95 12.10 -9.13 -12.42
N GLU A 96 11.90 -9.13 -13.71
CA GLU A 96 12.13 -10.37 -14.50
C GLU A 96 13.42 -10.24 -15.31
N ARG A 97 13.35 -9.63 -16.46
CA ARG A 97 14.57 -9.47 -17.30
C ARG A 97 14.57 -8.10 -17.98
N LYS A 98 13.79 -7.18 -17.48
CA LYS A 98 13.74 -5.82 -18.09
C LYS A 98 13.57 -4.75 -16.99
N GLN A 99 14.64 -4.39 -16.34
CA GLN A 99 14.54 -3.35 -15.27
C GLN A 99 14.05 -2.02 -15.86
N ASN A 100 13.01 -1.46 -15.31
CA ASN A 100 12.49 -0.17 -15.83
C ASN A 100 11.98 0.70 -14.69
N LYS A 101 12.59 1.85 -14.48
CA LYS A 101 12.13 2.73 -13.38
C LYS A 101 10.65 3.09 -13.55
N VAL A 102 10.24 3.38 -14.75
CA VAL A 102 8.81 3.74 -15.00
C VAL A 102 8.58 4.08 -16.47
N GLU A 103 9.58 4.62 -17.13
CA GLU A 103 9.42 4.98 -18.56
C GLU A 103 10.79 5.15 -19.22
N GLY A 1 -13.99 -6.35 -12.07
CA GLY A 1 -15.04 -5.94 -11.09
C GLY A 1 -16.42 -6.17 -11.72
N ARG A 2 -16.60 -7.29 -12.38
CA ARG A 2 -17.93 -7.57 -13.00
C ARG A 2 -18.66 -8.65 -12.20
N TRP A 3 -19.03 -8.34 -10.98
CA TRP A 3 -19.76 -9.34 -10.14
C TRP A 3 -18.97 -10.65 -10.11
N ILE A 4 -17.73 -10.61 -9.71
CA ILE A 4 -16.91 -11.85 -9.65
C ILE A 4 -17.01 -12.47 -8.25
N LEU A 5 -16.99 -13.77 -8.16
CA LEU A 5 -17.07 -14.43 -6.83
C LEU A 5 -15.92 -13.96 -5.93
N LYS A 6 -16.15 -13.87 -4.65
CA LYS A 6 -15.07 -13.42 -3.73
C LYS A 6 -14.62 -12.00 -4.09
N ASN A 7 -14.33 -11.19 -3.10
CA ASN A 7 -13.89 -9.80 -3.39
C ASN A 7 -12.51 -9.80 -4.06
N ASP A 8 -12.23 -8.81 -4.86
CA ASP A 8 -10.91 -8.76 -5.55
C ASP A 8 -9.84 -8.22 -4.59
N VAL A 9 -9.08 -9.09 -3.99
CA VAL A 9 -8.03 -8.63 -3.04
C VAL A 9 -7.02 -7.73 -3.76
N LYS A 10 -6.92 -7.85 -5.07
CA LYS A 10 -5.97 -7.01 -5.83
C LYS A 10 -6.38 -5.53 -5.73
N ASN A 11 -7.65 -5.27 -5.77
CA ASN A 11 -8.13 -3.86 -5.67
C ASN A 11 -8.45 -3.53 -4.22
N ARG A 12 -8.63 -4.53 -3.40
CA ARG A 12 -8.94 -4.26 -1.96
C ARG A 12 -7.65 -4.27 -1.14
N SER A 13 -6.60 -4.82 -1.69
CA SER A 13 -5.31 -4.85 -0.94
C SER A 13 -4.34 -3.80 -1.50
N VAL A 14 -3.78 -2.99 -0.66
CA VAL A 14 -2.83 -1.94 -1.13
C VAL A 14 -1.69 -1.75 -0.13
N TYR A 15 -0.56 -1.28 -0.58
CA TYR A 15 0.58 -1.07 0.35
C TYR A 15 1.21 0.31 0.10
N ILE A 16 1.57 1.01 1.14
CA ILE A 16 2.19 2.35 0.96
C ILE A 16 3.57 2.40 1.62
N LYS A 17 4.53 2.98 0.97
CA LYS A 17 5.89 3.07 1.57
C LYS A 17 6.32 4.53 1.71
N GLY A 18 7.17 4.83 2.65
CA GLY A 18 7.62 6.24 2.82
C GLY A 18 6.79 6.91 3.90
N PHE A 19 6.65 6.28 5.04
CA PHE A 19 5.85 6.90 6.13
C PHE A 19 6.78 7.40 7.25
N PRO A 20 6.20 8.14 8.16
CA PRO A 20 6.98 8.70 9.29
C PRO A 20 7.81 7.60 9.97
N THR A 21 8.91 7.97 10.58
CA THR A 21 9.76 6.95 11.25
C THR A 21 8.89 5.95 12.02
N ASP A 22 7.92 6.42 12.74
CA ASP A 22 7.05 5.48 13.52
C ASP A 22 5.82 5.10 12.69
N ALA A 23 5.26 6.03 11.98
CA ALA A 23 4.06 5.72 11.14
C ALA A 23 3.12 4.79 11.89
N THR A 24 2.69 5.18 13.07
CA THR A 24 1.77 4.32 13.85
C THR A 24 0.37 4.34 13.24
N LEU A 25 -0.54 3.57 13.79
CA LEU A 25 -1.93 3.55 13.24
C LEU A 25 -2.52 4.97 13.26
N ASP A 26 -2.19 5.75 14.24
CA ASP A 26 -2.73 7.14 14.31
C ASP A 26 -2.13 8.01 13.21
N ASP A 27 -0.86 7.89 12.96
CA ASP A 27 -0.21 8.70 11.89
C ASP A 27 -0.71 8.26 10.51
N ILE A 28 -0.71 6.98 10.26
CA ILE A 28 -1.18 6.47 8.93
C ILE A 28 -2.67 6.79 8.75
N LYS A 29 -3.44 6.71 9.80
CA LYS A 29 -4.89 7.00 9.69
C LYS A 29 -5.12 8.49 9.44
N GLU A 30 -4.22 9.31 9.89
CA GLU A 30 -4.38 10.78 9.68
C GLU A 30 -4.19 11.14 8.21
N TRP A 31 -3.15 10.64 7.61
CA TRP A 31 -2.89 10.95 6.17
C TRP A 31 -3.94 10.28 5.29
N LEU A 32 -4.28 9.05 5.57
CA LEU A 32 -5.31 8.35 4.75
C LEU A 32 -6.70 8.96 4.99
N GLU A 33 -7.05 9.16 6.23
CA GLU A 33 -8.40 9.75 6.53
C GLU A 33 -8.58 11.07 5.78
N ASP A 34 -7.50 11.72 5.45
CA ASP A 34 -7.61 13.03 4.73
C ASP A 34 -8.00 12.79 3.26
N LYS A 35 -8.08 11.56 2.84
CA LYS A 35 -8.45 11.29 1.42
C LYS A 35 -8.76 9.80 1.20
N GLY A 36 -9.04 9.08 2.24
CA GLY A 36 -9.34 7.63 2.09
C GLY A 36 -9.41 6.96 3.46
N GLN A 37 -10.24 5.96 3.59
CA GLN A 37 -10.37 5.26 4.90
C GLN A 37 -9.91 3.81 4.77
N VAL A 38 -9.03 3.38 5.63
CA VAL A 38 -8.54 1.97 5.55
C VAL A 38 -9.11 1.15 6.71
N LEU A 39 -9.64 -0.01 6.44
CA LEU A 39 -10.20 -0.85 7.53
C LEU A 39 -9.12 -1.76 8.12
N ASN A 40 -8.11 -2.08 7.35
CA ASN A 40 -7.02 -2.95 7.87
C ASN A 40 -5.66 -2.29 7.65
N ILE A 41 -4.85 -2.25 8.68
CA ILE A 41 -3.50 -1.62 8.54
C ILE A 41 -2.42 -2.52 9.15
N GLN A 42 -1.63 -3.15 8.32
CA GLN A 42 -0.56 -4.04 8.86
C GLN A 42 0.78 -3.31 8.84
N MET A 43 1.53 -3.38 9.91
CA MET A 43 2.84 -2.68 9.94
C MET A 43 3.94 -3.57 9.34
N ARG A 44 4.60 -3.10 8.32
CA ARG A 44 5.69 -3.91 7.69
C ARG A 44 7.04 -3.44 8.20
N ARG A 45 7.92 -4.35 8.52
CA ARG A 45 9.27 -3.94 9.03
C ARG A 45 10.37 -4.44 8.10
N THR A 46 11.43 -3.69 8.00
CA THR A 46 12.56 -4.07 7.12
C THR A 46 13.69 -4.71 7.94
N LEU A 47 14.58 -5.41 7.28
CA LEU A 47 15.70 -6.07 8.01
C LEU A 47 16.30 -5.13 9.06
N HIS A 48 16.83 -5.69 10.11
CA HIS A 48 17.43 -4.84 11.20
C HIS A 48 18.43 -3.85 10.62
N LYS A 49 19.09 -4.22 9.57
CA LYS A 49 20.05 -3.28 8.92
C LYS A 49 19.29 -2.55 7.82
N ALA A 50 18.00 -2.69 7.86
CA ALA A 50 17.13 -2.07 6.84
C ALA A 50 16.21 -1.03 7.51
N PHE A 51 15.63 -0.15 6.75
CA PHE A 51 14.74 0.90 7.37
C PHE A 51 13.27 0.50 7.26
N LYS A 52 12.61 0.37 8.39
CA LYS A 52 11.16 0.00 8.36
C LYS A 52 10.32 1.20 7.92
N GLY A 53 9.16 1.37 8.49
CA GLY A 53 8.30 2.52 8.10
C GLY A 53 7.36 2.11 6.97
N SER A 54 7.14 0.83 6.79
CA SER A 54 6.22 0.38 5.71
C SER A 54 4.95 -0.20 6.31
N ILE A 55 3.83 -0.01 5.66
CA ILE A 55 2.55 -0.54 6.21
C ILE A 55 1.61 -0.93 5.07
N PHE A 56 0.62 -1.73 5.35
CA PHE A 56 -0.35 -2.14 4.29
C PHE A 56 -1.73 -1.57 4.62
N VAL A 57 -2.39 -0.98 3.66
CA VAL A 57 -3.73 -0.41 3.94
C VAL A 57 -4.79 -1.08 3.05
N VAL A 58 -5.83 -1.58 3.65
CA VAL A 58 -6.91 -2.24 2.86
C VAL A 58 -8.15 -1.34 2.84
N PHE A 59 -8.53 -0.87 1.68
CA PHE A 59 -9.73 0.01 1.61
C PHE A 59 -11.01 -0.81 1.70
N ASP A 60 -12.12 -0.19 1.97
CA ASP A 60 -13.41 -0.94 2.08
C ASP A 60 -14.05 -1.07 0.70
N SER A 61 -13.79 -0.15 -0.19
CA SER A 61 -14.39 -0.23 -1.55
C SER A 61 -13.30 -0.55 -2.59
N ILE A 62 -13.55 -1.49 -3.46
CA ILE A 62 -12.53 -1.83 -4.49
C ILE A 62 -12.35 -0.66 -5.46
N GLU A 63 -13.44 -0.07 -5.87
CA GLU A 63 -13.34 1.08 -6.82
C GLU A 63 -12.58 2.24 -6.17
N SER A 64 -12.67 2.38 -4.88
CA SER A 64 -11.96 3.49 -4.19
C SER A 64 -10.44 3.23 -4.19
N ALA A 65 -10.04 1.99 -4.13
CA ALA A 65 -8.58 1.68 -4.13
C ALA A 65 -7.98 1.92 -5.51
N LYS A 66 -8.74 1.66 -6.54
CA LYS A 66 -8.21 1.87 -7.93
C LYS A 66 -8.06 3.36 -8.22
N LYS A 67 -9.03 4.16 -7.84
CA LYS A 67 -8.94 5.62 -8.11
C LYS A 67 -7.71 6.21 -7.40
N PHE A 68 -7.36 5.68 -6.26
CA PHE A 68 -6.17 6.20 -5.53
C PHE A 68 -4.90 5.90 -6.33
N VAL A 69 -4.80 4.73 -6.88
CA VAL A 69 -3.59 4.37 -7.67
C VAL A 69 -3.64 5.01 -9.06
N GLU A 70 -4.82 5.23 -9.57
CA GLU A 70 -4.95 5.85 -10.92
C GLU A 70 -4.65 7.35 -10.82
N THR A 71 -4.40 7.83 -9.64
CA THR A 71 -4.11 9.29 -9.46
C THR A 71 -2.62 9.55 -9.71
N PRO A 72 -2.34 10.68 -10.29
CA PRO A 72 -0.94 11.05 -10.60
C PRO A 72 -0.04 10.78 -9.39
N GLY A 73 1.24 10.67 -9.61
CA GLY A 73 2.17 10.39 -8.48
C GLY A 73 1.78 11.25 -7.27
N GLN A 74 1.71 10.66 -6.11
CA GLN A 74 1.34 11.44 -4.90
C GLN A 74 2.46 11.35 -3.86
N LYS A 75 3.11 12.45 -3.59
CA LYS A 75 4.22 12.42 -2.58
C LYS A 75 3.86 13.31 -1.39
N TYR A 76 4.15 12.86 -0.20
CA TYR A 76 3.85 13.70 1.00
C TYR A 76 5.11 14.38 1.51
N LYS A 77 5.05 15.66 1.74
CA LYS A 77 6.24 16.42 2.24
C LYS A 77 6.84 15.74 3.48
N GLU A 78 7.59 16.48 4.26
CA GLU A 78 8.20 15.87 5.48
C GLU A 78 8.80 14.51 5.12
N THR A 79 8.08 13.45 5.35
CA THR A 79 8.61 12.11 4.99
C THR A 79 8.16 11.76 3.57
N ASP A 80 9.08 11.39 2.71
CA ASP A 80 8.68 11.05 1.32
C ASP A 80 7.61 9.95 1.32
N LEU A 81 6.40 10.30 1.00
CA LEU A 81 5.32 9.27 0.99
C LEU A 81 5.00 8.85 -0.44
N LEU A 82 5.19 7.60 -0.77
CA LEU A 82 4.89 7.13 -2.15
C LEU A 82 3.85 6.00 -2.10
N ILE A 83 2.82 6.08 -2.90
CA ILE A 83 1.78 5.01 -2.89
C ILE A 83 2.06 3.99 -4.00
N LEU A 84 2.11 2.73 -3.66
CA LEU A 84 2.37 1.69 -4.68
C LEU A 84 1.22 0.67 -4.70
N PHE A 85 0.89 0.17 -5.85
CA PHE A 85 -0.23 -0.82 -5.94
C PHE A 85 0.32 -2.25 -5.76
N LYS A 86 -0.56 -3.20 -5.52
CA LYS A 86 -0.10 -4.60 -5.34
C LYS A 86 0.44 -5.16 -6.66
N ASP A 87 -0.23 -4.87 -7.75
CA ASP A 87 0.25 -5.39 -9.06
C ASP A 87 1.67 -4.91 -9.34
N ASP A 88 1.95 -3.66 -9.05
CA ASP A 88 3.32 -3.14 -9.31
C ASP A 88 4.29 -3.68 -8.24
N TYR A 89 3.91 -3.62 -6.99
CA TYR A 89 4.82 -4.14 -5.93
C TYR A 89 5.14 -5.61 -6.21
N PHE A 90 4.13 -6.40 -6.47
CA PHE A 90 4.37 -7.83 -6.78
C PHE A 90 5.14 -7.95 -8.09
N ALA A 91 4.92 -7.04 -9.00
CA ALA A 91 5.65 -7.09 -10.30
C ALA A 91 7.13 -6.77 -10.07
N LYS A 92 7.42 -5.71 -9.38
CA LYS A 92 8.84 -5.33 -9.12
C LYS A 92 9.46 -6.29 -8.08
N LYS A 93 8.80 -6.47 -6.98
CA LYS A 93 9.33 -7.37 -5.92
C LYS A 93 9.56 -8.78 -6.49
N ASN A 94 8.66 -9.25 -7.29
CA ASN A 94 8.82 -10.62 -7.88
C ASN A 94 10.19 -10.76 -8.53
N GLU A 95 10.60 -9.77 -9.27
CA GLU A 95 11.94 -9.83 -9.94
C GLU A 95 12.20 -8.55 -10.72
N GLU A 96 13.27 -8.51 -11.47
CA GLU A 96 13.58 -7.28 -12.26
C GLU A 96 13.56 -7.61 -13.76
N ARG A 97 14.26 -6.84 -14.55
CA ARG A 97 14.29 -7.11 -16.02
C ARG A 97 14.73 -8.55 -16.29
N LYS A 98 14.84 -8.93 -17.53
CA LYS A 98 15.27 -10.32 -17.85
C LYS A 98 16.74 -10.33 -18.26
N GLN A 99 17.52 -9.41 -17.76
CA GLN A 99 18.97 -9.38 -18.11
C GLN A 99 19.66 -10.65 -17.61
N ASN A 100 20.28 -11.39 -18.49
CA ASN A 100 20.98 -12.63 -18.07
C ASN A 100 22.34 -12.74 -18.76
N LYS A 101 23.10 -11.68 -18.78
CA LYS A 101 24.43 -11.72 -19.45
C LYS A 101 24.27 -11.97 -20.95
N VAL A 102 25.33 -11.92 -21.69
CA VAL A 102 25.24 -12.15 -23.16
C VAL A 102 24.31 -13.34 -23.45
N GLU A 103 24.72 -14.52 -23.10
CA GLU A 103 23.86 -15.71 -23.35
C GLU A 103 22.81 -15.86 -22.25
N GLY A 1 -19.46 -21.25 10.97
CA GLY A 1 -20.62 -20.44 11.41
C GLY A 1 -20.69 -19.14 10.61
N ARG A 2 -19.79 -18.24 10.85
CA ARG A 2 -19.79 -16.95 10.09
C ARG A 2 -18.36 -16.44 9.91
N TRP A 3 -17.77 -16.69 8.77
CA TRP A 3 -16.37 -16.21 8.54
C TRP A 3 -16.37 -15.01 7.59
N ILE A 4 -15.25 -14.68 7.03
CA ILE A 4 -15.18 -13.53 6.08
C ILE A 4 -15.31 -14.01 4.64
N LEU A 5 -16.14 -13.36 3.86
CA LEU A 5 -16.31 -13.78 2.44
C LEU A 5 -14.96 -13.71 1.70
N LYS A 6 -14.87 -14.35 0.57
CA LYS A 6 -13.58 -14.33 -0.19
C LYS A 6 -13.27 -12.90 -0.65
N ASN A 7 -12.48 -12.18 0.11
CA ASN A 7 -12.14 -10.78 -0.29
C ASN A 7 -10.79 -10.76 -1.00
N ASP A 8 -10.73 -10.09 -2.13
CA ASP A 8 -9.44 -10.03 -2.89
C ASP A 8 -8.51 -8.98 -2.25
N VAL A 9 -7.49 -9.41 -1.58
CA VAL A 9 -6.55 -8.45 -0.95
C VAL A 9 -5.68 -7.76 -2.00
N LYS A 10 -5.42 -8.44 -3.09
CA LYS A 10 -4.58 -7.83 -4.16
C LYS A 10 -5.29 -6.61 -4.77
N ASN A 11 -6.58 -6.70 -4.96
CA ASN A 11 -7.33 -5.57 -5.55
C ASN A 11 -7.90 -4.68 -4.44
N ARG A 12 -7.68 -5.04 -3.21
CA ARG A 12 -8.22 -4.21 -2.09
C ARG A 12 -7.10 -3.82 -1.12
N SER A 13 -5.96 -4.44 -1.23
CA SER A 13 -4.83 -4.09 -0.32
C SER A 13 -3.79 -3.24 -1.05
N VAL A 14 -3.31 -2.21 -0.42
CA VAL A 14 -2.29 -1.33 -1.07
C VAL A 14 -1.06 -1.21 -0.17
N TYR A 15 0.08 -0.93 -0.74
CA TYR A 15 1.32 -0.80 0.09
C TYR A 15 1.88 0.62 -0.01
N ILE A 16 2.33 1.17 1.08
CA ILE A 16 2.90 2.54 1.06
C ILE A 16 4.30 2.53 1.67
N LYS A 17 5.24 3.20 1.04
CA LYS A 17 6.62 3.21 1.59
C LYS A 17 7.04 4.64 1.94
N GLY A 18 7.37 4.88 3.18
CA GLY A 18 7.78 6.25 3.60
C GLY A 18 7.09 6.64 4.90
N PHE A 19 5.85 7.04 4.82
CA PHE A 19 5.11 7.43 6.06
C PHE A 19 5.96 8.40 6.89
N PRO A 20 5.36 8.88 7.95
CA PRO A 20 6.08 9.83 8.85
C PRO A 20 7.39 9.20 9.34
N THR A 21 7.31 8.27 10.24
CA THR A 21 8.55 7.62 10.76
C THR A 21 8.21 6.28 11.39
N ASP A 22 7.46 6.27 12.46
CA ASP A 22 7.10 4.98 13.12
C ASP A 22 5.91 4.35 12.38
N ALA A 23 5.24 5.10 11.56
CA ALA A 23 4.07 4.54 10.82
C ALA A 23 3.22 3.66 11.73
N THR A 24 2.60 4.24 12.72
CA THR A 24 1.75 3.44 13.65
C THR A 24 0.28 3.50 13.22
N LEU A 25 -0.58 2.80 13.90
CA LEU A 25 -2.02 2.83 13.55
C LEU A 25 -2.58 4.25 13.72
N ASP A 26 -2.21 4.92 14.77
CA ASP A 26 -2.73 6.30 14.99
C ASP A 26 -2.12 7.27 13.97
N ASP A 27 -0.85 7.15 13.70
CA ASP A 27 -0.21 8.05 12.70
C ASP A 27 -0.74 7.74 11.30
N ILE A 28 -0.84 6.49 10.96
CA ILE A 28 -1.34 6.11 9.60
C ILE A 28 -2.76 6.64 9.42
N LYS A 29 -3.55 6.66 10.45
CA LYS A 29 -4.95 7.16 10.33
C LYS A 29 -4.95 8.68 10.10
N GLU A 30 -3.92 9.36 10.52
CA GLU A 30 -3.89 10.84 10.33
C GLU A 30 -3.71 11.18 8.84
N TRP A 31 -2.78 10.55 8.19
CA TRP A 31 -2.56 10.83 6.74
C TRP A 31 -3.66 10.17 5.91
N LEU A 32 -4.09 9.00 6.29
CA LEU A 32 -5.15 8.31 5.51
C LEU A 32 -6.48 9.03 5.68
N GLU A 33 -6.84 9.37 6.89
CA GLU A 33 -8.14 10.08 7.12
C GLU A 33 -8.15 11.41 6.37
N ASP A 34 -6.99 11.98 6.13
CA ASP A 34 -6.93 13.28 5.41
C ASP A 34 -6.99 13.05 3.89
N LYS A 35 -7.31 11.86 3.47
CA LYS A 35 -7.38 11.57 2.02
C LYS A 35 -7.49 10.05 1.78
N GLY A 36 -8.67 9.58 1.45
CA GLY A 36 -8.84 8.12 1.21
C GLY A 36 -9.05 7.40 2.54
N GLN A 37 -10.24 6.95 2.80
CA GLN A 37 -10.50 6.24 4.08
C GLN A 37 -10.05 4.78 3.97
N VAL A 38 -9.36 4.29 4.97
CA VAL A 38 -8.88 2.87 4.91
C VAL A 38 -9.61 2.04 5.97
N LEU A 39 -10.28 0.99 5.55
CA LEU A 39 -11.01 0.13 6.52
C LEU A 39 -10.05 -0.87 7.16
N ASN A 40 -8.95 -1.15 6.52
CA ASN A 40 -7.97 -2.12 7.09
C ASN A 40 -6.55 -1.68 6.76
N ILE A 41 -5.67 -1.68 7.72
CA ILE A 41 -4.26 -1.27 7.46
C ILE A 41 -3.28 -2.27 8.07
N GLN A 42 -2.45 -2.88 7.27
CA GLN A 42 -1.47 -3.86 7.82
C GLN A 42 -0.08 -3.23 7.94
N MET A 43 0.48 -3.23 9.12
CA MET A 43 1.83 -2.62 9.30
C MET A 43 2.93 -3.60 8.84
N ARG A 44 3.83 -3.15 8.02
CA ARG A 44 4.92 -4.04 7.54
C ARG A 44 6.19 -3.80 8.35
N ARG A 45 6.75 -4.83 8.92
CA ARG A 45 7.99 -4.66 9.73
C ARG A 45 9.19 -5.27 9.00
N THR A 46 10.37 -4.87 9.38
CA THR A 46 11.59 -5.41 8.72
C THR A 46 12.41 -6.26 9.69
N LEU A 47 13.30 -7.07 9.18
CA LEU A 47 14.11 -7.96 10.07
C LEU A 47 14.60 -7.20 11.30
N HIS A 48 14.79 -7.89 12.39
CA HIS A 48 15.25 -7.22 13.64
C HIS A 48 16.50 -6.37 13.38
N LYS A 49 17.32 -6.80 12.46
CA LYS A 49 18.53 -6.00 12.13
C LYS A 49 18.16 -5.10 10.95
N ALA A 50 16.89 -5.02 10.71
CA ALA A 50 16.37 -4.20 9.58
C ALA A 50 15.49 -3.07 10.13
N PHE A 51 15.24 -2.05 9.34
CA PHE A 51 14.42 -0.91 9.84
C PHE A 51 12.98 -1.00 9.30
N LYS A 52 12.00 -0.95 10.19
CA LYS A 52 10.58 -1.02 9.73
C LYS A 52 10.19 0.28 9.04
N GLY A 53 8.94 0.66 9.11
CA GLY A 53 8.50 1.92 8.46
C GLY A 53 7.65 1.60 7.23
N SER A 54 7.27 0.37 7.06
CA SER A 54 6.43 0.01 5.87
C SER A 54 5.01 -0.37 6.33
N ILE A 55 4.01 -0.04 5.56
CA ILE A 55 2.62 -0.38 5.96
C ILE A 55 1.76 -0.67 4.73
N PHE A 56 0.64 -1.31 4.92
CA PHE A 56 -0.26 -1.63 3.78
C PHE A 56 -1.64 -1.04 4.03
N VAL A 57 -2.18 -0.33 3.09
CA VAL A 57 -3.54 0.26 3.29
C VAL A 57 -4.58 -0.45 2.40
N VAL A 58 -5.70 -0.79 2.96
CA VAL A 58 -6.75 -1.48 2.15
C VAL A 58 -8.01 -0.62 2.08
N PHE A 59 -8.40 -0.21 0.91
CA PHE A 59 -9.62 0.63 0.77
C PHE A 59 -10.87 -0.18 1.10
N ASP A 60 -11.85 0.43 1.71
CA ASP A 60 -13.09 -0.31 2.07
C ASP A 60 -13.67 -1.01 0.82
N SER A 61 -13.65 -0.33 -0.29
CA SER A 61 -14.20 -0.95 -1.54
C SER A 61 -13.07 -1.25 -2.51
N ILE A 62 -13.18 -2.33 -3.25
CA ILE A 62 -12.10 -2.68 -4.23
C ILE A 62 -12.02 -1.62 -5.33
N GLU A 63 -13.15 -1.17 -5.80
CA GLU A 63 -13.14 -0.13 -6.88
C GLU A 63 -12.51 1.17 -6.37
N SER A 64 -12.81 1.54 -5.15
CA SER A 64 -12.22 2.79 -4.59
C SER A 64 -10.69 2.71 -4.60
N ALA A 65 -10.15 1.52 -4.45
CA ALA A 65 -8.67 1.37 -4.46
C ALA A 65 -8.12 1.58 -5.86
N LYS A 66 -8.85 1.17 -6.86
CA LYS A 66 -8.37 1.36 -8.26
C LYS A 66 -8.34 2.84 -8.63
N LYS A 67 -9.28 3.60 -8.14
CA LYS A 67 -9.31 5.06 -8.45
C LYS A 67 -8.18 5.78 -7.72
N PHE A 68 -7.79 5.28 -6.57
CA PHE A 68 -6.70 5.94 -5.81
C PHE A 68 -5.35 5.69 -6.50
N VAL A 69 -5.08 4.47 -6.87
CA VAL A 69 -3.79 4.17 -7.55
C VAL A 69 -3.76 4.81 -8.93
N GLU A 70 -4.90 4.96 -9.56
CA GLU A 70 -4.94 5.58 -10.91
C GLU A 70 -4.74 7.10 -10.79
N THR A 71 -4.57 7.58 -9.59
CA THR A 71 -4.36 9.05 -9.40
C THR A 71 -2.90 9.40 -9.68
N PRO A 72 -2.70 10.56 -10.24
CA PRO A 72 -1.32 11.02 -10.56
C PRO A 72 -0.38 10.78 -9.37
N GLY A 73 0.90 10.73 -9.61
CA GLY A 73 1.86 10.50 -8.50
C GLY A 73 1.44 11.31 -7.27
N GLN A 74 1.45 10.71 -6.12
CA GLN A 74 1.06 11.45 -4.89
C GLN A 74 2.22 11.43 -3.89
N LYS A 75 2.81 12.55 -3.62
CA LYS A 75 3.95 12.58 -2.66
C LYS A 75 3.62 13.49 -1.47
N TYR A 76 3.97 13.07 -0.28
CA TYR A 76 3.68 13.92 0.91
C TYR A 76 4.90 14.76 1.27
N LYS A 77 4.71 16.02 1.52
CA LYS A 77 5.85 16.92 1.87
C LYS A 77 6.66 16.33 3.03
N GLU A 78 7.46 17.13 3.68
CA GLU A 78 8.28 16.62 4.81
C GLU A 78 8.85 15.25 4.44
N THR A 79 8.23 14.19 4.89
CA THR A 79 8.74 12.84 4.53
C THR A 79 8.19 12.44 3.16
N ASP A 80 9.04 12.07 2.24
CA ASP A 80 8.55 11.69 0.89
C ASP A 80 7.57 10.52 1.01
N LEU A 81 6.30 10.77 0.81
CA LEU A 81 5.31 9.65 0.90
C LEU A 81 5.00 9.12 -0.50
N LEU A 82 5.22 7.85 -0.73
CA LEU A 82 4.93 7.27 -2.07
C LEU A 82 3.92 6.12 -1.93
N ILE A 83 2.87 6.13 -2.72
CA ILE A 83 1.87 5.03 -2.62
C ILE A 83 2.09 4.02 -3.74
N LEU A 84 2.17 2.76 -3.42
CA LEU A 84 2.37 1.73 -4.47
C LEU A 84 1.24 0.70 -4.43
N PHE A 85 0.84 0.21 -5.57
CA PHE A 85 -0.27 -0.79 -5.60
C PHE A 85 0.26 -2.18 -5.25
N LYS A 86 -0.53 -2.99 -4.60
CA LYS A 86 -0.06 -4.36 -4.23
C LYS A 86 0.30 -5.15 -5.49
N ASP A 87 -0.56 -5.11 -6.48
CA ASP A 87 -0.27 -5.86 -7.74
C ASP A 87 1.05 -5.35 -8.35
N ASP A 88 1.30 -4.07 -8.23
CA ASP A 88 2.57 -3.52 -8.80
C ASP A 88 3.76 -3.94 -7.93
N TYR A 89 3.60 -3.93 -6.64
CA TYR A 89 4.73 -4.34 -5.76
C TYR A 89 5.16 -5.77 -6.12
N PHE A 90 4.22 -6.66 -6.22
CA PHE A 90 4.56 -8.07 -6.58
C PHE A 90 5.20 -8.09 -7.97
N ALA A 91 4.80 -7.19 -8.83
CA ALA A 91 5.39 -7.17 -10.20
C ALA A 91 6.88 -6.84 -10.10
N LYS A 92 7.22 -5.80 -9.37
CA LYS A 92 8.66 -5.44 -9.21
C LYS A 92 9.35 -6.45 -8.29
N LYS A 93 8.78 -6.71 -7.15
CA LYS A 93 9.40 -7.68 -6.20
C LYS A 93 9.60 -9.04 -6.89
N ASN A 94 8.67 -9.42 -7.71
CA ASN A 94 8.80 -10.73 -8.42
C ASN A 94 10.16 -10.82 -9.11
N GLU A 95 10.71 -9.70 -9.51
CA GLU A 95 12.02 -9.71 -10.19
C GLU A 95 11.93 -10.46 -11.52
N GLU A 96 11.90 -9.74 -12.62
CA GLU A 96 11.80 -10.41 -13.94
C GLU A 96 12.49 -9.56 -15.02
N ARG A 97 13.32 -8.64 -14.61
CA ARG A 97 14.02 -7.78 -15.61
C ARG A 97 15.48 -8.24 -15.76
N LYS A 98 15.91 -9.18 -14.96
CA LYS A 98 17.31 -9.67 -15.06
C LYS A 98 17.47 -10.58 -16.29
N GLN A 99 17.21 -11.85 -16.14
CA GLN A 99 17.35 -12.78 -17.30
C GLN A 99 16.25 -12.51 -18.32
N ASN A 100 16.58 -12.49 -19.58
CA ASN A 100 15.55 -12.25 -20.63
C ASN A 100 16.20 -12.19 -22.01
N LYS A 101 16.82 -13.26 -22.43
CA LYS A 101 17.48 -13.27 -23.77
C LYS A 101 16.57 -12.59 -24.80
N VAL A 102 17.00 -11.48 -25.33
CA VAL A 102 16.17 -10.76 -26.34
C VAL A 102 15.74 -11.74 -27.45
N GLU A 103 14.55 -11.59 -27.95
CA GLU A 103 14.07 -12.51 -29.04
C GLU A 103 14.46 -11.94 -30.40
N GLY A 1 -26.34 -4.29 -6.57
CA GLY A 1 -24.93 -3.88 -6.38
C GLY A 1 -24.18 -3.99 -7.71
N ARG A 2 -23.38 -3.02 -8.04
CA ARG A 2 -22.62 -3.07 -9.32
C ARG A 2 -21.82 -4.38 -9.42
N TRP A 3 -22.26 -5.28 -10.24
CA TRP A 3 -21.53 -6.58 -10.38
C TRP A 3 -21.30 -7.21 -9.01
N ILE A 4 -22.15 -8.12 -8.60
CA ILE A 4 -21.98 -8.76 -7.27
C ILE A 4 -21.14 -10.04 -7.41
N LEU A 5 -20.20 -10.24 -6.53
CA LEU A 5 -19.35 -11.47 -6.61
C LEU A 5 -18.35 -11.49 -5.44
N LYS A 6 -17.69 -12.60 -5.25
CA LYS A 6 -16.69 -12.68 -4.14
C LYS A 6 -15.82 -11.43 -4.11
N ASN A 7 -15.68 -10.81 -2.97
CA ASN A 7 -14.85 -9.58 -2.88
C ASN A 7 -13.38 -9.95 -2.66
N ASP A 8 -12.53 -9.61 -3.59
CA ASP A 8 -11.09 -9.94 -3.44
C ASP A 8 -10.37 -8.86 -2.64
N VAL A 9 -10.07 -9.13 -1.40
CA VAL A 9 -9.38 -8.11 -0.56
C VAL A 9 -8.08 -7.66 -1.24
N LYS A 10 -7.46 -8.53 -1.97
CA LYS A 10 -6.18 -8.15 -2.65
C LYS A 10 -6.45 -7.06 -3.69
N ASN A 11 -7.60 -7.10 -4.31
CA ASN A 11 -7.94 -6.07 -5.34
C ASN A 11 -8.19 -4.73 -4.65
N ARG A 12 -8.08 -4.67 -3.35
CA ARG A 12 -8.32 -3.39 -2.64
C ARG A 12 -7.22 -3.14 -1.59
N SER A 13 -6.09 -3.77 -1.76
CA SER A 13 -4.99 -3.56 -0.77
C SER A 13 -3.92 -2.65 -1.37
N VAL A 14 -3.43 -1.71 -0.61
CA VAL A 14 -2.39 -0.78 -1.15
C VAL A 14 -1.19 -0.72 -0.20
N TYR A 15 -0.03 -0.45 -0.72
CA TYR A 15 1.18 -0.36 0.14
C TYR A 15 1.89 0.98 -0.07
N ILE A 16 2.35 1.59 0.99
CA ILE A 16 3.04 2.91 0.85
C ILE A 16 4.37 2.89 1.59
N LYS A 17 5.40 3.42 0.98
CA LYS A 17 6.74 3.44 1.65
C LYS A 17 7.26 4.88 1.71
N GLY A 18 8.24 5.13 2.53
CA GLY A 18 8.80 6.51 2.63
C GLY A 18 8.15 7.24 3.81
N PHE A 19 7.32 6.56 4.55
CA PHE A 19 6.66 7.20 5.72
C PHE A 19 7.70 7.95 6.56
N PRO A 20 7.22 8.64 7.57
CA PRO A 20 8.12 9.42 8.45
C PRO A 20 9.22 8.52 9.01
N THR A 21 8.88 7.44 9.65
CA THR A 21 9.92 6.54 10.20
C THR A 21 9.27 5.31 10.85
N ASP A 22 8.20 5.50 11.58
CA ASP A 22 7.52 4.34 12.23
C ASP A 22 6.09 4.22 11.70
N ALA A 23 5.50 5.31 11.30
CA ALA A 23 4.11 5.25 10.78
C ALA A 23 3.25 4.30 11.62
N THR A 24 2.90 4.71 12.81
CA THR A 24 2.07 3.83 13.68
C THR A 24 0.60 3.85 13.22
N LEU A 25 -0.22 3.02 13.79
CA LEU A 25 -1.66 3.01 13.38
C LEU A 25 -2.27 4.41 13.55
N ASP A 26 -1.91 5.10 14.59
CA ASP A 26 -2.46 6.46 14.81
C ASP A 26 -1.88 7.43 13.77
N ASP A 27 -0.61 7.33 13.51
CA ASP A 27 0.01 8.24 12.49
C ASP A 27 -0.52 7.90 11.10
N ILE A 28 -0.53 6.65 10.75
CA ILE A 28 -1.04 6.27 9.40
C ILE A 28 -2.53 6.56 9.29
N LYS A 29 -3.26 6.40 10.36
CA LYS A 29 -4.72 6.67 10.31
C LYS A 29 -4.97 8.17 10.03
N GLU A 30 -4.05 9.01 10.42
CA GLU A 30 -4.23 10.47 10.18
C GLU A 30 -4.06 10.78 8.70
N TRP A 31 -3.02 10.28 8.10
CA TRP A 31 -2.80 10.53 6.64
C TRP A 31 -3.80 9.72 5.81
N LEU A 32 -4.15 8.56 6.26
CA LEU A 32 -5.11 7.72 5.50
C LEU A 32 -6.52 8.35 5.55
N GLU A 33 -6.95 8.77 6.70
CA GLU A 33 -8.31 9.39 6.80
C GLU A 33 -8.39 10.63 5.90
N ASP A 34 -7.29 11.29 5.69
CA ASP A 34 -7.30 12.51 4.83
C ASP A 34 -7.17 12.10 3.36
N LYS A 35 -7.14 10.83 3.08
CA LYS A 35 -7.02 10.37 1.66
C LYS A 35 -7.56 8.95 1.51
N GLY A 36 -8.84 8.81 1.27
CA GLY A 36 -9.42 7.45 1.11
C GLY A 36 -9.58 6.81 2.49
N GLN A 37 -10.48 5.87 2.61
CA GLN A 37 -10.69 5.19 3.93
C GLN A 37 -10.32 3.71 3.84
N VAL A 38 -9.47 3.26 4.72
CA VAL A 38 -9.06 1.82 4.68
C VAL A 38 -9.63 1.07 5.90
N LEU A 39 -10.22 -0.07 5.69
CA LEU A 39 -10.78 -0.84 6.82
C LEU A 39 -9.73 -1.81 7.39
N ASN A 40 -8.73 -2.12 6.61
CA ASN A 40 -7.67 -3.06 7.10
C ASN A 40 -6.29 -2.44 6.85
N ILE A 41 -5.45 -2.43 7.85
CA ILE A 41 -4.09 -1.85 7.67
C ILE A 41 -3.02 -2.78 8.24
N GLN A 42 -2.06 -3.16 7.44
CA GLN A 42 -0.98 -4.07 7.94
C GLN A 42 0.37 -3.33 7.95
N MET A 43 0.91 -3.08 9.10
CA MET A 43 2.21 -2.36 9.17
C MET A 43 3.37 -3.32 8.93
N ARG A 44 4.15 -3.07 7.91
CA ARG A 44 5.30 -3.96 7.61
C ARG A 44 6.54 -3.50 8.39
N ARG A 45 7.02 -4.31 9.29
CA ARG A 45 8.21 -3.93 10.11
C ARG A 45 9.39 -4.84 9.78
N THR A 46 10.56 -4.49 10.27
CA THR A 46 11.76 -5.33 10.00
C THR A 46 12.59 -5.48 11.28
N LEU A 47 13.48 -6.44 11.32
CA LEU A 47 14.31 -6.66 12.54
C LEU A 47 14.80 -5.32 13.11
N HIS A 48 14.99 -5.27 14.41
CA HIS A 48 15.45 -4.00 15.06
C HIS A 48 16.71 -3.47 14.39
N LYS A 49 17.54 -4.35 13.88
CA LYS A 49 18.76 -3.89 13.17
C LYS A 49 18.40 -3.82 11.69
N ALA A 50 17.12 -3.80 11.43
CA ALA A 50 16.62 -3.78 10.05
C ALA A 50 15.85 -2.47 9.80
N PHE A 51 15.90 -1.95 8.60
CA PHE A 51 15.17 -0.68 8.31
C PHE A 51 14.01 -0.94 7.35
N LYS A 52 12.79 -0.70 7.78
CA LYS A 52 11.62 -0.92 6.87
C LYS A 52 10.80 0.37 6.77
N GLY A 53 9.64 0.41 7.37
CA GLY A 53 8.81 1.64 7.28
C GLY A 53 7.72 1.45 6.22
N SER A 54 7.34 0.24 5.97
CA SER A 54 6.28 0.00 4.93
C SER A 54 4.99 -0.48 5.59
N ILE A 55 3.87 -0.16 5.01
CA ILE A 55 2.57 -0.59 5.60
C ILE A 55 1.57 -0.93 4.50
N PHE A 56 0.53 -1.65 4.83
CA PHE A 56 -0.49 -2.03 3.80
C PHE A 56 -1.86 -1.47 4.21
N VAL A 57 -2.55 -0.85 3.29
CA VAL A 57 -3.89 -0.30 3.63
C VAL A 57 -4.95 -0.83 2.66
N VAL A 58 -5.96 -1.48 3.15
CA VAL A 58 -7.02 -2.02 2.26
C VAL A 58 -8.23 -1.08 2.27
N PHE A 59 -8.55 -0.50 1.14
CA PHE A 59 -9.72 0.43 1.09
C PHE A 59 -11.02 -0.33 1.32
N ASP A 60 -12.01 0.31 1.87
CA ASP A 60 -13.30 -0.37 2.12
C ASP A 60 -13.94 -0.83 0.81
N SER A 61 -13.80 -0.04 -0.23
CA SER A 61 -14.38 -0.43 -1.55
C SER A 61 -13.25 -0.76 -2.53
N ILE A 62 -13.42 -1.79 -3.32
CA ILE A 62 -12.36 -2.16 -4.30
C ILE A 62 -12.22 -1.06 -5.36
N GLU A 63 -13.33 -0.56 -5.84
CA GLU A 63 -13.27 0.51 -6.89
C GLU A 63 -12.56 1.74 -6.35
N SER A 64 -12.69 2.00 -5.07
CA SER A 64 -12.03 3.20 -4.48
C SER A 64 -10.50 3.07 -4.59
N ALA A 65 -9.99 1.87 -4.54
CA ALA A 65 -8.51 1.67 -4.65
C ALA A 65 -8.06 1.94 -6.08
N LYS A 66 -8.87 1.59 -7.04
CA LYS A 66 -8.47 1.80 -8.47
C LYS A 66 -8.39 3.31 -8.78
N LYS A 67 -9.36 4.07 -8.35
CA LYS A 67 -9.33 5.53 -8.63
C LYS A 67 -8.22 6.21 -7.81
N PHE A 68 -7.91 5.68 -6.66
CA PHE A 68 -6.84 6.29 -5.82
C PHE A 68 -5.47 6.03 -6.45
N VAL A 69 -5.21 4.81 -6.83
CA VAL A 69 -3.90 4.49 -7.45
C VAL A 69 -3.80 5.11 -8.85
N GLU A 70 -4.92 5.26 -9.51
CA GLU A 70 -4.90 5.86 -10.88
C GLU A 70 -4.68 7.37 -10.79
N THR A 71 -4.53 7.88 -9.60
CA THR A 71 -4.31 9.35 -9.44
C THR A 71 -2.83 9.67 -9.68
N PRO A 72 -2.59 10.81 -10.28
CA PRO A 72 -1.20 11.23 -10.57
C PRO A 72 -0.30 10.97 -9.36
N GLY A 73 0.98 10.93 -9.58
CA GLY A 73 1.92 10.67 -8.44
C GLY A 73 1.49 11.49 -7.22
N GLN A 74 1.44 10.87 -6.08
CA GLN A 74 1.03 11.60 -4.85
C GLN A 74 2.17 11.59 -3.84
N LYS A 75 2.75 12.73 -3.57
CA LYS A 75 3.87 12.78 -2.60
C LYS A 75 3.50 13.63 -1.38
N TYR A 76 3.85 13.18 -0.20
CA TYR A 76 3.52 13.97 1.02
C TYR A 76 4.71 14.84 1.39
N LYS A 77 4.46 16.09 1.70
CA LYS A 77 5.55 17.03 2.07
C LYS A 77 6.39 16.48 3.21
N GLU A 78 7.13 17.31 3.90
CA GLU A 78 7.97 16.82 5.02
C GLU A 78 8.61 15.49 4.61
N THR A 79 8.10 14.39 5.10
CA THR A 79 8.67 13.08 4.70
C THR A 79 8.15 12.72 3.31
N ASP A 80 9.01 12.35 2.41
CA ASP A 80 8.54 12.01 1.04
C ASP A 80 7.62 10.79 1.08
N LEU A 81 6.37 10.96 0.81
CA LEU A 81 5.44 9.79 0.83
C LEU A 81 5.13 9.32 -0.59
N LEU A 82 5.30 8.05 -0.85
CA LEU A 82 5.02 7.53 -2.22
C LEU A 82 3.95 6.42 -2.16
N ILE A 83 2.94 6.50 -2.99
CA ILE A 83 1.88 5.45 -2.97
C ILE A 83 2.11 4.44 -4.10
N LEU A 84 2.21 3.18 -3.77
CA LEU A 84 2.43 2.15 -4.84
C LEU A 84 1.31 1.11 -4.79
N PHE A 85 0.91 0.59 -5.91
CA PHE A 85 -0.18 -0.43 -5.93
C PHE A 85 0.32 -1.75 -5.31
N LYS A 86 -0.57 -2.58 -4.88
CA LYS A 86 -0.16 -3.88 -4.27
C LYS A 86 0.27 -4.86 -5.36
N ASP A 87 -0.49 -4.96 -6.41
CA ASP A 87 -0.13 -5.90 -7.51
C ASP A 87 1.25 -5.54 -8.08
N ASP A 88 1.59 -4.28 -8.08
CA ASP A 88 2.91 -3.87 -8.62
C ASP A 88 4.02 -4.23 -7.61
N TYR A 89 3.81 -3.91 -6.37
CA TYR A 89 4.85 -4.25 -5.35
C TYR A 89 5.08 -5.76 -5.34
N PHE A 90 4.03 -6.52 -5.31
CA PHE A 90 4.18 -8.01 -5.31
C PHE A 90 4.78 -8.46 -6.64
N ALA A 91 4.50 -7.76 -7.70
CA ALA A 91 5.06 -8.15 -9.03
C ALA A 91 6.59 -8.18 -8.96
N LYS A 92 7.18 -7.13 -8.45
CA LYS A 92 8.66 -7.10 -8.34
C LYS A 92 9.15 -8.04 -7.24
N LYS A 93 8.42 -8.11 -6.15
CA LYS A 93 8.84 -9.01 -5.04
C LYS A 93 8.52 -10.47 -5.36
N ASN A 94 7.35 -10.72 -5.87
CA ASN A 94 6.98 -12.12 -6.21
C ASN A 94 7.95 -12.69 -7.27
N GLU A 95 8.50 -11.84 -8.08
CA GLU A 95 9.45 -12.33 -9.12
C GLU A 95 10.87 -12.43 -8.53
N GLU A 96 11.13 -13.45 -7.77
CA GLU A 96 12.49 -13.59 -7.17
C GLU A 96 12.60 -14.93 -6.44
N ARG A 97 11.85 -15.10 -5.38
CA ARG A 97 11.92 -16.39 -4.62
C ARG A 97 10.89 -16.39 -3.50
N LYS A 98 9.73 -16.94 -3.75
CA LYS A 98 8.68 -16.98 -2.69
C LYS A 98 8.47 -18.41 -2.20
N GLN A 99 9.48 -19.00 -1.61
CA GLN A 99 9.35 -20.39 -1.11
C GLN A 99 8.65 -20.41 0.25
N ASN A 100 7.69 -21.28 0.42
CA ASN A 100 6.96 -21.33 1.72
C ASN A 100 6.35 -19.96 2.05
N LYS A 101 5.80 -19.83 3.22
CA LYS A 101 5.18 -18.53 3.60
C LYS A 101 5.75 -18.03 4.94
N VAL A 102 6.05 -18.94 5.83
CA VAL A 102 6.61 -18.53 7.16
C VAL A 102 7.66 -17.44 6.96
N GLU A 103 7.36 -16.24 7.36
CA GLU A 103 8.35 -15.13 7.21
C GLU A 103 8.80 -15.03 5.74
N GLY A 1 -16.36 -17.29 -20.98
CA GLY A 1 -16.41 -18.25 -19.83
C GLY A 1 -15.62 -17.69 -18.66
N ARG A 2 -16.22 -16.83 -17.88
CA ARG A 2 -15.49 -16.25 -16.72
C ARG A 2 -16.41 -16.18 -15.50
N TRP A 3 -16.16 -16.98 -14.49
CA TRP A 3 -17.03 -16.95 -13.29
C TRP A 3 -16.29 -16.29 -12.12
N ILE A 4 -16.91 -15.35 -11.46
CA ILE A 4 -16.25 -14.67 -10.32
C ILE A 4 -16.21 -15.60 -9.10
N LEU A 5 -15.21 -15.47 -8.27
CA LEU A 5 -15.12 -16.35 -7.07
C LEU A 5 -15.12 -15.48 -5.80
N LYS A 6 -15.16 -16.11 -4.65
CA LYS A 6 -15.17 -15.33 -3.37
C LYS A 6 -14.19 -14.15 -3.47
N ASN A 7 -14.64 -12.97 -3.17
CA ASN A 7 -13.73 -11.79 -3.24
C ASN A 7 -12.62 -11.91 -2.20
N ASP A 8 -11.40 -11.65 -2.58
CA ASP A 8 -10.28 -11.75 -1.61
C ASP A 8 -9.85 -10.36 -1.14
N VAL A 9 -9.34 -10.25 0.05
CA VAL A 9 -8.91 -8.92 0.57
C VAL A 9 -7.81 -8.34 -0.33
N LYS A 10 -7.11 -9.16 -1.05
CA LYS A 10 -6.04 -8.64 -1.95
C LYS A 10 -6.64 -7.78 -3.05
N ASN A 11 -7.85 -8.04 -3.42
CA ASN A 11 -8.50 -7.23 -4.50
C ASN A 11 -8.61 -5.76 -4.06
N ARG A 12 -8.28 -5.47 -2.82
CA ARG A 12 -8.37 -4.06 -2.35
C ARG A 12 -7.28 -3.78 -1.32
N SER A 13 -6.05 -4.10 -1.62
CA SER A 13 -4.95 -3.86 -0.65
C SER A 13 -3.89 -2.95 -1.28
N VAL A 14 -3.50 -1.92 -0.58
CA VAL A 14 -2.47 -0.99 -1.14
C VAL A 14 -1.37 -0.72 -0.10
N TYR A 15 -0.13 -0.80 -0.50
CA TYR A 15 0.98 -0.55 0.46
C TYR A 15 1.72 0.75 0.09
N ILE A 16 2.07 1.54 1.05
CA ILE A 16 2.79 2.81 0.75
C ILE A 16 4.21 2.76 1.32
N LYS A 17 5.17 3.22 0.57
CA LYS A 17 6.58 3.21 1.07
C LYS A 17 7.08 4.64 1.29
N GLY A 18 8.18 4.80 1.97
CA GLY A 18 8.71 6.17 2.22
C GLY A 18 7.87 6.86 3.30
N PHE A 19 7.79 6.27 4.47
CA PHE A 19 6.99 6.89 5.55
C PHE A 19 7.90 7.63 6.53
N PRO A 20 7.29 8.38 7.41
CA PRO A 20 8.04 9.17 8.42
C PRO A 20 8.86 8.24 9.34
N THR A 21 8.74 6.95 9.15
CA THR A 21 9.49 5.99 10.02
C THR A 21 8.83 5.91 11.39
N ASP A 22 7.61 6.36 11.49
CA ASP A 22 6.87 6.31 12.78
C ASP A 22 5.37 6.29 12.50
N ALA A 23 5.00 5.95 11.29
CA ALA A 23 3.55 5.92 10.93
C ALA A 23 2.83 4.88 11.79
N THR A 24 2.65 5.16 13.05
CA THR A 24 1.94 4.20 13.94
C THR A 24 0.45 4.20 13.61
N LEU A 25 -0.33 3.38 14.28
CA LEU A 25 -1.78 3.34 13.99
C LEU A 25 -2.38 4.75 14.14
N ASP A 26 -1.99 5.48 15.14
CA ASP A 26 -2.52 6.85 15.33
C ASP A 26 -1.99 7.79 14.23
N ASP A 27 -0.72 7.68 13.92
CA ASP A 27 -0.13 8.55 12.86
C ASP A 27 -0.71 8.18 11.49
N ILE A 28 -0.75 6.92 11.18
CA ILE A 28 -1.29 6.48 9.87
C ILE A 28 -2.74 6.94 9.72
N LYS A 29 -3.51 6.84 10.78
CA LYS A 29 -4.93 7.27 10.70
C LYS A 29 -5.02 8.74 10.29
N GLU A 30 -4.05 9.52 10.66
CA GLU A 30 -4.08 10.97 10.28
C GLU A 30 -3.89 11.14 8.77
N TRP A 31 -2.92 10.48 8.21
CA TRP A 31 -2.68 10.59 6.75
C TRP A 31 -3.73 9.79 5.97
N LEU A 32 -4.06 8.62 6.44
CA LEU A 32 -5.09 7.79 5.72
C LEU A 32 -6.48 8.43 5.86
N GLU A 33 -6.84 8.82 7.04
CA GLU A 33 -8.19 9.45 7.23
C GLU A 33 -8.26 10.78 6.49
N ASP A 34 -7.14 11.41 6.27
CA ASP A 34 -7.14 12.71 5.55
C ASP A 34 -7.17 12.49 4.03
N LYS A 35 -7.47 11.29 3.60
CA LYS A 35 -7.50 11.01 2.15
C LYS A 35 -7.94 9.57 1.90
N GLY A 36 -9.20 9.37 1.57
CA GLY A 36 -9.69 7.98 1.32
C GLY A 36 -9.97 7.29 2.65
N GLN A 37 -10.80 6.29 2.65
CA GLN A 37 -11.11 5.56 3.91
C GLN A 37 -10.62 4.11 3.83
N VAL A 38 -9.83 3.69 4.78
CA VAL A 38 -9.32 2.29 4.75
C VAL A 38 -9.94 1.48 5.89
N LEU A 39 -10.37 0.28 5.60
CA LEU A 39 -10.98 -0.57 6.67
C LEU A 39 -9.92 -1.48 7.30
N ASN A 40 -8.84 -1.71 6.62
CA ASN A 40 -7.77 -2.59 7.19
C ASN A 40 -6.42 -1.90 7.08
N ILE A 41 -5.61 -1.98 8.12
CA ILE A 41 -4.27 -1.33 8.08
C ILE A 41 -3.19 -2.30 8.58
N GLN A 42 -2.35 -2.78 7.69
CA GLN A 42 -1.29 -3.72 8.11
C GLN A 42 0.07 -3.01 8.10
N MET A 43 0.66 -2.82 9.25
CA MET A 43 1.99 -2.13 9.30
C MET A 43 3.11 -3.10 8.93
N ARG A 44 3.99 -2.70 8.06
CA ARG A 44 5.11 -3.60 7.66
C ARG A 44 6.32 -3.34 8.56
N ARG A 45 6.72 -4.31 9.33
CA ARG A 45 7.90 -4.14 10.22
C ARG A 45 9.01 -5.10 9.85
N THR A 46 10.17 -4.92 10.43
CA THR A 46 11.32 -5.82 10.11
C THR A 46 12.05 -6.23 11.39
N LEU A 47 12.83 -7.27 11.32
CA LEU A 47 13.57 -7.74 12.53
C LEU A 47 14.19 -6.55 13.28
N HIS A 48 14.32 -6.68 14.58
CA HIS A 48 14.90 -5.56 15.39
C HIS A 48 16.24 -5.10 14.79
N LYS A 49 16.97 -6.01 14.21
CA LYS A 49 18.26 -5.61 13.58
C LYS A 49 17.99 -5.39 12.10
N ALA A 50 16.74 -5.22 11.78
CA ALA A 50 16.32 -5.02 10.38
C ALA A 50 15.70 -3.62 10.21
N PHE A 51 15.61 -3.14 9.01
CA PHE A 51 15.02 -1.78 8.80
C PHE A 51 13.63 -1.89 8.16
N LYS A 52 12.63 -1.40 8.83
CA LYS A 52 11.25 -1.45 8.27
C LYS A 52 10.86 -0.11 7.67
N GLY A 53 9.64 0.33 7.90
CA GLY A 53 9.21 1.64 7.35
C GLY A 53 8.20 1.43 6.23
N SER A 54 7.52 0.30 6.24
CA SER A 54 6.52 0.03 5.18
C SER A 54 5.15 -0.26 5.79
N ILE A 55 4.10 0.07 5.11
CA ILE A 55 2.73 -0.19 5.67
C ILE A 55 1.78 -0.65 4.58
N PHE A 56 0.73 -1.32 4.95
CA PHE A 56 -0.26 -1.81 3.94
C PHE A 56 -1.68 -1.44 4.38
N VAL A 57 -2.50 -1.00 3.47
CA VAL A 57 -3.90 -0.63 3.86
C VAL A 57 -4.89 -1.07 2.79
N VAL A 58 -6.09 -1.39 3.19
CA VAL A 58 -7.11 -1.83 2.18
C VAL A 58 -8.26 -0.82 2.12
N PHE A 59 -8.75 -0.54 0.95
CA PHE A 59 -9.88 0.44 0.83
C PHE A 59 -11.23 -0.27 1.02
N ASP A 60 -12.19 0.42 1.56
CA ASP A 60 -13.53 -0.20 1.77
C ASP A 60 -14.03 -0.86 0.47
N SER A 61 -13.86 -0.19 -0.63
CA SER A 61 -14.33 -0.78 -1.93
C SER A 61 -13.13 -1.16 -2.80
N ILE A 62 -13.22 -2.25 -3.51
CA ILE A 62 -12.09 -2.68 -4.38
C ILE A 62 -11.89 -1.67 -5.52
N GLU A 63 -12.96 -1.22 -6.12
CA GLU A 63 -12.84 -0.24 -7.23
C GLU A 63 -12.24 1.07 -6.72
N SER A 64 -12.67 1.52 -5.57
CA SER A 64 -12.13 2.80 -5.03
C SER A 64 -10.62 2.69 -4.84
N ALA A 65 -10.13 1.53 -4.53
CA ALA A 65 -8.66 1.36 -4.35
C ALA A 65 -7.94 1.47 -5.69
N LYS A 66 -8.52 0.93 -6.73
CA LYS A 66 -7.86 0.99 -8.07
C LYS A 66 -7.93 2.42 -8.62
N LYS A 67 -8.96 3.15 -8.29
CA LYS A 67 -9.07 4.54 -8.80
C LYS A 67 -8.07 5.45 -8.08
N PHE A 68 -7.93 5.29 -6.80
CA PHE A 68 -6.96 6.13 -6.04
C PHE A 68 -5.53 5.85 -6.51
N VAL A 69 -5.18 4.59 -6.60
CA VAL A 69 -3.81 4.24 -7.05
C VAL A 69 -3.56 4.77 -8.46
N GLU A 70 -4.59 4.87 -9.26
CA GLU A 70 -4.42 5.38 -10.65
C GLU A 70 -4.22 6.90 -10.63
N THR A 71 -4.14 7.47 -9.46
CA THR A 71 -3.94 8.95 -9.37
C THR A 71 -2.47 9.29 -9.59
N PRO A 72 -2.24 10.41 -10.22
CA PRO A 72 -0.86 10.85 -10.50
C PRO A 72 0.03 10.59 -9.28
N GLY A 73 1.33 10.65 -9.47
CA GLY A 73 2.25 10.40 -8.33
C GLY A 73 1.83 11.23 -7.12
N GLN A 74 1.80 10.62 -5.97
CA GLN A 74 1.40 11.37 -4.74
C GLN A 74 2.54 11.32 -3.72
N LYS A 75 3.16 12.45 -3.44
CA LYS A 75 4.27 12.45 -2.47
C LYS A 75 3.92 13.32 -1.25
N TYR A 76 4.26 12.86 -0.07
CA TYR A 76 3.94 13.67 1.14
C TYR A 76 5.16 14.50 1.54
N LYS A 77 4.93 15.74 1.88
CA LYS A 77 6.06 16.65 2.27
C LYS A 77 6.89 16.03 3.39
N GLU A 78 7.66 16.83 4.07
CA GLU A 78 8.51 16.28 5.18
C GLU A 78 9.10 14.95 4.74
N THR A 79 8.56 13.85 5.19
CA THR A 79 9.10 12.53 4.76
C THR A 79 8.54 12.21 3.38
N ASP A 80 9.37 11.83 2.46
CA ASP A 80 8.87 11.52 1.09
C ASP A 80 7.90 10.33 1.16
N LEU A 81 6.64 10.56 0.92
CA LEU A 81 5.66 9.43 0.96
C LEU A 81 5.34 8.95 -0.46
N LEU A 82 5.46 7.68 -0.72
CA LEU A 82 5.16 7.16 -2.07
C LEU A 82 4.07 6.08 -2.00
N ILE A 83 3.05 6.19 -2.81
CA ILE A 83 1.97 5.17 -2.78
C ILE A 83 2.13 4.17 -3.92
N LEU A 84 2.21 2.90 -3.61
CA LEU A 84 2.37 1.87 -4.68
C LEU A 84 1.21 0.87 -4.62
N PHE A 85 0.78 0.39 -5.75
CA PHE A 85 -0.35 -0.59 -5.76
C PHE A 85 0.16 -2.00 -5.42
N LYS A 86 -0.73 -2.90 -5.14
CA LYS A 86 -0.30 -4.30 -4.80
C LYS A 86 0.11 -5.04 -6.07
N ASP A 87 -0.68 -4.96 -7.11
CA ASP A 87 -0.35 -5.67 -8.36
C ASP A 87 1.01 -5.18 -8.90
N ASP A 88 1.29 -3.91 -8.72
CA ASP A 88 2.59 -3.37 -9.22
C ASP A 88 3.73 -3.84 -8.30
N TYR A 89 3.55 -3.74 -7.02
CA TYR A 89 4.63 -4.19 -6.09
C TYR A 89 4.96 -5.65 -6.37
N PHE A 90 3.95 -6.48 -6.46
CA PHE A 90 4.21 -7.92 -6.75
C PHE A 90 4.83 -8.05 -8.14
N ALA A 91 4.40 -7.24 -9.06
CA ALA A 91 4.98 -7.32 -10.44
C ALA A 91 6.49 -7.07 -10.38
N LYS A 92 6.89 -6.01 -9.73
CA LYS A 92 8.34 -5.70 -9.62
C LYS A 92 9.01 -6.69 -8.65
N LYS A 93 8.38 -6.97 -7.54
CA LYS A 93 8.98 -7.91 -6.55
C LYS A 93 9.01 -9.33 -7.12
N ASN A 94 7.99 -9.73 -7.82
CA ASN A 94 7.96 -11.10 -8.39
C ASN A 94 8.99 -11.21 -9.53
N GLU A 95 9.08 -10.19 -10.34
CA GLU A 95 10.06 -10.24 -11.46
C GLU A 95 9.69 -11.35 -12.44
N GLU A 96 9.83 -12.58 -12.04
CA GLU A 96 9.49 -13.71 -12.97
C GLU A 96 7.97 -13.79 -13.16
N ARG A 97 7.47 -14.93 -13.56
CA ARG A 97 6.00 -15.06 -13.77
C ARG A 97 5.47 -13.87 -14.58
N LYS A 98 6.31 -13.24 -15.35
CA LYS A 98 5.85 -12.07 -16.15
C LYS A 98 6.79 -11.85 -17.34
N GLN A 99 8.01 -11.50 -17.08
CA GLN A 99 8.97 -11.26 -18.20
C GLN A 99 9.30 -12.59 -18.90
N ASN A 100 9.32 -12.58 -20.20
CA ASN A 100 9.64 -13.85 -20.94
C ASN A 100 10.86 -14.53 -20.32
N LYS A 101 11.75 -13.76 -19.76
CA LYS A 101 12.97 -14.36 -19.14
C LYS A 101 13.46 -15.55 -19.96
N VAL A 102 14.04 -16.52 -19.32
CA VAL A 102 14.54 -17.72 -20.06
C VAL A 102 14.33 -18.98 -19.22
N GLU A 103 13.99 -20.07 -19.86
CA GLU A 103 13.78 -21.34 -19.09
C GLU A 103 14.45 -22.51 -19.81
N GLY A 1 -20.78 -18.11 -18.72
CA GLY A 1 -21.88 -18.37 -17.75
C GLY A 1 -21.34 -18.30 -16.33
N ARG A 2 -20.92 -17.13 -15.90
CA ARG A 2 -20.39 -17.00 -14.52
C ARG A 2 -20.40 -15.53 -14.09
N TRP A 3 -21.15 -15.21 -13.08
CA TRP A 3 -21.20 -13.79 -12.60
C TRP A 3 -21.24 -13.73 -11.07
N ILE A 4 -20.37 -14.47 -10.42
CA ILE A 4 -20.37 -14.45 -8.93
C ILE A 4 -19.73 -13.16 -8.42
N LEU A 5 -20.25 -12.60 -7.36
CA LEU A 5 -19.68 -11.35 -6.82
C LEU A 5 -18.42 -11.65 -6.01
N LYS A 6 -18.57 -12.23 -4.85
CA LYS A 6 -17.38 -12.56 -4.01
C LYS A 6 -16.41 -11.37 -4.00
N ASN A 7 -16.56 -10.49 -3.06
CA ASN A 7 -15.64 -9.31 -3.00
C ASN A 7 -14.22 -9.78 -2.65
N ASP A 8 -13.25 -9.34 -3.39
CA ASP A 8 -11.84 -9.75 -3.12
C ASP A 8 -11.09 -8.62 -2.42
N VAL A 9 -10.20 -8.95 -1.52
CA VAL A 9 -9.43 -7.89 -0.82
C VAL A 9 -8.40 -7.25 -1.76
N LYS A 10 -7.98 -7.97 -2.76
CA LYS A 10 -6.98 -7.42 -3.72
C LYS A 10 -7.58 -6.23 -4.47
N ASN A 11 -8.83 -6.32 -4.84
CA ASN A 11 -9.47 -5.19 -5.58
C ASN A 11 -9.60 -3.99 -4.65
N ARG A 12 -9.35 -4.18 -3.39
CA ARG A 12 -9.44 -3.04 -2.42
C ARG A 12 -8.24 -3.05 -1.47
N SER A 13 -7.24 -3.83 -1.77
CA SER A 13 -6.05 -3.88 -0.87
C SER A 13 -4.89 -3.09 -1.49
N VAL A 14 -4.24 -2.26 -0.70
CA VAL A 14 -3.11 -1.45 -1.24
C VAL A 14 -2.04 -1.24 -0.16
N TYR A 15 -0.82 -1.01 -0.55
CA TYR A 15 0.25 -0.80 0.45
C TYR A 15 1.05 0.47 0.12
N ILE A 16 1.39 1.25 1.10
CA ILE A 16 2.17 2.50 0.83
C ILE A 16 3.48 2.49 1.62
N LYS A 17 4.54 2.97 1.04
CA LYS A 17 5.85 2.99 1.76
C LYS A 17 6.42 4.41 1.76
N GLY A 18 7.00 4.82 2.85
CA GLY A 18 7.59 6.20 2.91
C GLY A 18 6.86 7.02 3.97
N PHE A 19 6.30 6.37 4.96
CA PHE A 19 5.57 7.10 6.02
C PHE A 19 6.57 7.74 6.99
N PRO A 20 6.05 8.51 7.91
CA PRO A 20 6.91 9.20 8.91
C PRO A 20 7.88 8.22 9.56
N THR A 21 8.99 8.70 10.04
CA THR A 21 9.98 7.79 10.69
C THR A 21 9.28 6.85 11.67
N ASP A 22 8.30 7.34 12.39
CA ASP A 22 7.58 6.46 13.35
C ASP A 22 6.43 5.75 12.65
N ALA A 23 5.76 6.43 11.77
CA ALA A 23 4.62 5.80 11.02
C ALA A 23 3.84 4.88 11.97
N THR A 24 3.38 5.40 13.08
CA THR A 24 2.60 4.55 14.03
C THR A 24 1.13 4.47 13.58
N LEU A 25 0.34 3.73 14.30
CA LEU A 25 -1.10 3.60 13.91
C LEU A 25 -1.75 4.98 13.83
N ASP A 26 -1.45 5.85 14.76
CA ASP A 26 -2.06 7.21 14.73
C ASP A 26 -1.50 8.01 13.56
N ASP A 27 -0.22 7.93 13.33
CA ASP A 27 0.38 8.69 12.19
C ASP A 27 -0.10 8.12 10.86
N ILE A 28 -0.04 6.83 10.70
CA ILE A 28 -0.49 6.21 9.43
C ILE A 28 -1.99 6.48 9.21
N LYS A 29 -2.74 6.52 10.27
CA LYS A 29 -4.21 6.79 10.12
C LYS A 29 -4.44 8.24 9.71
N GLU A 30 -3.52 9.12 10.03
CA GLU A 30 -3.69 10.54 9.65
C GLU A 30 -3.65 10.69 8.13
N TRP A 31 -2.67 10.11 7.51
CA TRP A 31 -2.56 10.20 6.03
C TRP A 31 -3.63 9.33 5.37
N LEU A 32 -3.87 8.17 5.90
CA LEU A 32 -4.89 7.27 5.31
C LEU A 32 -6.29 7.84 5.54
N GLU A 33 -6.55 8.37 6.71
CA GLU A 33 -7.89 8.96 6.98
C GLU A 33 -8.17 10.10 6.01
N ASP A 34 -7.13 10.75 5.53
CA ASP A 34 -7.34 11.88 4.57
C ASP A 34 -7.71 11.33 3.18
N LYS A 35 -7.61 10.05 3.00
CA LYS A 35 -7.96 9.45 1.68
C LYS A 35 -9.47 9.24 1.57
N GLY A 36 -9.93 8.03 1.75
CA GLY A 36 -11.40 7.77 1.66
C GLY A 36 -11.84 6.95 2.87
N GLN A 37 -12.09 5.68 2.67
CA GLN A 37 -12.53 4.82 3.81
C GLN A 37 -11.49 3.73 4.09
N VAL A 38 -11.03 3.63 5.29
CA VAL A 38 -10.02 2.58 5.63
C VAL A 38 -10.64 1.52 6.54
N LEU A 39 -10.38 0.27 6.28
CA LEU A 39 -10.96 -0.81 7.14
C LEU A 39 -9.88 -1.83 7.51
N ASN A 40 -8.64 -1.52 7.27
CA ASN A 40 -7.55 -2.47 7.62
C ASN A 40 -6.18 -1.80 7.44
N ILE A 41 -5.33 -1.91 8.42
CA ILE A 41 -3.98 -1.29 8.32
C ILE A 41 -2.90 -2.28 8.76
N GLN A 42 -2.16 -2.83 7.83
CA GLN A 42 -1.09 -3.79 8.21
C GLN A 42 0.23 -3.06 8.43
N MET A 43 0.73 -3.05 9.64
CA MET A 43 2.01 -2.35 9.90
C MET A 43 3.19 -3.27 9.62
N ARG A 44 4.02 -2.93 8.66
CA ARG A 44 5.20 -3.79 8.34
C ARG A 44 6.40 -3.36 9.17
N ARG A 45 6.88 -4.21 10.04
CA ARG A 45 8.05 -3.85 10.88
C ARG A 45 9.28 -4.66 10.47
N THR A 46 10.42 -4.31 11.00
CA THR A 46 11.67 -5.05 10.65
C THR A 46 12.54 -5.24 11.89
N LEU A 47 13.46 -6.16 11.83
CA LEU A 47 14.34 -6.43 13.01
C LEU A 47 14.82 -5.12 13.64
N HIS A 48 15.05 -5.13 14.92
CA HIS A 48 15.50 -3.90 15.63
C HIS A 48 16.72 -3.30 14.93
N LYS A 49 17.53 -4.13 14.34
CA LYS A 49 18.72 -3.60 13.60
C LYS A 49 18.33 -3.52 12.13
N ALA A 50 17.05 -3.51 11.90
CA ALA A 50 16.53 -3.47 10.51
C ALA A 50 15.74 -2.17 10.30
N PHE A 51 15.51 -1.78 9.08
CA PHE A 51 14.75 -0.52 8.83
C PHE A 51 13.35 -0.84 8.29
N LYS A 52 12.33 -0.57 9.07
CA LYS A 52 10.94 -0.85 8.60
C LYS A 52 10.34 0.42 7.98
N GLY A 53 9.08 0.67 8.23
CA GLY A 53 8.44 1.88 7.66
C GLY A 53 7.45 1.48 6.55
N SER A 54 6.99 0.25 6.57
CA SER A 54 6.03 -0.19 5.53
C SER A 54 4.66 -0.46 6.17
N ILE A 55 3.60 -0.16 5.45
CA ILE A 55 2.24 -0.40 6.01
C ILE A 55 1.26 -0.78 4.90
N PHE A 56 0.34 -1.65 5.18
CA PHE A 56 -0.65 -2.06 4.15
C PHE A 56 -2.04 -1.53 4.53
N VAL A 57 -2.78 -1.06 3.57
CA VAL A 57 -4.15 -0.52 3.89
C VAL A 57 -5.19 -1.16 2.97
N VAL A 58 -6.14 -1.86 3.53
CA VAL A 58 -7.19 -2.51 2.70
C VAL A 58 -8.44 -1.63 2.67
N PHE A 59 -8.80 -1.13 1.52
CA PHE A 59 -10.02 -0.27 1.44
C PHE A 59 -11.28 -1.14 1.46
N ASP A 60 -12.42 -0.54 1.63
CA ASP A 60 -13.69 -1.33 1.67
C ASP A 60 -14.39 -1.28 0.31
N SER A 61 -14.13 -0.27 -0.46
CA SER A 61 -14.79 -0.17 -1.80
C SER A 61 -13.77 -0.39 -2.92
N ILE A 62 -14.09 -1.21 -3.88
CA ILE A 62 -13.13 -1.46 -5.00
C ILE A 62 -12.95 -0.20 -5.83
N GLU A 63 -14.02 0.50 -6.11
CA GLU A 63 -13.93 1.75 -6.93
C GLU A 63 -13.04 2.77 -6.20
N SER A 64 -13.05 2.77 -4.90
CA SER A 64 -12.22 3.75 -4.14
C SER A 64 -10.74 3.37 -4.24
N ALA A 65 -10.44 2.09 -4.33
CA ALA A 65 -9.02 1.67 -4.42
C ALA A 65 -8.46 2.01 -5.82
N LYS A 66 -9.27 1.92 -6.83
CA LYS A 66 -8.79 2.23 -8.20
C LYS A 66 -8.54 3.73 -8.35
N LYS A 67 -9.48 4.55 -7.94
CA LYS A 67 -9.30 6.01 -8.05
C LYS A 67 -8.08 6.47 -7.26
N PHE A 68 -7.76 5.78 -6.20
CA PHE A 68 -6.58 6.16 -5.39
C PHE A 68 -5.28 5.83 -6.14
N VAL A 69 -5.20 4.67 -6.73
CA VAL A 69 -3.97 4.31 -7.50
C VAL A 69 -3.99 4.97 -8.87
N GLU A 70 -5.15 5.20 -9.43
CA GLU A 70 -5.22 5.85 -10.77
C GLU A 70 -4.93 7.35 -10.66
N THR A 71 -4.00 7.72 -9.83
CA THR A 71 -3.67 9.17 -9.68
C THR A 71 -2.18 9.40 -9.98
N PRO A 72 -1.90 10.52 -10.58
CA PRO A 72 -0.49 10.86 -10.92
C PRO A 72 0.41 10.65 -9.70
N GLY A 73 1.69 10.53 -9.90
CA GLY A 73 2.62 10.32 -8.76
C GLY A 73 2.16 11.16 -7.57
N GLN A 74 1.96 10.54 -6.43
CA GLN A 74 1.51 11.31 -5.23
C GLN A 74 2.56 11.22 -4.13
N LYS A 75 3.19 12.32 -3.82
CA LYS A 75 4.23 12.28 -2.74
C LYS A 75 3.81 13.20 -1.59
N TYR A 76 4.02 12.76 -0.38
CA TYR A 76 3.63 13.62 0.78
C TYR A 76 4.84 14.45 1.25
N LYS A 77 4.64 15.73 1.41
CA LYS A 77 5.76 16.61 1.85
C LYS A 77 6.40 16.07 3.14
N GLU A 78 7.17 16.88 3.82
CA GLU A 78 7.82 16.41 5.08
C GLU A 78 8.34 14.98 4.85
N THR A 79 7.59 13.99 5.25
CA THR A 79 8.03 12.59 5.03
C THR A 79 7.69 12.18 3.60
N ASP A 80 8.65 11.74 2.85
CA ASP A 80 8.35 11.34 1.44
C ASP A 80 7.36 10.18 1.42
N LEU A 81 6.14 10.44 1.01
CA LEU A 81 5.15 9.33 0.96
C LEU A 81 5.01 8.80 -0.47
N LEU A 82 5.16 7.51 -0.65
CA LEU A 82 5.05 6.94 -2.02
C LEU A 82 3.94 5.87 -2.05
N ILE A 83 3.06 5.94 -3.01
CA ILE A 83 1.96 4.94 -3.10
C ILE A 83 2.29 3.87 -4.14
N LEU A 84 2.31 2.63 -3.75
CA LEU A 84 2.62 1.54 -4.73
C LEU A 84 1.47 0.54 -4.78
N PHE A 85 1.18 0.00 -5.93
CA PHE A 85 0.07 -0.99 -6.04
C PHE A 85 0.59 -2.41 -5.82
N LYS A 86 -0.28 -3.39 -5.85
CA LYS A 86 0.16 -4.79 -5.66
C LYS A 86 0.85 -5.32 -6.91
N ASP A 87 0.34 -5.00 -8.07
CA ASP A 87 0.96 -5.48 -9.33
C ASP A 87 2.41 -4.99 -9.42
N ASP A 88 2.66 -3.76 -9.07
CA ASP A 88 4.04 -3.23 -9.13
C ASP A 88 4.88 -3.82 -7.99
N TYR A 89 4.36 -3.79 -6.79
CA TYR A 89 5.13 -4.36 -5.66
C TYR A 89 5.44 -5.82 -5.96
N PHE A 90 4.46 -6.57 -6.37
CA PHE A 90 4.69 -8.00 -6.70
C PHE A 90 5.75 -8.08 -7.80
N ALA A 91 5.79 -7.10 -8.66
CA ALA A 91 6.81 -7.13 -9.76
C ALA A 91 8.21 -7.01 -9.17
N LYS A 92 8.43 -6.05 -8.31
CA LYS A 92 9.77 -5.89 -7.69
C LYS A 92 10.02 -6.99 -6.66
N LYS A 93 8.97 -7.53 -6.08
CA LYS A 93 9.13 -8.58 -5.05
C LYS A 93 9.38 -9.95 -5.69
N ASN A 94 8.58 -10.33 -6.64
CA ASN A 94 8.78 -11.66 -7.29
C ASN A 94 10.23 -11.81 -7.76
N GLU A 95 10.73 -10.84 -8.45
CA GLU A 95 12.14 -10.92 -8.94
C GLU A 95 12.48 -9.68 -9.78
N GLU A 96 13.42 -8.89 -9.32
CA GLU A 96 13.81 -7.68 -10.08
C GLU A 96 12.57 -6.90 -10.53
N ARG A 97 12.75 -5.83 -11.27
CA ARG A 97 11.58 -5.04 -11.73
C ARG A 97 11.93 -4.33 -13.04
N LYS A 98 11.89 -5.03 -14.14
CA LYS A 98 12.22 -4.40 -15.44
C LYS A 98 11.06 -3.49 -15.90
N GLN A 99 9.99 -3.46 -15.15
CA GLN A 99 8.83 -2.61 -15.55
C GLN A 99 9.18 -1.13 -15.36
N ASN A 100 8.75 -0.29 -16.26
CA ASN A 100 9.07 1.17 -16.14
C ASN A 100 7.85 1.93 -15.60
N LYS A 101 7.05 2.50 -16.46
CA LYS A 101 5.86 3.25 -15.99
C LYS A 101 4.99 2.37 -15.10
N VAL A 102 4.06 2.95 -14.40
CA VAL A 102 3.17 2.16 -13.51
C VAL A 102 1.89 1.75 -14.25
N GLU A 103 1.82 0.51 -14.67
CA GLU A 103 0.60 0.05 -15.40
C GLU A 103 0.27 1.02 -16.54
N GLY A 1 -7.20 -27.28 -12.90
CA GLY A 1 -7.86 -27.63 -11.60
C GLY A 1 -7.95 -26.39 -10.73
N ARG A 2 -9.15 -25.97 -10.40
CA ARG A 2 -9.31 -24.76 -9.55
C ARG A 2 -10.67 -24.77 -8.85
N TRP A 3 -10.97 -23.77 -8.09
CA TRP A 3 -12.28 -23.72 -7.38
C TRP A 3 -12.66 -22.28 -7.05
N ILE A 4 -13.93 -21.96 -7.12
CA ILE A 4 -14.37 -20.57 -6.81
C ILE A 4 -14.28 -20.31 -5.31
N LEU A 5 -13.74 -19.18 -4.93
CA LEU A 5 -13.64 -18.86 -3.47
C LEU A 5 -14.34 -17.54 -3.16
N LYS A 6 -14.05 -16.95 -2.03
CA LYS A 6 -14.70 -15.66 -1.67
C LYS A 6 -13.86 -14.48 -2.18
N ASN A 7 -14.20 -13.28 -1.79
CA ASN A 7 -13.43 -12.10 -2.26
C ASN A 7 -12.00 -12.15 -1.69
N ASP A 8 -11.03 -11.85 -2.51
CA ASP A 8 -9.61 -11.89 -2.02
C ASP A 8 -9.17 -10.48 -1.58
N VAL A 9 -8.48 -10.38 -0.48
CA VAL A 9 -8.03 -9.05 -0.01
C VAL A 9 -7.22 -8.35 -1.10
N LYS A 10 -6.67 -9.10 -2.02
CA LYS A 10 -5.86 -8.47 -3.10
C LYS A 10 -6.77 -7.60 -3.99
N ASN A 11 -7.99 -8.00 -4.14
CA ASN A 11 -8.93 -7.19 -4.99
C ASN A 11 -9.16 -5.81 -4.35
N ARG A 12 -8.64 -5.59 -3.18
CA ARG A 12 -8.83 -4.27 -2.52
C ARG A 12 -7.66 -3.97 -1.58
N SER A 13 -6.48 -4.41 -1.92
CA SER A 13 -5.29 -4.16 -1.05
C SER A 13 -4.42 -3.05 -1.66
N VAL A 14 -3.98 -2.13 -0.85
CA VAL A 14 -3.11 -1.03 -1.38
C VAL A 14 -1.80 -0.97 -0.60
N TYR A 15 -0.70 -0.97 -1.31
CA TYR A 15 0.62 -0.91 -0.62
C TYR A 15 1.18 0.51 -0.67
N ILE A 16 1.73 0.98 0.42
CA ILE A 16 2.30 2.36 0.43
C ILE A 16 3.71 2.34 1.01
N LYS A 17 4.64 3.04 0.39
CA LYS A 17 6.03 3.06 0.91
C LYS A 17 6.50 4.50 1.12
N GLY A 18 7.52 4.69 1.90
CA GLY A 18 8.02 6.08 2.15
C GLY A 18 7.36 6.65 3.42
N PHE A 19 7.07 5.80 4.36
CA PHE A 19 6.43 6.30 5.62
C PHE A 19 7.51 6.59 6.67
N PRO A 20 7.16 7.45 7.59
CA PRO A 20 8.12 7.83 8.67
C PRO A 20 8.56 6.59 9.45
N THR A 21 9.49 6.75 10.36
CA THR A 21 9.97 5.59 11.16
C THR A 21 9.10 5.42 12.41
N ASP A 22 7.88 5.86 12.35
CA ASP A 22 6.98 5.73 13.54
C ASP A 22 5.52 5.82 13.09
N ALA A 23 5.27 5.55 11.83
CA ALA A 23 3.87 5.62 11.32
C ALA A 23 2.99 4.60 12.03
N THR A 24 2.73 4.80 13.28
CA THR A 24 1.88 3.83 14.03
C THR A 24 0.41 3.98 13.62
N LEU A 25 -0.45 3.19 14.18
CA LEU A 25 -1.90 3.28 13.83
C LEU A 25 -2.40 4.71 14.05
N ASP A 26 -1.95 5.36 15.09
CA ASP A 26 -2.41 6.75 15.37
C ASP A 26 -1.83 7.71 14.32
N ASP A 27 -0.59 7.55 13.98
CA ASP A 27 0.03 8.46 12.96
C ASP A 27 -0.59 8.19 11.58
N ILE A 28 -0.68 6.95 11.20
CA ILE A 28 -1.28 6.63 9.87
C ILE A 28 -2.72 7.14 9.81
N LYS A 29 -3.43 7.05 10.90
CA LYS A 29 -4.84 7.52 10.91
C LYS A 29 -4.90 9.01 10.52
N GLU A 30 -3.91 9.76 10.90
CA GLU A 30 -3.90 11.21 10.56
C GLU A 30 -3.71 11.40 9.05
N TRP A 31 -2.74 10.73 8.49
CA TRP A 31 -2.49 10.87 7.03
C TRP A 31 -3.60 10.16 6.24
N LEU A 32 -3.99 8.99 6.67
CA LEU A 32 -5.06 8.25 5.94
C LEU A 32 -6.40 8.96 6.12
N GLU A 33 -6.67 9.47 7.29
CA GLU A 33 -7.97 10.18 7.53
C GLU A 33 -8.06 11.40 6.59
N ASP A 34 -6.95 11.94 6.19
CA ASP A 34 -6.98 13.11 5.27
C ASP A 34 -7.34 12.68 3.86
N LYS A 35 -7.56 11.40 3.65
CA LYS A 35 -7.91 10.92 2.29
C LYS A 35 -9.41 10.62 2.22
N GLY A 36 -9.79 9.36 2.21
CA GLY A 36 -11.24 9.02 2.14
C GLY A 36 -11.60 8.08 3.29
N GLN A 37 -11.82 6.83 2.98
CA GLN A 37 -12.19 5.86 4.06
C GLN A 37 -11.10 4.77 4.19
N VAL A 38 -10.71 4.45 5.40
CA VAL A 38 -9.67 3.41 5.59
C VAL A 38 -10.31 2.13 6.12
N LEU A 39 -9.93 0.99 5.58
CA LEU A 39 -10.52 -0.28 6.06
C LEU A 39 -9.56 -0.99 7.03
N ASN A 40 -8.27 -0.90 6.79
CA ASN A 40 -7.30 -1.57 7.70
C ASN A 40 -5.91 -0.97 7.52
N ILE A 41 -5.08 -1.06 8.52
CA ILE A 41 -3.70 -0.50 8.40
C ILE A 41 -2.67 -1.51 8.92
N GLN A 42 -1.90 -2.09 8.04
CA GLN A 42 -0.87 -3.08 8.48
C GLN A 42 0.52 -2.46 8.42
N MET A 43 1.26 -2.52 9.49
CA MET A 43 2.63 -1.93 9.50
C MET A 43 3.64 -2.95 8.96
N ARG A 44 4.35 -2.61 7.91
CA ARG A 44 5.35 -3.55 7.36
C ARG A 44 6.73 -3.28 7.98
N ARG A 45 7.31 -4.28 8.59
CA ARG A 45 8.65 -4.10 9.22
C ARG A 45 9.76 -4.59 8.28
N THR A 46 10.93 -4.05 8.44
CA THR A 46 12.08 -4.45 7.57
C THR A 46 13.13 -5.19 8.40
N LEU A 47 14.03 -5.88 7.74
CA LEU A 47 15.07 -6.65 8.49
C LEU A 47 15.65 -5.82 9.64
N HIS A 48 16.07 -6.48 10.67
CA HIS A 48 16.63 -5.77 11.87
C HIS A 48 17.74 -4.81 11.48
N LYS A 49 18.50 -5.14 10.46
CA LYS A 49 19.57 -4.23 10.02
C LYS A 49 19.00 -3.33 8.93
N ALA A 50 17.70 -3.36 8.83
CA ALA A 50 17.00 -2.56 7.80
C ALA A 50 16.10 -1.52 8.49
N PHE A 51 15.76 -0.46 7.81
CA PHE A 51 14.87 0.58 8.43
C PHE A 51 13.41 0.38 7.98
N LYS A 52 12.54 0.08 8.91
CA LYS A 52 11.11 -0.13 8.54
C LYS A 52 10.54 1.09 7.81
N GLY A 53 9.29 1.38 8.00
CA GLY A 53 8.70 2.56 7.31
C GLY A 53 7.74 2.09 6.22
N SER A 54 7.28 0.86 6.29
CA SER A 54 6.34 0.35 5.25
C SER A 54 4.98 0.04 5.89
N ILE A 55 3.92 0.21 5.15
CA ILE A 55 2.57 -0.09 5.73
C ILE A 55 1.64 -0.62 4.64
N PHE A 56 0.56 -1.24 5.04
CA PHE A 56 -0.40 -1.79 4.03
C PHE A 56 -1.83 -1.33 4.37
N VAL A 57 -2.50 -0.72 3.45
CA VAL A 57 -3.89 -0.25 3.72
C VAL A 57 -4.89 -0.92 2.77
N VAL A 58 -6.03 -1.28 3.26
CA VAL A 58 -7.05 -1.93 2.38
C VAL A 58 -8.29 -1.03 2.26
N PHE A 59 -8.80 -0.88 1.06
CA PHE A 59 -10.00 -0.01 0.88
C PHE A 59 -11.28 -0.84 1.04
N ASP A 60 -12.34 -0.22 1.48
CA ASP A 60 -13.61 -0.97 1.67
C ASP A 60 -14.17 -1.41 0.31
N SER A 61 -13.95 -0.64 -0.71
CA SER A 61 -14.47 -1.02 -2.07
C SER A 61 -13.30 -1.39 -2.98
N ILE A 62 -13.43 -2.45 -3.72
CA ILE A 62 -12.33 -2.86 -4.64
C ILE A 62 -12.17 -1.83 -5.77
N GLU A 63 -13.25 -1.36 -6.31
CA GLU A 63 -13.17 -0.35 -7.40
C GLU A 63 -12.59 0.96 -6.88
N SER A 64 -12.91 1.32 -5.67
CA SER A 64 -12.37 2.59 -5.10
C SER A 64 -10.84 2.53 -5.03
N ALA A 65 -10.29 1.36 -4.88
CA ALA A 65 -8.80 1.25 -4.81
C ALA A 65 -8.18 1.52 -6.19
N LYS A 66 -8.85 1.13 -7.24
CA LYS A 66 -8.30 1.36 -8.61
C LYS A 66 -8.24 2.86 -8.91
N LYS A 67 -9.17 3.62 -8.40
CA LYS A 67 -9.16 5.09 -8.66
C LYS A 67 -8.04 5.77 -7.87
N PHE A 68 -7.85 5.36 -6.64
CA PHE A 68 -6.78 5.97 -5.81
C PHE A 68 -5.41 5.73 -6.45
N VAL A 69 -5.16 4.52 -6.86
CA VAL A 69 -3.84 4.22 -7.50
C VAL A 69 -3.74 4.87 -8.88
N GLU A 70 -4.85 5.04 -9.54
CA GLU A 70 -4.83 5.69 -10.88
C GLU A 70 -4.62 7.20 -10.74
N THR A 71 -4.46 7.67 -9.54
CA THR A 71 -4.25 9.13 -9.32
C THR A 71 -2.78 9.49 -9.58
N PRO A 72 -2.57 10.65 -10.12
CA PRO A 72 -1.21 11.12 -10.44
C PRO A 72 -0.27 10.82 -9.27
N GLY A 73 1.02 10.84 -9.51
CA GLY A 73 1.98 10.55 -8.42
C GLY A 73 1.60 11.31 -7.15
N GLN A 74 1.58 10.65 -6.03
CA GLN A 74 1.22 11.33 -4.76
C GLN A 74 2.37 11.23 -3.77
N LYS A 75 2.99 12.33 -3.43
CA LYS A 75 4.12 12.28 -2.47
C LYS A 75 3.82 13.15 -1.25
N TYR A 76 4.16 12.67 -0.08
CA TYR A 76 3.89 13.48 1.15
C TYR A 76 5.16 14.24 1.56
N LYS A 77 5.02 15.50 1.88
CA LYS A 77 6.20 16.31 2.29
C LYS A 77 6.98 15.63 3.41
N GLU A 78 7.83 16.35 4.10
CA GLU A 78 8.62 15.73 5.20
C GLU A 78 9.10 14.34 4.76
N THR A 79 8.46 13.30 5.24
CA THR A 79 8.88 11.93 4.82
C THR A 79 8.31 11.66 3.43
N ASP A 80 9.14 11.31 2.49
CA ASP A 80 8.63 11.05 1.11
C ASP A 80 7.62 9.91 1.14
N LEU A 81 6.36 10.21 0.95
CA LEU A 81 5.33 9.13 0.96
C LEU A 81 5.02 8.69 -0.47
N LEU A 82 5.24 7.46 -0.79
CA LEU A 82 4.95 6.96 -2.17
C LEU A 82 3.92 5.84 -2.12
N ILE A 83 2.90 5.92 -2.93
CA ILE A 83 1.87 4.84 -2.93
C ILE A 83 2.08 3.88 -4.10
N LEU A 84 2.22 2.61 -3.81
CA LEU A 84 2.43 1.62 -4.90
C LEU A 84 1.33 0.55 -4.87
N PHE A 85 0.92 0.08 -6.01
CA PHE A 85 -0.15 -0.96 -6.04
C PHE A 85 0.41 -2.31 -5.59
N LYS A 86 -0.41 -3.12 -4.98
CA LYS A 86 0.08 -4.45 -4.51
C LYS A 86 0.60 -5.27 -5.69
N ASP A 87 -0.15 -5.33 -6.76
CA ASP A 87 0.30 -6.12 -7.93
C ASP A 87 1.51 -5.45 -8.61
N ASP A 88 1.55 -4.15 -8.59
CA ASP A 88 2.70 -3.44 -9.24
C ASP A 88 3.96 -3.59 -8.39
N TYR A 89 3.87 -3.34 -7.11
CA TYR A 89 5.09 -3.47 -6.25
C TYR A 89 5.55 -4.93 -6.29
N PHE A 90 4.64 -5.84 -6.06
CA PHE A 90 5.03 -7.28 -6.10
C PHE A 90 5.47 -7.65 -7.51
N ALA A 91 4.91 -7.01 -8.50
CA ALA A 91 5.31 -7.31 -9.90
C ALA A 91 6.77 -6.93 -10.12
N LYS A 92 7.14 -5.73 -9.74
CA LYS A 92 8.55 -5.29 -9.91
C LYS A 92 9.46 -5.99 -8.89
N LYS A 93 9.10 -5.94 -7.64
CA LYS A 93 9.94 -6.59 -6.59
C LYS A 93 10.10 -8.08 -6.87
N ASN A 94 9.02 -8.74 -7.22
CA ASN A 94 9.10 -10.20 -7.50
C ASN A 94 9.86 -10.44 -8.80
N GLU A 95 9.46 -9.77 -9.85
CA GLU A 95 10.14 -9.95 -11.17
C GLU A 95 9.88 -11.36 -11.71
N GLU A 96 10.26 -12.36 -10.98
CA GLU A 96 10.04 -13.76 -11.45
C GLU A 96 10.13 -14.74 -10.27
N ARG A 97 9.02 -15.32 -9.90
CA ARG A 97 9.04 -16.29 -8.77
C ARG A 97 7.97 -17.37 -8.97
N LYS A 98 8.27 -18.60 -8.61
CA LYS A 98 7.28 -19.69 -8.79
C LYS A 98 6.46 -19.88 -7.50
N GLN A 99 7.06 -20.44 -6.49
CA GLN A 99 6.32 -20.67 -5.22
C GLN A 99 6.02 -19.32 -4.55
N ASN A 100 4.81 -19.15 -4.08
CA ASN A 100 4.44 -17.86 -3.42
C ASN A 100 4.35 -18.06 -1.90
N LYS A 101 3.62 -17.20 -1.23
CA LYS A 101 3.48 -17.33 0.25
C LYS A 101 2.44 -18.40 0.58
N VAL A 102 1.82 -18.30 1.73
CA VAL A 102 0.79 -19.30 2.11
C VAL A 102 -0.20 -19.52 0.95
N GLU A 103 -0.34 -18.54 0.10
CA GLU A 103 -1.29 -18.69 -1.04
C GLU A 103 -2.72 -18.88 -0.52
N GLY A 1 -23.23 -17.00 -0.63
CA GLY A 1 -21.93 -17.00 -1.37
C GLY A 1 -21.70 -18.37 -2.00
N ARG A 2 -21.12 -18.41 -3.16
CA ARG A 2 -20.87 -19.73 -3.83
C ARG A 2 -19.61 -19.65 -4.69
N TRP A 3 -18.46 -19.63 -4.09
CA TRP A 3 -17.20 -19.55 -4.88
C TRP A 3 -15.99 -19.75 -3.97
N ILE A 4 -14.81 -19.75 -4.52
CA ILE A 4 -13.59 -19.95 -3.69
C ILE A 4 -13.30 -18.68 -2.88
N LEU A 5 -12.69 -18.82 -1.73
CA LEU A 5 -12.38 -17.62 -0.90
C LEU A 5 -13.66 -16.83 -0.61
N LYS A 6 -13.55 -15.75 0.11
CA LYS A 6 -14.77 -14.95 0.43
C LYS A 6 -14.61 -13.51 -0.08
N ASN A 7 -14.09 -12.63 0.75
CA ASN A 7 -13.92 -11.22 0.30
C ASN A 7 -12.51 -11.02 -0.29
N ASP A 8 -12.43 -10.69 -1.55
CA ASP A 8 -11.09 -10.48 -2.17
C ASP A 8 -10.38 -9.28 -1.54
N VAL A 9 -9.36 -9.53 -0.76
CA VAL A 9 -8.63 -8.40 -0.11
C VAL A 9 -7.78 -7.65 -1.15
N LYS A 10 -7.46 -8.29 -2.24
CA LYS A 10 -6.63 -7.63 -3.28
C LYS A 10 -7.38 -6.44 -3.89
N ASN A 11 -8.65 -6.59 -4.14
CA ASN A 11 -9.43 -5.47 -4.73
C ASN A 11 -9.49 -4.31 -3.74
N ARG A 12 -9.11 -4.53 -2.52
CA ARG A 12 -9.15 -3.45 -1.50
C ARG A 12 -7.84 -3.41 -0.71
N SER A 13 -6.86 -4.15 -1.15
CA SER A 13 -5.55 -4.15 -0.42
C SER A 13 -4.52 -3.33 -1.19
N VAL A 14 -3.86 -2.42 -0.51
CA VAL A 14 -2.83 -1.58 -1.20
C VAL A 14 -1.61 -1.41 -0.29
N TYR A 15 -0.43 -1.35 -0.87
CA TYR A 15 0.79 -1.18 -0.05
C TYR A 15 1.35 0.23 -0.19
N ILE A 16 1.79 0.83 0.89
CA ILE A 16 2.35 2.21 0.80
C ILE A 16 3.76 2.25 1.38
N LYS A 17 4.67 2.91 0.72
CA LYS A 17 6.06 2.97 1.24
C LYS A 17 6.52 4.43 1.34
N GLY A 18 7.44 4.72 2.23
CA GLY A 18 7.93 6.11 2.37
C GLY A 18 7.49 6.68 3.71
N PHE A 19 6.58 6.01 4.38
CA PHE A 19 6.11 6.52 5.71
C PHE A 19 7.29 7.06 6.52
N PRO A 20 7.01 8.03 7.34
CA PRO A 20 8.06 8.65 8.19
C PRO A 20 8.67 7.59 9.12
N THR A 21 9.55 8.00 9.99
CA THR A 21 10.20 7.03 10.92
C THR A 21 9.30 6.81 12.14
N ASP A 22 8.07 7.23 12.07
CA ASP A 22 7.15 7.04 13.22
C ASP A 22 5.72 6.82 12.71
N ALA A 23 5.59 6.29 11.52
CA ALA A 23 4.23 6.05 10.97
C ALA A 23 3.50 5.01 11.81
N THR A 24 3.19 5.33 13.03
CA THR A 24 2.47 4.37 13.91
C THR A 24 1.01 4.25 13.48
N LEU A 25 0.25 3.41 14.14
CA LEU A 25 -1.19 3.25 13.76
C LEU A 25 -1.90 4.61 13.81
N ASP A 26 -1.57 5.42 14.77
CA ASP A 26 -2.22 6.76 14.87
C ASP A 26 -1.77 7.66 13.71
N ASP A 27 -0.50 7.64 13.40
CA ASP A 27 0.01 8.50 12.29
C ASP A 27 -0.55 8.00 10.96
N ILE A 28 -0.53 6.72 10.73
CA ILE A 28 -1.06 6.18 9.44
C ILE A 28 -2.56 6.45 9.34
N LYS A 29 -3.26 6.41 10.43
CA LYS A 29 -4.74 6.67 10.39
C LYS A 29 -5.00 8.14 10.04
N GLU A 30 -4.08 9.01 10.35
CA GLU A 30 -4.29 10.46 10.05
C GLU A 30 -4.23 10.70 8.54
N TRP A 31 -3.23 10.17 7.90
CA TRP A 31 -3.09 10.36 6.42
C TRP A 31 -4.24 9.64 5.69
N LEU A 32 -4.55 8.45 6.11
CA LEU A 32 -5.66 7.71 5.44
C LEU A 32 -7.01 8.35 5.76
N GLU A 33 -7.23 8.73 6.99
CA GLU A 33 -8.53 9.37 7.35
C GLU A 33 -8.81 10.57 6.45
N ASP A 34 -7.79 11.20 5.94
CA ASP A 34 -7.99 12.38 5.06
C ASP A 34 -8.00 11.94 3.59
N LYS A 35 -8.11 10.66 3.34
CA LYS A 35 -8.12 10.17 1.93
C LYS A 35 -9.24 9.14 1.74
N GLY A 36 -10.04 8.91 2.74
CA GLY A 36 -11.13 7.91 2.62
C GLY A 36 -11.25 7.12 3.92
N GLN A 37 -11.73 5.92 3.85
CA GLN A 37 -11.89 5.10 5.09
C GLN A 37 -10.99 3.86 5.01
N VAL A 38 -10.30 3.56 6.08
CA VAL A 38 -9.39 2.37 6.07
C VAL A 38 -10.11 1.16 6.66
N LEU A 39 -10.12 0.06 5.95
CA LEU A 39 -10.79 -1.16 6.48
C LEU A 39 -9.79 -2.05 7.21
N ASN A 40 -8.62 -2.21 6.65
CA ASN A 40 -7.58 -3.06 7.31
C ASN A 40 -6.18 -2.47 7.07
N ILE A 41 -5.38 -2.37 8.09
CA ILE A 41 -4.02 -1.80 7.90
C ILE A 41 -2.96 -2.76 8.47
N GLN A 42 -1.93 -3.04 7.72
CA GLN A 42 -0.86 -3.96 8.21
C GLN A 42 0.50 -3.27 8.11
N MET A 43 1.12 -2.98 9.23
CA MET A 43 2.45 -2.31 9.20
C MET A 43 3.56 -3.34 9.03
N ARG A 44 4.38 -3.19 8.02
CA ARG A 44 5.49 -4.16 7.81
C ARG A 44 6.66 -3.82 8.74
N ARG A 45 6.98 -4.71 9.64
CA ARG A 45 8.11 -4.45 10.59
C ARG A 45 9.30 -5.35 10.26
N THR A 46 10.41 -5.11 10.88
CA THR A 46 11.62 -5.94 10.60
C THR A 46 12.50 -6.06 11.86
N LEU A 47 13.39 -7.01 11.88
CA LEU A 47 14.26 -7.18 13.08
C LEU A 47 14.80 -5.83 13.57
N HIS A 48 15.03 -5.71 14.85
CA HIS A 48 15.54 -4.43 15.43
C HIS A 48 16.78 -3.95 14.68
N LYS A 49 17.58 -4.86 14.20
CA LYS A 49 18.79 -4.46 13.43
C LYS A 49 18.42 -4.50 11.96
N ALA A 50 17.15 -4.51 11.70
CA ALA A 50 16.65 -4.58 10.31
C ALA A 50 15.88 -3.30 9.96
N PHE A 51 15.80 -2.94 8.71
CA PHE A 51 15.06 -1.71 8.33
C PHE A 51 13.79 -2.06 7.54
N LYS A 52 12.64 -1.71 8.05
CA LYS A 52 11.38 -2.01 7.32
C LYS A 52 10.71 -0.71 6.87
N GLY A 53 10.11 0.00 7.78
CA GLY A 53 9.44 1.27 7.39
C GLY A 53 8.37 0.99 6.34
N SER A 54 7.84 -0.20 6.30
CA SER A 54 6.81 -0.52 5.28
C SER A 54 5.43 -0.69 5.94
N ILE A 55 4.38 -0.37 5.23
CA ILE A 55 3.02 -0.52 5.82
C ILE A 55 2.02 -0.89 4.73
N PHE A 56 0.90 -1.45 5.10
CA PHE A 56 -0.13 -1.83 4.09
C PHE A 56 -1.51 -1.31 4.51
N VAL A 57 -2.22 -0.72 3.61
CA VAL A 57 -3.57 -0.20 3.96
C VAL A 57 -4.65 -0.80 3.04
N VAL A 58 -5.82 -1.01 3.55
CA VAL A 58 -6.91 -1.59 2.71
C VAL A 58 -8.11 -0.65 2.66
N PHE A 59 -8.56 -0.30 1.48
CA PHE A 59 -9.73 0.61 1.37
C PHE A 59 -11.03 -0.18 1.47
N ASP A 60 -12.09 0.46 1.90
CA ASP A 60 -13.40 -0.26 2.01
C ASP A 60 -14.01 -0.51 0.63
N SER A 61 -13.77 0.39 -0.30
CA SER A 61 -14.33 0.21 -1.66
C SER A 61 -13.21 -0.10 -2.66
N ILE A 62 -13.39 -1.08 -3.49
CA ILE A 62 -12.33 -1.42 -4.49
C ILE A 62 -12.18 -0.28 -5.49
N GLU A 63 -13.27 0.28 -5.94
CA GLU A 63 -13.19 1.40 -6.91
C GLU A 63 -12.38 2.57 -6.32
N SER A 64 -12.42 2.71 -5.02
CA SER A 64 -11.66 3.81 -4.37
C SER A 64 -10.15 3.51 -4.42
N ALA A 65 -9.79 2.26 -4.44
CA ALA A 65 -8.34 1.90 -4.49
C ALA A 65 -7.77 2.21 -5.88
N LYS A 66 -8.49 1.88 -6.91
CA LYS A 66 -7.99 2.15 -8.29
C LYS A 66 -7.83 3.67 -8.50
N LYS A 67 -8.81 4.43 -8.10
CA LYS A 67 -8.71 5.90 -8.26
C LYS A 67 -7.43 6.43 -7.61
N PHE A 68 -7.01 5.81 -6.54
CA PHE A 68 -5.77 6.26 -5.85
C PHE A 68 -4.55 5.95 -6.72
N VAL A 69 -4.52 4.79 -7.33
CA VAL A 69 -3.35 4.42 -8.18
C VAL A 69 -3.47 5.10 -9.55
N GLU A 70 -4.68 5.29 -10.02
CA GLU A 70 -4.87 5.95 -11.34
C GLU A 70 -4.61 7.45 -11.21
N THR A 71 -4.49 7.93 -10.01
CA THR A 71 -4.23 9.38 -9.80
C THR A 71 -2.74 9.67 -10.01
N PRO A 72 -2.47 10.83 -10.56
CA PRO A 72 -1.07 11.23 -10.82
C PRO A 72 -0.20 10.93 -9.60
N GLY A 73 1.09 10.85 -9.78
CA GLY A 73 1.99 10.54 -8.64
C GLY A 73 1.55 11.34 -7.40
N GLN A 74 1.46 10.69 -6.27
CA GLN A 74 1.04 11.40 -5.03
C GLN A 74 2.13 11.29 -3.98
N LYS A 75 2.77 12.38 -3.65
CA LYS A 75 3.84 12.32 -2.62
C LYS A 75 3.48 13.18 -1.42
N TYR A 76 3.76 12.72 -0.24
CA TYR A 76 3.43 13.51 0.98
C TYR A 76 4.65 14.33 1.41
N LYS A 77 4.45 15.59 1.65
CA LYS A 77 5.58 16.48 2.07
C LYS A 77 6.32 15.88 3.26
N GLU A 78 7.09 16.68 3.96
CA GLU A 78 7.84 16.15 5.14
C GLU A 78 8.45 14.78 4.77
N THR A 79 7.77 13.72 5.11
CA THR A 79 8.29 12.38 4.74
C THR A 79 7.83 12.02 3.34
N ASP A 80 8.73 11.65 2.47
CA ASP A 80 8.32 11.30 1.08
C ASP A 80 7.34 10.12 1.11
N LEU A 81 6.08 10.37 0.84
CA LEU A 81 5.10 9.24 0.85
C LEU A 81 4.83 8.77 -0.59
N LEU A 82 5.03 7.51 -0.84
CA LEU A 82 4.78 6.98 -2.21
C LEU A 82 3.77 5.84 -2.15
N ILE A 83 2.76 5.87 -2.98
CA ILE A 83 1.73 4.80 -2.97
C ILE A 83 1.98 3.80 -4.10
N LEU A 84 2.09 2.53 -3.78
CA LEU A 84 2.33 1.51 -4.83
C LEU A 84 1.21 0.46 -4.83
N PHE A 85 0.84 -0.03 -5.97
CA PHE A 85 -0.25 -1.05 -6.03
C PHE A 85 0.28 -2.41 -5.58
N LYS A 86 -0.56 -3.24 -5.01
CA LYS A 86 -0.10 -4.58 -4.55
C LYS A 86 0.45 -5.39 -5.74
N ASP A 87 -0.27 -5.42 -6.82
CA ASP A 87 0.21 -6.19 -8.01
C ASP A 87 1.55 -5.61 -8.49
N ASP A 88 1.77 -4.34 -8.29
CA ASP A 88 3.04 -3.72 -8.74
C ASP A 88 4.19 -4.14 -7.80
N TYR A 89 3.97 -4.11 -6.52
CA TYR A 89 5.05 -4.51 -5.57
C TYR A 89 5.48 -5.95 -5.90
N PHE A 90 4.55 -6.84 -6.03
CA PHE A 90 4.90 -8.25 -6.35
C PHE A 90 5.56 -8.28 -7.73
N ALA A 91 5.10 -7.45 -8.63
CA ALA A 91 5.69 -7.42 -10.00
C ALA A 91 7.14 -6.96 -9.92
N LYS A 92 7.41 -5.94 -9.16
CA LYS A 92 8.81 -5.44 -9.04
C LYS A 92 9.66 -6.38 -8.17
N LYS A 93 9.13 -6.83 -7.06
CA LYS A 93 9.93 -7.72 -6.16
C LYS A 93 9.96 -9.17 -6.63
N ASN A 94 8.95 -9.62 -7.33
CA ASN A 94 8.96 -11.04 -7.79
C ASN A 94 10.27 -11.36 -8.51
N GLU A 95 10.74 -10.47 -9.32
CA GLU A 95 12.02 -10.72 -10.04
C GLU A 95 12.76 -9.41 -10.29
N GLU A 96 13.93 -9.26 -9.74
CA GLU A 96 14.71 -8.00 -9.95
C GLU A 96 14.61 -7.56 -11.41
N ARG A 97 14.57 -6.27 -11.65
CA ARG A 97 14.48 -5.78 -13.06
C ARG A 97 15.86 -5.84 -13.72
N LYS A 98 16.18 -4.87 -14.53
CA LYS A 98 17.51 -4.88 -15.22
C LYS A 98 18.04 -3.45 -15.36
N GLN A 99 17.26 -2.58 -15.95
CA GLN A 99 17.72 -1.17 -16.11
C GLN A 99 17.88 -0.50 -14.74
N ASN A 100 18.75 0.47 -14.65
CA ASN A 100 18.94 1.17 -13.34
C ASN A 100 20.00 2.26 -13.48
N LYS A 101 20.94 2.08 -14.37
CA LYS A 101 22.00 3.11 -14.56
C LYS A 101 21.92 3.70 -15.97
N VAL A 102 23.01 4.20 -16.48
CA VAL A 102 23.00 4.79 -17.85
C VAL A 102 21.91 5.86 -17.96
N GLU A 103 22.25 7.09 -17.72
CA GLU A 103 21.23 8.18 -17.82
C GLU A 103 21.89 9.54 -17.60
N GLY A 1 -23.67 -18.91 -0.40
CA GLY A 1 -23.81 -19.73 -1.63
C GLY A 1 -22.52 -20.51 -1.88
N ARG A 2 -22.15 -21.38 -0.97
CA ARG A 2 -20.90 -22.16 -1.15
C ARG A 2 -19.69 -21.22 -1.25
N TRP A 3 -18.77 -21.31 -0.32
CA TRP A 3 -17.57 -20.43 -0.38
C TRP A 3 -18.01 -18.96 -0.32
N ILE A 4 -17.18 -18.11 0.20
CA ILE A 4 -17.55 -16.66 0.29
C ILE A 4 -17.33 -15.98 -1.07
N LEU A 5 -18.11 -14.98 -1.37
CA LEU A 5 -17.95 -14.28 -2.67
C LEU A 5 -17.66 -12.79 -2.45
N LYS A 6 -18.57 -11.93 -2.81
CA LYS A 6 -18.35 -10.47 -2.61
C LYS A 6 -17.02 -10.05 -3.26
N ASN A 7 -16.46 -8.95 -2.83
CA ASN A 7 -15.18 -8.48 -3.42
C ASN A 7 -14.00 -9.10 -2.66
N ASP A 8 -13.00 -9.55 -3.36
CA ASP A 8 -11.81 -10.15 -2.67
C ASP A 8 -11.05 -9.08 -1.89
N VAL A 9 -10.34 -9.48 -0.87
CA VAL A 9 -9.57 -8.49 -0.06
C VAL A 9 -8.35 -7.99 -0.85
N LYS A 10 -7.90 -8.77 -1.81
CA LYS A 10 -6.71 -8.33 -2.60
C LYS A 10 -7.06 -7.09 -3.40
N ASN A 11 -8.16 -7.10 -4.09
CA ASN A 11 -8.55 -5.91 -4.90
C ASN A 11 -8.82 -4.72 -3.97
N ARG A 12 -8.81 -4.93 -2.70
CA ARG A 12 -9.06 -3.81 -1.74
C ARG A 12 -7.85 -3.60 -0.83
N SER A 13 -6.76 -4.26 -1.12
CA SER A 13 -5.54 -4.10 -0.27
C SER A 13 -4.52 -3.21 -0.98
N VAL A 14 -3.92 -2.30 -0.27
CA VAL A 14 -2.90 -1.40 -0.90
C VAL A 14 -1.69 -1.26 0.02
N TYR A 15 -0.54 -0.95 -0.53
CA TYR A 15 0.68 -0.80 0.32
C TYR A 15 1.32 0.57 0.08
N ILE A 16 1.77 1.22 1.12
CA ILE A 16 2.41 2.55 0.96
C ILE A 16 3.76 2.57 1.66
N LYS A 17 4.77 3.11 1.02
CA LYS A 17 6.12 3.17 1.65
C LYS A 17 6.63 4.61 1.68
N GLY A 18 7.25 5.00 2.76
CA GLY A 18 7.77 6.39 2.86
C GLY A 18 7.10 7.10 4.04
N PHE A 19 6.54 6.36 4.95
CA PHE A 19 5.88 7.01 6.12
C PHE A 19 6.93 7.59 7.08
N PRO A 20 6.45 8.24 8.10
CA PRO A 20 7.36 8.86 9.09
C PRO A 20 8.35 7.83 9.64
N THR A 21 9.51 8.29 10.06
CA THR A 21 10.53 7.33 10.60
C THR A 21 9.86 6.26 11.47
N ASP A 22 8.97 6.65 12.33
CA ASP A 22 8.28 5.66 13.20
C ASP A 22 7.08 5.08 12.47
N ALA A 23 6.49 5.85 11.59
CA ALA A 23 5.31 5.36 10.83
C ALA A 23 4.41 4.52 11.74
N THR A 24 3.83 5.11 12.76
CA THR A 24 2.95 4.34 13.67
C THR A 24 1.52 4.30 13.12
N LEU A 25 0.63 3.64 13.80
CA LEU A 25 -0.78 3.57 13.32
C LEU A 25 -1.43 4.95 13.33
N ASP A 26 -0.99 5.82 14.19
CA ASP A 26 -1.60 7.18 14.25
C ASP A 26 -1.21 7.99 13.01
N ASP A 27 0.03 7.93 12.61
CA ASP A 27 0.46 8.71 11.40
C ASP A 27 -0.18 8.12 10.15
N ILE A 28 -0.20 6.82 10.04
CA ILE A 28 -0.82 6.18 8.84
C ILE A 28 -2.34 6.40 8.84
N LYS A 29 -2.95 6.29 9.98
CA LYS A 29 -4.43 6.48 10.05
C LYS A 29 -4.78 7.95 9.82
N GLU A 30 -3.92 8.85 10.21
CA GLU A 30 -4.19 10.30 10.03
C GLU A 30 -4.09 10.66 8.54
N TRP A 31 -3.11 10.14 7.87
CA TRP A 31 -2.96 10.45 6.42
C TRP A 31 -4.01 9.69 5.59
N LEU A 32 -4.28 8.47 5.97
CA LEU A 32 -5.30 7.68 5.21
C LEU A 32 -6.70 8.24 5.44
N GLU A 33 -7.05 8.51 6.67
CA GLU A 33 -8.40 9.06 6.96
C GLU A 33 -8.58 10.40 6.24
N ASP A 34 -7.51 11.08 5.95
CA ASP A 34 -7.63 12.39 5.25
C ASP A 34 -7.73 12.17 3.74
N LYS A 35 -7.76 10.94 3.30
CA LYS A 35 -7.86 10.66 1.84
C LYS A 35 -8.75 9.44 1.60
N GLY A 36 -9.40 8.96 2.61
CA GLY A 36 -10.28 7.76 2.44
C GLY A 36 -10.20 6.88 3.68
N GLN A 37 -11.09 5.94 3.81
CA GLN A 37 -11.05 5.03 5.01
C GLN A 37 -10.78 3.60 4.58
N VAL A 38 -9.80 2.96 5.18
CA VAL A 38 -9.48 1.56 4.80
C VAL A 38 -10.18 0.58 5.75
N LEU A 39 -10.76 -0.46 5.23
CA LEU A 39 -11.45 -1.45 6.10
C LEU A 39 -10.45 -2.06 7.09
N ASN A 40 -9.19 -1.99 6.80
CA ASN A 40 -8.18 -2.58 7.73
C ASN A 40 -6.79 -2.01 7.41
N ILE A 41 -5.99 -1.77 8.42
CA ILE A 41 -4.63 -1.21 8.19
C ILE A 41 -3.59 -1.99 8.98
N GLN A 42 -2.62 -2.56 8.32
CA GLN A 42 -1.57 -3.33 9.05
C GLN A 42 -0.20 -2.69 8.82
N MET A 43 0.40 -2.14 9.85
CA MET A 43 1.73 -1.51 9.69
C MET A 43 2.83 -2.57 9.60
N ARG A 44 3.73 -2.43 8.68
CA ARG A 44 4.83 -3.43 8.56
C ARG A 44 6.05 -2.98 9.37
N ARG A 45 6.41 -3.73 10.38
CA ARG A 45 7.58 -3.35 11.22
C ARG A 45 8.75 -4.29 10.94
N THR A 46 9.90 -3.98 11.46
CA THR A 46 11.10 -4.85 11.23
C THR A 46 11.78 -5.19 12.55
N LEU A 47 12.59 -6.23 12.56
CA LEU A 47 13.31 -6.60 13.80
C LEU A 47 13.89 -5.35 14.45
N HIS A 48 14.04 -5.37 15.75
CA HIS A 48 14.58 -4.17 16.46
C HIS A 48 15.87 -3.67 15.80
N LYS A 49 16.62 -4.57 15.23
CA LYS A 49 17.87 -4.15 14.54
C LYS A 49 17.58 -4.15 13.04
N ALA A 50 16.32 -4.17 12.71
CA ALA A 50 15.90 -4.20 11.29
C ALA A 50 15.12 -2.93 10.94
N PHE A 51 15.30 -2.43 9.76
CA PHE A 51 14.56 -1.19 9.36
C PHE A 51 13.54 -1.48 8.26
N LYS A 52 12.33 -0.99 8.41
CA LYS A 52 11.29 -1.23 7.36
C LYS A 52 10.56 0.08 7.04
N GLY A 53 9.54 0.39 7.79
CA GLY A 53 8.80 1.66 7.52
C GLY A 53 7.70 1.41 6.49
N SER A 54 7.20 0.21 6.40
CA SER A 54 6.14 -0.08 5.41
C SER A 54 4.80 -0.33 6.10
N ILE A 55 3.72 -0.14 5.40
CA ILE A 55 2.38 -0.35 6.02
C ILE A 55 1.38 -0.85 4.97
N PHE A 56 0.50 -1.73 5.35
CA PHE A 56 -0.50 -2.25 4.37
C PHE A 56 -1.90 -1.77 4.75
N VAL A 57 -2.62 -1.22 3.81
CA VAL A 57 -3.99 -0.71 4.12
C VAL A 57 -5.02 -1.35 3.19
N VAL A 58 -6.20 -1.64 3.69
CA VAL A 58 -7.24 -2.26 2.83
C VAL A 58 -8.38 -1.26 2.57
N PHE A 59 -8.57 -0.86 1.35
CA PHE A 59 -9.66 0.11 1.05
C PHE A 59 -11.03 -0.56 1.18
N ASP A 60 -11.99 0.13 1.71
CA ASP A 60 -13.34 -0.47 1.88
C ASP A 60 -13.95 -0.82 0.51
N SER A 61 -13.72 0.01 -0.47
CA SER A 61 -14.27 -0.29 -1.83
C SER A 61 -13.13 -0.62 -2.79
N ILE A 62 -13.30 -1.61 -3.62
CA ILE A 62 -12.21 -1.98 -4.58
C ILE A 62 -12.03 -0.84 -5.60
N GLU A 63 -13.13 -0.25 -6.02
CA GLU A 63 -13.03 0.86 -7.01
C GLU A 63 -12.25 2.04 -6.41
N SER A 64 -12.35 2.23 -5.12
CA SER A 64 -11.62 3.36 -4.49
C SER A 64 -10.10 3.13 -4.57
N ALA A 65 -9.69 1.90 -4.57
CA ALA A 65 -8.23 1.60 -4.64
C ALA A 65 -7.71 1.90 -6.06
N LYS A 66 -8.52 1.68 -7.06
CA LYS A 66 -8.07 1.94 -8.46
C LYS A 66 -7.87 3.44 -8.67
N LYS A 67 -8.80 4.24 -8.20
CA LYS A 67 -8.66 5.72 -8.39
C LYS A 67 -7.43 6.24 -7.65
N PHE A 68 -7.17 5.72 -6.49
CA PHE A 68 -5.99 6.19 -5.71
C PHE A 68 -4.70 5.89 -6.48
N VAL A 69 -4.61 4.73 -7.06
CA VAL A 69 -3.38 4.39 -7.84
C VAL A 69 -3.44 5.03 -9.23
N GLU A 70 -4.61 5.23 -9.76
CA GLU A 70 -4.73 5.85 -11.10
C GLU A 70 -4.47 7.36 -11.00
N THR A 71 -4.35 7.87 -9.81
CA THR A 71 -4.09 9.33 -9.63
C THR A 71 -2.59 9.62 -9.83
N PRO A 72 -2.33 10.76 -10.41
CA PRO A 72 -0.93 11.16 -10.66
C PRO A 72 -0.07 10.91 -9.41
N GLY A 73 1.23 10.85 -9.58
CA GLY A 73 2.12 10.60 -8.42
C GLY A 73 1.65 11.42 -7.22
N GLN A 74 1.53 10.80 -6.08
CA GLN A 74 1.08 11.54 -4.86
C GLN A 74 2.15 11.46 -3.77
N LYS A 75 2.78 12.55 -3.45
CA LYS A 75 3.84 12.51 -2.40
C LYS A 75 3.47 13.43 -1.23
N TYR A 76 3.71 12.99 -0.03
CA TYR A 76 3.37 13.84 1.16
C TYR A 76 4.60 14.64 1.57
N LYS A 77 4.44 15.92 1.82
CA LYS A 77 5.58 16.79 2.22
C LYS A 77 6.32 16.19 3.42
N GLU A 78 7.10 17.00 4.11
CA GLU A 78 7.86 16.47 5.28
C GLU A 78 8.36 15.06 4.98
N THR A 79 7.65 14.06 5.43
CA THR A 79 8.08 12.67 5.14
C THR A 79 7.63 12.32 3.71
N ASP A 80 8.51 11.80 2.90
CA ASP A 80 8.11 11.46 1.50
C ASP A 80 7.09 10.31 1.51
N LEU A 81 5.85 10.61 1.23
CA LEU A 81 4.83 9.52 1.20
C LEU A 81 4.62 9.02 -0.22
N LEU A 82 4.88 7.76 -0.46
CA LEU A 82 4.69 7.21 -1.84
C LEU A 82 3.70 6.04 -1.80
N ILE A 83 2.70 6.08 -2.64
CA ILE A 83 1.70 4.97 -2.65
C ILE A 83 2.00 3.97 -3.78
N LEU A 84 2.02 2.71 -3.48
CA LEU A 84 2.32 1.69 -4.54
C LEU A 84 1.16 0.70 -4.65
N PHE A 85 0.88 0.23 -5.83
CA PHE A 85 -0.24 -0.74 -6.00
C PHE A 85 0.26 -2.16 -5.72
N LYS A 86 -0.63 -3.04 -5.31
CA LYS A 86 -0.21 -4.44 -5.04
C LYS A 86 0.30 -5.11 -6.32
N ASP A 87 -0.40 -4.92 -7.40
CA ASP A 87 0.05 -5.55 -8.68
C ASP A 87 1.46 -5.08 -9.03
N ASP A 88 1.78 -3.85 -8.74
CA ASP A 88 3.14 -3.35 -9.06
C ASP A 88 4.16 -3.92 -8.08
N TYR A 89 3.85 -3.93 -6.81
CA TYR A 89 4.80 -4.49 -5.82
C TYR A 89 5.10 -5.95 -6.19
N PHE A 90 4.08 -6.72 -6.44
CA PHE A 90 4.30 -8.14 -6.81
C PHE A 90 5.13 -8.21 -8.11
N ALA A 91 4.95 -7.25 -8.98
CA ALA A 91 5.72 -7.26 -10.25
C ALA A 91 7.22 -7.23 -9.95
N LYS A 92 7.64 -6.33 -9.10
CA LYS A 92 9.09 -6.24 -8.75
C LYS A 92 9.48 -7.42 -7.85
N LYS A 93 8.67 -7.70 -6.86
CA LYS A 93 8.99 -8.84 -5.94
C LYS A 93 8.93 -10.17 -6.68
N ASN A 94 8.00 -10.31 -7.59
CA ASN A 94 7.89 -11.59 -8.35
C ASN A 94 9.14 -11.80 -9.20
N GLU A 95 9.76 -10.73 -9.62
CA GLU A 95 10.99 -10.86 -10.47
C GLU A 95 10.66 -11.56 -11.79
N GLU A 96 10.81 -10.87 -12.89
CA GLU A 96 10.50 -11.50 -14.21
C GLU A 96 10.78 -10.51 -15.34
N ARG A 97 11.73 -10.82 -16.18
CA ARG A 97 12.06 -9.90 -17.31
C ARG A 97 12.07 -8.46 -16.82
N LYS A 98 11.67 -7.54 -17.67
CA LYS A 98 11.65 -6.10 -17.26
C LYS A 98 10.33 -5.45 -17.68
N GLN A 99 10.23 -5.02 -18.91
CA GLN A 99 8.97 -4.38 -19.37
C GLN A 99 7.99 -5.44 -19.89
N ASN A 100 6.72 -5.19 -19.78
CA ASN A 100 5.72 -6.18 -20.26
C ASN A 100 4.30 -5.74 -19.87
N LYS A 101 3.62 -5.05 -20.75
CA LYS A 101 2.24 -4.60 -20.41
C LYS A 101 1.37 -4.61 -21.68
N VAL A 102 0.09 -4.38 -21.53
CA VAL A 102 -0.80 -4.38 -22.72
C VAL A 102 -0.84 -5.78 -23.36
N GLU A 103 0.24 -6.18 -23.96
CA GLU A 103 0.27 -7.53 -24.60
C GLU A 103 1.43 -8.36 -24.04
N GLY A 1 -23.05 -12.60 -9.76
CA GLY A 1 -23.35 -11.18 -9.48
C GLY A 1 -23.44 -10.94 -7.97
N ARG A 2 -22.67 -11.68 -7.21
CA ARG A 2 -22.72 -11.50 -5.73
C ARG A 2 -21.33 -11.72 -5.12
N TRP A 3 -21.20 -11.63 -3.83
CA TRP A 3 -19.87 -11.82 -3.19
C TRP A 3 -19.49 -13.31 -3.20
N ILE A 4 -18.59 -13.69 -4.06
CA ILE A 4 -18.19 -15.12 -4.13
C ILE A 4 -17.46 -15.52 -2.85
N LEU A 5 -17.90 -16.59 -2.22
CA LEU A 5 -17.23 -17.03 -0.96
C LEU A 5 -17.05 -15.85 -0.01
N LYS A 6 -15.93 -15.17 -0.10
CA LYS A 6 -15.70 -14.01 0.80
C LYS A 6 -15.04 -12.86 0.03
N ASN A 7 -14.93 -11.72 0.63
CA ASN A 7 -14.31 -10.56 -0.07
C ASN A 7 -12.78 -10.74 -0.14
N ASP A 8 -12.24 -10.85 -1.32
CA ASP A 8 -10.76 -11.03 -1.44
C ASP A 8 -10.04 -9.79 -0.92
N VAL A 9 -9.12 -9.95 0.00
CA VAL A 9 -8.39 -8.78 0.54
C VAL A 9 -7.40 -8.25 -0.49
N LYS A 10 -6.98 -9.08 -1.42
CA LYS A 10 -6.02 -8.61 -2.45
C LYS A 10 -6.66 -7.52 -3.29
N ASN A 11 -7.89 -7.71 -3.67
CA ASN A 11 -8.60 -6.68 -4.48
C ASN A 11 -8.79 -5.42 -3.63
N ARG A 12 -8.48 -5.49 -2.36
CA ARG A 12 -8.65 -4.29 -1.49
C ARG A 12 -7.43 -4.14 -0.56
N SER A 13 -6.25 -4.36 -1.07
CA SER A 13 -5.03 -4.23 -0.24
C SER A 13 -4.02 -3.29 -0.91
N VAL A 14 -3.45 -2.39 -0.15
CA VAL A 14 -2.46 -1.46 -0.74
C VAL A 14 -1.20 -1.40 0.14
N TYR A 15 -0.07 -1.07 -0.45
CA TYR A 15 1.18 -0.99 0.35
C TYR A 15 1.85 0.37 0.16
N ILE A 16 2.15 1.05 1.24
CA ILE A 16 2.80 2.38 1.13
C ILE A 16 4.11 2.40 1.94
N LYS A 17 5.15 2.94 1.37
CA LYS A 17 6.45 3.00 2.11
C LYS A 17 6.96 4.44 2.15
N GLY A 18 7.56 4.84 3.24
CA GLY A 18 8.08 6.23 3.32
C GLY A 18 7.52 6.92 4.57
N PHE A 19 6.47 6.37 5.14
CA PHE A 19 5.87 7.00 6.36
C PHE A 19 6.97 7.38 7.35
N PRO A 20 6.59 8.12 8.35
CA PRO A 20 7.55 8.57 9.38
C PRO A 20 8.29 7.37 9.98
N THR A 21 9.44 7.61 10.56
CA THR A 21 10.22 6.49 11.16
C THR A 21 9.33 5.66 12.10
N ASP A 22 8.24 6.22 12.55
CA ASP A 22 7.35 5.47 13.47
C ASP A 22 6.10 5.01 12.72
N ALA A 23 5.53 5.86 11.92
CA ALA A 23 4.31 5.48 11.15
C ALA A 23 3.40 4.60 12.01
N THR A 24 2.99 5.08 13.15
CA THR A 24 2.10 4.27 14.03
C THR A 24 0.68 4.26 13.46
N LEU A 25 -0.18 3.45 14.01
CA LEU A 25 -1.58 3.40 13.50
C LEU A 25 -2.20 4.80 13.53
N ASP A 26 -1.89 5.56 14.54
CA ASP A 26 -2.47 6.94 14.63
C ASP A 26 -1.84 7.83 13.56
N ASP A 27 -0.56 7.73 13.35
CA ASP A 27 0.11 8.58 12.32
C ASP A 27 -0.35 8.15 10.92
N ILE A 28 -0.49 6.87 10.71
CA ILE A 28 -0.92 6.39 9.36
C ILE A 28 -2.39 6.74 9.13
N LYS A 29 -3.21 6.57 10.12
CA LYS A 29 -4.67 6.89 9.96
C LYS A 29 -4.87 8.40 9.83
N GLU A 30 -3.95 9.18 10.34
CA GLU A 30 -4.10 10.66 10.25
C GLU A 30 -3.91 11.13 8.80
N TRP A 31 -2.88 10.67 8.16
CA TRP A 31 -2.63 11.07 6.75
C TRP A 31 -3.71 10.49 5.84
N LEU A 32 -4.07 9.25 6.04
CA LEU A 32 -5.12 8.63 5.18
C LEU A 32 -6.48 9.24 5.52
N GLU A 33 -6.73 9.53 6.77
CA GLU A 33 -8.04 10.13 7.15
C GLU A 33 -8.30 11.39 6.33
N ASP A 34 -7.28 12.12 6.01
CA ASP A 34 -7.46 13.36 5.20
C ASP A 34 -7.46 13.03 3.71
N LYS A 35 -7.55 11.77 3.37
CA LYS A 35 -7.55 11.38 1.93
C LYS A 35 -7.51 9.86 1.80
N GLY A 36 -8.62 9.24 1.51
CA GLY A 36 -8.64 7.76 1.37
C GLY A 36 -8.93 7.11 2.72
N GLN A 37 -10.08 6.50 2.86
CA GLN A 37 -10.43 5.86 4.15
C GLN A 37 -9.82 4.46 4.23
N VAL A 38 -9.22 4.12 5.33
CA VAL A 38 -8.60 2.77 5.46
C VAL A 38 -9.39 1.92 6.46
N LEU A 39 -9.79 0.74 6.07
CA LEU A 39 -10.56 -0.13 7.02
C LEU A 39 -9.60 -1.09 7.72
N ASN A 40 -8.53 -1.46 7.09
CA ASN A 40 -7.56 -2.39 7.74
C ASN A 40 -6.13 -1.94 7.47
N ILE A 41 -5.28 -1.99 8.48
CA ILE A 41 -3.87 -1.55 8.28
C ILE A 41 -2.91 -2.60 8.87
N GLN A 42 -2.00 -3.10 8.09
CA GLN A 42 -1.04 -4.12 8.60
C GLN A 42 0.36 -3.52 8.67
N MET A 43 0.89 -3.34 9.86
CA MET A 43 2.25 -2.75 10.00
C MET A 43 3.31 -3.72 9.46
N ARG A 44 4.09 -3.27 8.52
CA ARG A 44 5.15 -4.16 7.94
C ARG A 44 6.50 -3.85 8.59
N ARG A 45 7.17 -4.84 9.12
CA ARG A 45 8.48 -4.60 9.77
C ARG A 45 9.62 -5.16 8.91
N THR A 46 10.76 -4.54 8.99
CA THR A 46 11.92 -5.00 8.18
C THR A 46 12.92 -5.78 9.05
N LEU A 47 13.79 -6.53 8.43
CA LEU A 47 14.78 -7.32 9.21
C LEU A 47 15.39 -6.49 10.34
N HIS A 48 15.79 -7.14 11.40
CA HIS A 48 16.38 -6.40 12.56
C HIS A 48 17.52 -5.49 12.10
N LYS A 49 18.22 -5.88 11.08
CA LYS A 49 19.31 -5.02 10.55
C LYS A 49 18.70 -4.16 9.44
N ALA A 50 17.41 -4.19 9.38
CA ALA A 50 16.67 -3.43 8.34
C ALA A 50 15.80 -2.36 9.01
N PHE A 51 15.35 -1.38 8.28
CA PHE A 51 14.52 -0.30 8.89
C PHE A 51 13.04 -0.50 8.56
N LYS A 52 12.19 -0.52 9.57
CA LYS A 52 10.73 -0.69 9.33
C LYS A 52 10.14 0.58 8.70
N GLY A 53 8.87 0.82 8.91
CA GLY A 53 8.25 2.04 8.33
C GLY A 53 7.31 1.65 7.18
N SER A 54 6.89 0.41 7.15
CA SER A 54 5.97 -0.02 6.05
C SER A 54 4.57 -0.30 6.61
N ILE A 55 3.55 0.00 5.86
CA ILE A 55 2.16 -0.26 6.36
C ILE A 55 1.24 -0.63 5.20
N PHE A 56 0.47 -1.68 5.36
CA PHE A 56 -0.46 -2.08 4.27
C PHE A 56 -1.83 -1.46 4.52
N VAL A 57 -2.39 -0.83 3.52
CA VAL A 57 -3.73 -0.19 3.71
C VAL A 57 -4.78 -0.87 2.84
N VAL A 58 -5.91 -1.19 3.40
CA VAL A 58 -6.98 -1.85 2.61
C VAL A 58 -8.22 -0.95 2.54
N PHE A 59 -8.57 -0.50 1.37
CA PHE A 59 -9.76 0.39 1.23
C PHE A 59 -11.05 -0.41 1.39
N ASP A 60 -12.14 0.25 1.68
CA ASP A 60 -13.43 -0.48 1.86
C ASP A 60 -14.00 -0.88 0.50
N SER A 61 -13.72 -0.12 -0.52
CA SER A 61 -14.24 -0.48 -1.88
C SER A 61 -13.10 -0.91 -2.79
N ILE A 62 -13.26 -2.00 -3.49
CA ILE A 62 -12.17 -2.48 -4.39
C ILE A 62 -11.99 -1.50 -5.55
N GLU A 63 -13.06 -1.02 -6.11
CA GLU A 63 -12.94 -0.05 -7.24
C GLU A 63 -12.31 1.26 -6.77
N SER A 64 -12.66 1.72 -5.60
CA SER A 64 -12.07 2.99 -5.09
C SER A 64 -10.54 2.87 -5.00
N ALA A 65 -10.04 1.69 -4.75
CA ALA A 65 -8.56 1.52 -4.66
C ALA A 65 -7.93 1.63 -6.05
N LYS A 66 -8.62 1.17 -7.06
CA LYS A 66 -8.06 1.24 -8.44
C LYS A 66 -7.96 2.70 -8.90
N LYS A 67 -8.92 3.51 -8.57
CA LYS A 67 -8.89 4.93 -9.00
C LYS A 67 -7.84 5.70 -8.19
N PHE A 68 -7.78 5.46 -6.91
CA PHE A 68 -6.79 6.17 -6.06
C PHE A 68 -5.37 5.84 -6.53
N VAL A 69 -5.14 4.63 -6.95
CA VAL A 69 -3.78 4.25 -7.43
C VAL A 69 -3.53 4.81 -8.83
N GLU A 70 -4.58 4.98 -9.61
CA GLU A 70 -4.40 5.52 -10.99
C GLU A 70 -4.14 7.03 -10.93
N THR A 71 -4.03 7.57 -9.75
CA THR A 71 -3.78 9.03 -9.62
C THR A 71 -2.29 9.32 -9.83
N PRO A 72 -2.01 10.44 -10.44
CA PRO A 72 -0.61 10.83 -10.71
C PRO A 72 0.25 10.61 -9.46
N GLY A 73 1.54 10.53 -9.63
CA GLY A 73 2.44 10.32 -8.46
C GLY A 73 1.97 11.18 -7.28
N GLN A 74 1.73 10.58 -6.15
CA GLN A 74 1.28 11.35 -4.97
C GLN A 74 2.34 11.29 -3.87
N LYS A 75 2.97 12.39 -3.57
CA LYS A 75 4.02 12.39 -2.51
C LYS A 75 3.62 13.30 -1.36
N TYR A 76 3.86 12.86 -0.15
CA TYR A 76 3.49 13.71 1.02
C TYR A 76 4.71 14.52 1.48
N LYS A 77 4.53 15.81 1.68
CA LYS A 77 5.66 16.68 2.12
C LYS A 77 6.35 16.10 3.36
N GLU A 78 7.12 16.91 4.05
CA GLU A 78 7.82 16.40 5.27
C GLU A 78 8.33 14.98 5.00
N THR A 79 7.64 14.00 5.48
CA THR A 79 8.07 12.59 5.21
C THR A 79 7.66 12.21 3.79
N ASP A 80 8.58 11.76 2.98
CA ASP A 80 8.21 11.39 1.59
C ASP A 80 7.21 10.24 1.58
N LEU A 81 5.99 10.50 1.19
CA LEU A 81 4.98 9.40 1.15
C LEU A 81 4.82 8.89 -0.28
N LEU A 82 5.03 7.62 -0.48
CA LEU A 82 4.88 7.04 -1.85
C LEU A 82 3.82 5.92 -1.84
N ILE A 83 2.91 5.96 -2.77
CA ILE A 83 1.84 4.91 -2.80
C ILE A 83 2.05 4.00 -4.02
N LEU A 84 2.07 2.70 -3.80
CA LEU A 84 2.25 1.75 -4.93
C LEU A 84 1.07 0.78 -4.99
N PHE A 85 0.76 0.26 -6.14
CA PHE A 85 -0.39 -0.68 -6.26
C PHE A 85 0.09 -2.12 -5.99
N LYS A 86 -0.82 -3.05 -5.85
CA LYS A 86 -0.42 -4.46 -5.60
C LYS A 86 0.08 -5.10 -6.89
N ASP A 87 -0.56 -4.82 -7.99
CA ASP A 87 -0.12 -5.42 -9.28
C ASP A 87 1.33 -5.02 -9.57
N ASP A 88 1.66 -3.79 -9.33
CA ASP A 88 3.06 -3.33 -9.59
C ASP A 88 4.00 -3.89 -8.51
N TYR A 89 3.60 -3.83 -7.27
CA TYR A 89 4.49 -4.38 -6.20
C TYR A 89 4.76 -5.85 -6.49
N PHE A 90 3.74 -6.60 -6.77
CA PHE A 90 3.93 -8.04 -7.09
C PHE A 90 4.75 -8.17 -8.37
N ALA A 91 4.59 -7.25 -9.28
CA ALA A 91 5.37 -7.30 -10.55
C ALA A 91 6.82 -6.90 -10.30
N LYS A 92 7.03 -5.80 -9.64
CA LYS A 92 8.42 -5.35 -9.36
C LYS A 92 9.06 -6.23 -8.27
N LYS A 93 8.26 -6.81 -7.41
CA LYS A 93 8.82 -7.65 -6.31
C LYS A 93 9.19 -9.05 -6.82
N ASN A 94 8.29 -9.71 -7.47
CA ASN A 94 8.62 -11.09 -7.97
C ASN A 94 9.74 -11.04 -9.00
N GLU A 95 9.63 -10.19 -9.98
CA GLU A 95 10.69 -10.10 -11.02
C GLU A 95 10.21 -9.26 -12.21
N GLU A 96 10.78 -9.47 -13.36
CA GLU A 96 10.35 -8.68 -14.56
C GLU A 96 10.65 -7.20 -14.36
N ARG A 97 9.93 -6.56 -13.47
CA ARG A 97 10.17 -5.11 -13.23
C ARG A 97 9.79 -4.28 -14.47
N LYS A 98 8.58 -3.80 -14.53
CA LYS A 98 8.15 -2.98 -15.71
C LYS A 98 7.97 -3.89 -16.94
N GLN A 99 8.96 -4.68 -17.25
CA GLN A 99 8.83 -5.57 -18.44
C GLN A 99 7.74 -6.63 -18.20
N ASN A 100 6.85 -6.78 -19.13
CA ASN A 100 5.76 -7.79 -18.95
C ASN A 100 4.83 -7.78 -20.16
N LYS A 101 3.94 -6.83 -20.22
CA LYS A 101 3.00 -6.76 -21.38
C LYS A 101 1.98 -7.91 -21.30
N VAL A 102 0.71 -7.60 -21.30
CA VAL A 102 -0.32 -8.67 -21.23
C VAL A 102 -1.45 -8.38 -22.20
N GLU A 103 -2.25 -9.37 -22.52
CA GLU A 103 -3.39 -9.13 -23.46
C GLU A 103 -4.56 -10.05 -23.11
#